data_1WIV
#
_entry.id   1WIV
#
_entity_poly.entity_id   1
_entity_poly.type   'polypeptide(L)'
_entity_poly.pdbx_seq_one_letter_code
;GSSGSSGLLSHMDDPDIDAPISHQTSDIDQSSVDTLLSFGFAEDVARKALKASGGDIEKATDWVFNNSGPSSG
;
_entity_poly.pdbx_strand_id   A
#
# COMPACT_ATOMS: atom_id res chain seq x y z
N GLY A 1 -1.42 -14.47 -6.05
CA GLY A 1 -2.84 -14.32 -6.32
C GLY A 1 -3.62 -15.53 -5.84
N SER A 2 -4.02 -15.49 -4.58
CA SER A 2 -4.77 -16.58 -3.99
C SER A 2 -5.13 -16.24 -2.54
N SER A 3 -6.07 -17.00 -2.00
CA SER A 3 -6.52 -16.80 -0.63
C SER A 3 -7.63 -17.78 -0.29
N GLY A 4 -7.96 -17.83 0.99
CA GLY A 4 -8.99 -18.74 1.46
C GLY A 4 -9.42 -18.38 2.90
N SER A 5 -10.32 -19.19 3.43
CA SER A 5 -10.81 -18.97 4.78
C SER A 5 -11.89 -20.02 5.12
N SER A 6 -11.94 -20.36 6.40
CA SER A 6 -12.91 -21.34 6.86
C SER A 6 -12.75 -21.55 8.37
N GLY A 7 -13.83 -21.99 9.00
CA GLY A 7 -13.83 -22.24 10.42
C GLY A 7 -14.76 -21.27 11.15
N LEU A 8 -15.50 -21.81 12.11
CA LEU A 8 -16.44 -21.00 12.88
C LEU A 8 -16.66 -21.66 14.24
N LEU A 9 -16.56 -20.84 15.28
CA LEU A 9 -16.75 -21.33 16.63
C LEU A 9 -16.57 -20.16 17.62
N SER A 10 -17.59 -19.32 17.67
CA SER A 10 -17.57 -18.16 18.55
C SER A 10 -16.17 -17.52 18.54
N HIS A 11 -15.96 -16.67 17.56
CA HIS A 11 -14.68 -15.99 17.41
C HIS A 11 -14.92 -14.49 17.25
N MET A 12 -15.04 -13.82 18.40
CA MET A 12 -15.26 -12.39 18.40
C MET A 12 -14.38 -11.70 19.44
N ASP A 13 -13.21 -11.28 18.99
CA ASP A 13 -12.27 -10.60 19.87
C ASP A 13 -10.91 -10.49 19.17
N ASP A 14 -10.34 -11.64 18.86
CA ASP A 14 -9.06 -11.69 18.19
C ASP A 14 -8.88 -13.05 17.52
N PRO A 15 -8.08 -13.06 16.43
CA PRO A 15 -7.81 -14.28 15.70
C PRO A 15 -6.84 -15.18 16.46
N ASP A 16 -6.22 -14.61 17.48
CA ASP A 16 -5.26 -15.34 18.29
C ASP A 16 -5.29 -14.79 19.72
N ILE A 17 -6.06 -15.47 20.56
CA ILE A 17 -6.19 -15.06 21.95
C ILE A 17 -5.19 -15.85 22.80
N ASP A 18 -3.92 -15.68 22.47
CA ASP A 18 -2.86 -16.37 23.19
C ASP A 18 -1.51 -16.06 22.52
N ALA A 19 -1.18 -14.79 22.50
CA ALA A 19 0.07 -14.35 21.89
C ALA A 19 0.34 -12.90 22.28
N PRO A 20 1.05 -12.73 23.42
CA PRO A 20 1.39 -11.40 23.91
C PRO A 20 2.50 -10.77 23.08
N ILE A 21 2.28 -10.75 21.78
CA ILE A 21 3.26 -10.17 20.86
C ILE A 21 2.53 -9.42 19.74
N SER A 22 2.78 -8.12 19.70
CA SER A 22 2.15 -7.28 18.69
C SER A 22 2.11 -8.02 17.35
N HIS A 23 0.95 -7.94 16.72
CA HIS A 23 0.76 -8.59 15.43
C HIS A 23 1.98 -8.35 14.54
N GLN A 24 2.39 -9.40 13.85
CA GLN A 24 3.53 -9.31 12.97
C GLN A 24 3.15 -8.61 11.66
N THR A 25 4.16 -8.14 10.95
CA THR A 25 3.94 -7.46 9.69
C THR A 25 3.15 -6.17 9.91
N SER A 26 3.50 -5.16 9.14
CA SER A 26 2.83 -3.87 9.24
C SER A 26 1.33 -4.05 9.02
N ASP A 27 0.61 -2.95 9.21
CA ASP A 27 -0.84 -2.97 9.04
C ASP A 27 -1.17 -3.48 7.64
N ILE A 28 -0.18 -3.40 6.77
CA ILE A 28 -0.36 -3.85 5.39
C ILE A 28 -0.61 -5.36 5.39
N ASP A 29 -1.87 -5.73 5.23
CA ASP A 29 -2.24 -7.13 5.21
C ASP A 29 -1.54 -7.83 4.05
N GLN A 30 -1.05 -9.02 4.32
CA GLN A 30 -0.35 -9.80 3.31
C GLN A 30 -1.30 -10.17 2.18
N SER A 31 -2.53 -10.52 2.56
CA SER A 31 -3.54 -10.91 1.60
C SER A 31 -3.81 -9.75 0.63
N SER A 32 -3.73 -8.54 1.17
CA SER A 32 -3.95 -7.35 0.36
C SER A 32 -2.89 -7.25 -0.73
N VAL A 33 -1.64 -7.28 -0.29
CA VAL A 33 -0.52 -7.18 -1.22
C VAL A 33 -0.76 -8.13 -2.40
N ASP A 34 -1.41 -9.24 -2.10
CA ASP A 34 -1.71 -10.24 -3.12
C ASP A 34 -2.88 -9.74 -3.97
N THR A 35 -3.85 -9.14 -3.30
CA THR A 35 -5.03 -8.62 -3.97
C THR A 35 -4.62 -7.73 -5.14
N LEU A 36 -3.44 -7.14 -5.01
CA LEU A 36 -2.92 -6.26 -6.05
C LEU A 36 -2.03 -7.06 -6.99
N LEU A 37 -1.51 -8.16 -6.46
CA LEU A 37 -0.64 -9.03 -7.25
C LEU A 37 -1.41 -9.55 -8.46
N SER A 38 -2.67 -9.89 -8.23
CA SER A 38 -3.52 -10.41 -9.28
C SER A 38 -3.90 -9.28 -10.24
N PHE A 39 -4.28 -8.15 -9.67
CA PHE A 39 -4.67 -7.00 -10.46
C PHE A 39 -3.67 -6.76 -11.60
N GLY A 40 -2.41 -6.67 -11.22
CA GLY A 40 -1.35 -6.43 -12.18
C GLY A 40 -0.34 -5.42 -11.66
N PHE A 41 0.30 -5.79 -10.55
CA PHE A 41 1.29 -4.91 -9.94
C PHE A 41 2.36 -5.74 -9.20
N ALA A 42 3.51 -5.11 -9.01
CA ALA A 42 4.61 -5.78 -8.34
C ALA A 42 4.33 -5.81 -6.83
N GLU A 43 4.55 -6.97 -6.24
CA GLU A 43 4.33 -7.15 -4.81
C GLU A 43 4.91 -5.97 -4.04
N ASP A 44 6.03 -5.46 -4.55
CA ASP A 44 6.69 -4.34 -3.91
C ASP A 44 5.77 -3.12 -3.92
N VAL A 45 5.30 -2.79 -5.12
CA VAL A 45 4.40 -1.65 -5.28
C VAL A 45 3.09 -1.93 -4.54
N ALA A 46 2.72 -3.20 -4.53
CA ALA A 46 1.49 -3.62 -3.87
C ALA A 46 1.55 -3.21 -2.40
N ARG A 47 2.76 -3.27 -1.85
CA ARG A 47 2.96 -2.91 -0.46
C ARG A 47 3.14 -1.39 -0.32
N LYS A 48 3.75 -0.81 -1.34
CA LYS A 48 3.98 0.63 -1.35
C LYS A 48 2.64 1.37 -1.41
N ALA A 49 1.77 0.86 -2.27
CA ALA A 49 0.46 1.46 -2.44
C ALA A 49 -0.36 1.24 -1.16
N LEU A 50 -0.24 0.04 -0.62
CA LEU A 50 -0.97 -0.31 0.59
C LEU A 50 -0.28 0.33 1.78
N LYS A 51 0.92 0.86 1.54
CA LYS A 51 1.68 1.50 2.58
C LYS A 51 1.18 2.94 2.77
N ALA A 52 0.93 3.60 1.66
CA ALA A 52 0.45 4.96 1.69
C ALA A 52 -1.07 4.96 1.86
N SER A 53 -1.70 4.01 1.19
CA SER A 53 -3.15 3.88 1.25
C SER A 53 -3.56 3.31 2.60
N GLY A 54 -2.99 2.17 2.92
CA GLY A 54 -3.28 1.50 4.18
C GLY A 54 -4.39 0.46 4.00
N GLY A 55 -4.01 -0.65 3.36
CA GLY A 55 -4.95 -1.73 3.12
C GLY A 55 -5.89 -1.39 1.97
N ASP A 56 -6.55 -0.23 2.09
CA ASP A 56 -7.46 0.22 1.06
C ASP A 56 -6.88 -0.09 -0.32
N ILE A 57 -7.51 -1.03 -1.00
CA ILE A 57 -7.06 -1.43 -2.33
C ILE A 57 -7.37 -0.30 -3.32
N GLU A 58 -8.63 0.09 -3.36
CA GLU A 58 -9.07 1.15 -4.25
C GLU A 58 -8.08 2.32 -4.22
N LYS A 59 -7.54 2.55 -3.03
CA LYS A 59 -6.59 3.63 -2.84
C LYS A 59 -5.21 3.17 -3.33
N ALA A 60 -4.90 1.92 -3.05
CA ALA A 60 -3.63 1.35 -3.46
C ALA A 60 -3.56 1.31 -4.98
N THR A 61 -4.64 0.84 -5.58
CA THR A 61 -4.71 0.74 -7.03
C THR A 61 -4.47 2.11 -7.67
N ASP A 62 -4.87 3.15 -6.95
CA ASP A 62 -4.69 4.51 -7.43
C ASP A 62 -3.27 4.97 -7.13
N TRP A 63 -2.85 4.74 -5.89
CA TRP A 63 -1.52 5.13 -5.47
C TRP A 63 -0.53 4.74 -6.57
N VAL A 64 -0.67 3.51 -7.04
CA VAL A 64 0.19 3.00 -8.09
C VAL A 64 0.26 4.02 -9.22
N PHE A 65 -0.92 4.47 -9.65
CA PHE A 65 -1.01 5.45 -10.72
C PHE A 65 -0.59 6.84 -10.22
N ASN A 66 -1.25 7.27 -9.16
CA ASN A 66 -0.96 8.58 -8.59
C ASN A 66 0.54 8.82 -8.61
N ASN A 67 1.28 7.87 -8.05
CA ASN A 67 2.73 7.97 -8.00
C ASN A 67 3.33 6.58 -8.22
N SER A 68 4.50 6.57 -8.86
CA SER A 68 5.19 5.33 -9.14
C SER A 68 6.37 5.59 -10.07
N GLY A 69 7.32 4.66 -10.04
CA GLY A 69 8.51 4.77 -10.87
C GLY A 69 8.75 3.49 -11.66
N PRO A 70 9.52 3.64 -12.77
CA PRO A 70 9.84 2.50 -13.62
C PRO A 70 10.90 1.61 -12.97
N SER A 71 10.72 0.31 -13.14
CA SER A 71 11.64 -0.66 -12.57
C SER A 71 11.84 -0.39 -11.08
N SER A 72 12.59 -1.27 -10.44
CA SER A 72 12.85 -1.14 -9.02
C SER A 72 14.18 -1.82 -8.67
N GLY A 73 15.25 -1.05 -8.81
CA GLY A 73 16.59 -1.55 -8.51
C GLY A 73 17.06 -1.08 -7.14
N GLY A 1 9.17 15.14 0.92
CA GLY A 1 9.41 14.19 -0.15
C GLY A 1 10.16 14.85 -1.31
N SER A 2 11.32 14.29 -1.61
CA SER A 2 12.15 14.82 -2.70
C SER A 2 13.34 13.90 -2.93
N SER A 3 14.14 13.73 -1.88
CA SER A 3 15.31 12.88 -1.96
C SER A 3 15.05 11.55 -1.26
N GLY A 4 15.94 10.59 -1.51
CA GLY A 4 15.81 9.28 -0.92
C GLY A 4 15.49 8.22 -1.98
N SER A 5 16.26 7.14 -1.95
CA SER A 5 16.08 6.06 -2.90
C SER A 5 15.32 4.91 -2.23
N SER A 6 14.73 4.07 -3.07
CA SER A 6 13.98 2.92 -2.58
C SER A 6 14.79 2.20 -1.49
N GLY A 7 14.19 2.12 -0.32
CA GLY A 7 14.83 1.46 0.81
C GLY A 7 14.53 -0.05 0.81
N LEU A 8 14.22 -0.55 1.99
CA LEU A 8 13.92 -1.97 2.14
C LEU A 8 13.46 -2.23 3.57
N LEU A 9 12.40 -3.02 3.69
CA LEU A 9 11.86 -3.37 5.00
C LEU A 9 11.35 -4.80 4.97
N SER A 10 11.48 -5.46 6.11
CA SER A 10 11.03 -6.84 6.24
C SER A 10 11.82 -7.73 5.26
N HIS A 11 12.49 -8.72 5.84
CA HIS A 11 13.29 -9.64 5.05
C HIS A 11 13.08 -11.07 5.56
N MET A 12 13.66 -12.01 4.84
CA MET A 12 13.55 -13.42 5.22
C MET A 12 12.09 -13.88 5.13
N ASP A 13 11.93 -15.16 4.80
CA ASP A 13 10.61 -15.74 4.68
C ASP A 13 10.25 -16.46 5.98
N ASP A 14 11.13 -17.36 6.37
CA ASP A 14 10.93 -18.13 7.60
C ASP A 14 9.72 -19.04 7.42
N PRO A 15 9.91 -20.34 7.80
CA PRO A 15 8.85 -21.32 7.69
C PRO A 15 7.80 -21.11 8.79
N ASP A 16 8.17 -20.31 9.77
CA ASP A 16 7.27 -20.03 10.89
C ASP A 16 7.86 -18.89 11.74
N ILE A 17 8.08 -17.76 11.08
CA ILE A 17 8.64 -16.60 11.76
C ILE A 17 10.01 -16.96 12.32
N ASP A 18 11.02 -16.28 11.81
CA ASP A 18 12.39 -16.52 12.26
C ASP A 18 12.92 -15.26 12.95
N ALA A 19 12.44 -15.06 14.17
CA ALA A 19 12.85 -13.90 14.95
C ALA A 19 12.83 -14.25 16.43
N PRO A 20 13.64 -13.50 17.22
CA PRO A 20 13.72 -13.72 18.66
C PRO A 20 12.47 -13.18 19.36
N ILE A 21 11.32 -13.61 18.88
CA ILE A 21 10.05 -13.18 19.45
C ILE A 21 9.91 -11.67 19.28
N SER A 22 8.72 -11.26 18.86
CA SER A 22 8.44 -9.86 18.63
C SER A 22 9.33 -9.31 17.52
N HIS A 23 8.79 -8.34 16.81
CA HIS A 23 9.53 -7.72 15.71
C HIS A 23 8.62 -6.76 14.95
N GLN A 24 9.22 -5.68 14.48
CA GLN A 24 8.47 -4.68 13.73
C GLN A 24 7.60 -5.35 12.67
N THR A 25 6.30 -5.26 12.88
CA THR A 25 5.34 -5.85 11.95
C THR A 25 4.69 -4.75 11.10
N SER A 26 4.36 -5.12 9.87
CA SER A 26 3.74 -4.19 8.95
C SER A 26 2.22 -4.39 8.96
N ASP A 27 1.51 -3.27 8.94
CA ASP A 27 0.05 -3.31 8.95
C ASP A 27 -0.45 -3.77 7.58
N ILE A 28 0.42 -3.64 6.59
CA ILE A 28 0.08 -4.03 5.24
C ILE A 28 -0.30 -5.53 5.22
N ASP A 29 -1.59 -5.77 5.14
CA ASP A 29 -2.09 -7.14 5.12
C ASP A 29 -1.47 -7.89 3.94
N GLN A 30 -1.05 -9.12 4.21
CA GLN A 30 -0.44 -9.95 3.19
C GLN A 30 -1.45 -10.26 2.08
N SER A 31 -2.70 -10.41 2.51
CA SER A 31 -3.77 -10.72 1.57
C SER A 31 -3.95 -9.56 0.60
N SER A 32 -3.77 -8.35 1.11
CA SER A 32 -3.91 -7.16 0.29
C SER A 32 -2.80 -7.11 -0.76
N VAL A 33 -1.57 -7.20 -0.29
CA VAL A 33 -0.42 -7.17 -1.17
C VAL A 33 -0.67 -8.08 -2.37
N ASP A 34 -1.34 -9.18 -2.09
CA ASP A 34 -1.66 -10.16 -3.13
C ASP A 34 -2.84 -9.63 -3.95
N THR A 35 -3.81 -9.08 -3.25
CA THR A 35 -5.00 -8.56 -3.91
C THR A 35 -4.59 -7.65 -5.08
N LEU A 36 -3.41 -7.08 -4.97
CA LEU A 36 -2.90 -6.20 -6.01
C LEU A 36 -2.04 -7.01 -6.98
N LEU A 37 -1.48 -8.10 -6.46
CA LEU A 37 -0.64 -8.96 -7.26
C LEU A 37 -1.43 -9.46 -8.47
N SER A 38 -2.65 -9.91 -8.20
CA SER A 38 -3.51 -10.42 -9.24
C SER A 38 -3.90 -9.29 -10.19
N PHE A 39 -4.32 -8.18 -9.60
CA PHE A 39 -4.72 -7.03 -10.39
C PHE A 39 -3.74 -6.76 -11.53
N GLY A 40 -2.47 -6.62 -11.15
CA GLY A 40 -1.43 -6.37 -12.13
C GLY A 40 -0.41 -5.36 -11.59
N PHE A 41 0.23 -5.73 -10.51
CA PHE A 41 1.22 -4.86 -9.88
C PHE A 41 2.30 -5.70 -9.18
N ALA A 42 3.48 -5.09 -9.06
CA ALA A 42 4.59 -5.76 -8.41
C ALA A 42 4.30 -5.90 -6.92
N GLU A 43 4.84 -6.96 -6.33
CA GLU A 43 4.65 -7.23 -4.93
C GLU A 43 5.15 -6.05 -4.09
N ASP A 44 6.17 -5.39 -4.62
CA ASP A 44 6.76 -4.24 -3.93
C ASP A 44 5.78 -3.08 -3.97
N VAL A 45 5.35 -2.75 -5.18
CA VAL A 45 4.41 -1.65 -5.36
C VAL A 45 3.13 -1.94 -4.58
N ALA A 46 2.78 -3.22 -4.55
CA ALA A 46 1.59 -3.64 -3.84
C ALA A 46 1.70 -3.25 -2.36
N ARG A 47 2.91 -3.34 -1.85
CA ARG A 47 3.17 -2.98 -0.47
C ARG A 47 3.35 -1.47 -0.32
N LYS A 48 3.76 -0.84 -1.41
CA LYS A 48 3.96 0.59 -1.42
C LYS A 48 2.61 1.30 -1.49
N ALA A 49 1.73 0.74 -2.32
CA ALA A 49 0.41 1.31 -2.49
C ALA A 49 -0.40 1.12 -1.20
N LEU A 50 -0.19 -0.03 -0.58
CA LEU A 50 -0.87 -0.34 0.66
C LEU A 50 -0.12 0.29 1.84
N LYS A 51 0.99 0.94 1.51
CA LYS A 51 1.81 1.59 2.52
C LYS A 51 1.28 3.00 2.77
N ALA A 52 0.80 3.62 1.70
CA ALA A 52 0.26 4.97 1.79
C ALA A 52 -1.27 4.90 1.92
N SER A 53 -1.85 3.97 1.17
CA SER A 53 -3.29 3.78 1.20
C SER A 53 -3.73 3.20 2.54
N GLY A 54 -3.04 2.15 2.93
CA GLY A 54 -3.34 1.49 4.20
C GLY A 54 -4.49 0.50 4.03
N GLY A 55 -4.14 -0.71 3.62
CA GLY A 55 -5.13 -1.76 3.43
C GLY A 55 -6.01 -1.46 2.22
N ASP A 56 -6.68 -0.32 2.27
CA ASP A 56 -7.55 0.09 1.18
C ASP A 56 -6.88 -0.23 -0.15
N ILE A 57 -7.57 -1.01 -0.95
CA ILE A 57 -7.06 -1.40 -2.26
C ILE A 57 -7.39 -0.30 -3.27
N GLU A 58 -8.66 0.05 -3.32
CA GLU A 58 -9.13 1.08 -4.24
C GLU A 58 -8.12 2.23 -4.30
N LYS A 59 -7.61 2.58 -3.12
CA LYS A 59 -6.65 3.66 -3.01
C LYS A 59 -5.28 3.17 -3.49
N ALA A 60 -4.95 1.95 -3.07
CA ALA A 60 -3.67 1.35 -3.45
C ALA A 60 -3.57 1.30 -4.97
N THR A 61 -4.67 0.92 -5.59
CA THR A 61 -4.71 0.83 -7.04
C THR A 61 -4.45 2.19 -7.68
N ASP A 62 -4.90 3.22 -6.98
CA ASP A 62 -4.71 4.58 -7.46
C ASP A 62 -3.27 5.03 -7.18
N TRP A 63 -2.83 4.74 -5.97
CA TRP A 63 -1.48 5.10 -5.56
C TRP A 63 -0.52 4.66 -6.66
N VAL A 64 -0.69 3.41 -7.08
CA VAL A 64 0.15 2.85 -8.12
C VAL A 64 0.27 3.85 -9.27
N PHE A 65 -0.87 4.43 -9.62
CA PHE A 65 -0.91 5.40 -10.71
C PHE A 65 -0.46 6.78 -10.22
N ASN A 66 -1.15 7.27 -9.20
CA ASN A 66 -0.83 8.57 -8.64
C ASN A 66 0.69 8.72 -8.55
N ASN A 67 1.32 7.73 -7.96
CA ASN A 67 2.76 7.74 -7.81
C ASN A 67 3.41 7.39 -9.15
N SER A 68 4.27 8.29 -9.61
CA SER A 68 4.97 8.09 -10.86
C SER A 68 6.33 8.80 -10.84
N GLY A 69 7.36 8.02 -11.12
CA GLY A 69 8.72 8.56 -11.13
C GLY A 69 8.86 9.67 -12.18
N PRO A 70 10.08 9.75 -12.77
CA PRO A 70 10.35 10.75 -13.79
C PRO A 70 9.67 10.40 -15.11
N SER A 71 9.71 9.11 -15.44
CA SER A 71 9.10 8.63 -16.67
C SER A 71 7.64 8.28 -16.42
N SER A 72 6.80 9.30 -16.41
CA SER A 72 5.38 9.12 -16.19
C SER A 72 4.89 7.88 -16.94
N GLY A 73 5.04 7.95 -18.26
CA GLY A 73 4.62 6.85 -19.12
C GLY A 73 4.95 7.14 -20.59
N GLY A 1 2.21 14.87 7.82
CA GLY A 1 3.25 14.19 7.06
C GLY A 1 3.09 12.67 7.15
N SER A 2 4.22 11.99 7.19
CA SER A 2 4.22 10.54 7.27
C SER A 2 5.43 10.05 8.10
N SER A 3 6.61 10.43 7.63
CA SER A 3 7.84 10.04 8.31
C SER A 3 7.86 8.53 8.51
N GLY A 4 8.53 7.86 7.57
CA GLY A 4 8.65 6.40 7.63
C GLY A 4 9.69 5.89 6.63
N SER A 5 10.91 5.71 7.13
CA SER A 5 11.99 5.23 6.30
C SER A 5 12.67 4.03 6.96
N SER A 6 12.14 2.86 6.67
CA SER A 6 12.68 1.63 7.24
C SER A 6 12.20 0.42 6.43
N GLY A 7 13.04 -0.59 6.37
CA GLY A 7 12.72 -1.81 5.63
C GLY A 7 13.97 -2.64 5.37
N LEU A 8 13.97 -3.85 5.92
CA LEU A 8 15.10 -4.75 5.76
C LEU A 8 14.79 -6.07 6.45
N LEU A 9 15.48 -7.11 6.02
CA LEU A 9 15.29 -8.43 6.59
C LEU A 9 13.90 -8.95 6.21
N SER A 10 13.89 -10.15 5.64
CA SER A 10 12.64 -10.77 5.22
C SER A 10 11.83 -11.16 6.44
N HIS A 11 10.54 -10.86 6.39
CA HIS A 11 9.64 -11.17 7.48
C HIS A 11 8.47 -12.01 6.95
N MET A 12 8.48 -13.28 7.33
CA MET A 12 7.43 -14.20 6.91
C MET A 12 6.73 -14.82 8.12
N ASP A 13 5.51 -15.28 7.89
CA ASP A 13 4.73 -15.91 8.94
C ASP A 13 5.56 -17.02 9.58
N ASP A 14 5.44 -17.11 10.91
CA ASP A 14 6.17 -18.12 11.65
C ASP A 14 5.29 -19.36 11.82
N PRO A 15 5.95 -20.54 11.77
CA PRO A 15 5.24 -21.80 11.91
C PRO A 15 4.85 -22.04 13.38
N ASP A 16 5.29 -21.13 14.24
CA ASP A 16 5.00 -21.24 15.65
C ASP A 16 4.60 -19.86 16.19
N ILE A 17 3.30 -19.61 16.17
CA ILE A 17 2.78 -18.34 16.64
C ILE A 17 1.85 -18.59 17.84
N ASP A 18 0.74 -17.87 17.85
CA ASP A 18 -0.24 -18.00 18.91
C ASP A 18 0.47 -17.97 20.26
N ALA A 19 0.65 -16.77 20.78
CA ALA A 19 1.33 -16.59 22.06
C ALA A 19 1.31 -15.11 22.43
N PRO A 20 1.46 -14.86 23.76
CA PRO A 20 1.47 -13.50 24.27
C PRO A 20 2.79 -12.80 23.95
N ILE A 21 3.15 -12.81 22.68
CA ILE A 21 4.38 -12.20 22.24
C ILE A 21 4.18 -11.62 20.83
N SER A 22 4.37 -10.32 20.73
CA SER A 22 4.22 -9.64 19.45
C SER A 22 4.91 -8.28 19.50
N HIS A 23 5.45 -7.88 18.36
CA HIS A 23 6.14 -6.60 18.25
C HIS A 23 5.52 -5.78 17.12
N GLN A 24 5.99 -4.55 17.01
CA GLN A 24 5.50 -3.64 15.98
C GLN A 24 5.31 -4.40 14.66
N THR A 25 4.05 -4.55 14.28
CA THR A 25 3.72 -5.24 13.05
C THR A 25 3.17 -4.25 12.01
N SER A 26 3.19 -4.70 10.76
CA SER A 26 2.71 -3.87 9.67
C SER A 26 1.19 -4.03 9.52
N ASP A 27 0.58 -3.01 8.95
CA ASP A 27 -0.86 -3.03 8.74
C ASP A 27 -1.17 -3.63 7.37
N ILE A 28 -0.15 -3.63 6.51
CA ILE A 28 -0.30 -4.16 5.18
C ILE A 28 -0.67 -5.65 5.26
N ASP A 29 -1.93 -5.93 4.99
CA ASP A 29 -2.41 -7.30 5.03
C ASP A 29 -1.81 -8.09 3.87
N GLN A 30 -1.25 -9.24 4.20
CA GLN A 30 -0.64 -10.09 3.19
C GLN A 30 -1.62 -10.37 2.07
N SER A 31 -2.88 -10.57 2.45
CA SER A 31 -3.92 -10.84 1.48
C SER A 31 -4.07 -9.66 0.51
N SER A 32 -3.86 -8.46 1.05
CA SER A 32 -3.96 -7.25 0.26
C SER A 32 -2.84 -7.21 -0.77
N VAL A 33 -1.61 -7.35 -0.28
CA VAL A 33 -0.45 -7.33 -1.15
C VAL A 33 -0.69 -8.26 -2.33
N ASP A 34 -1.38 -9.35 -2.05
CA ASP A 34 -1.68 -10.33 -3.10
C ASP A 34 -2.88 -9.84 -3.92
N THR A 35 -3.75 -9.10 -3.25
CA THR A 35 -4.93 -8.57 -3.91
C THR A 35 -4.53 -7.64 -5.05
N LEU A 36 -3.35 -7.05 -4.91
CA LEU A 36 -2.84 -6.13 -5.93
C LEU A 36 -1.90 -6.90 -6.86
N LEU A 37 -1.51 -8.08 -6.42
CA LEU A 37 -0.62 -8.91 -7.21
C LEU A 37 -1.34 -9.36 -8.49
N SER A 38 -2.57 -9.84 -8.30
CA SER A 38 -3.37 -10.30 -9.42
C SER A 38 -3.75 -9.11 -10.31
N PHE A 39 -4.18 -8.03 -9.67
CA PHE A 39 -4.57 -6.83 -10.39
C PHE A 39 -3.59 -6.52 -11.51
N GLY A 40 -2.31 -6.56 -11.17
CA GLY A 40 -1.26 -6.28 -12.13
C GLY A 40 -0.26 -5.26 -11.58
N PHE A 41 0.37 -5.63 -10.48
CA PHE A 41 1.35 -4.77 -9.85
C PHE A 41 2.43 -5.60 -9.15
N ALA A 42 3.61 -5.00 -9.04
CA ALA A 42 4.74 -5.66 -8.39
C ALA A 42 4.44 -5.82 -6.90
N GLU A 43 4.82 -6.98 -6.38
CA GLU A 43 4.59 -7.28 -4.98
C GLU A 43 5.11 -6.13 -4.11
N ASP A 44 6.08 -5.41 -4.63
CA ASP A 44 6.66 -4.29 -3.92
C ASP A 44 5.68 -3.12 -3.93
N VAL A 45 5.26 -2.75 -5.14
CA VAL A 45 4.32 -1.65 -5.30
C VAL A 45 3.02 -1.98 -4.56
N ALA A 46 2.70 -3.26 -4.55
CA ALA A 46 1.48 -3.72 -3.89
C ALA A 46 1.53 -3.32 -2.41
N ARG A 47 2.74 -3.39 -1.86
CA ARG A 47 2.94 -3.04 -0.46
C ARG A 47 3.08 -1.53 -0.31
N LYS A 48 3.69 -0.91 -1.32
CA LYS A 48 3.89 0.53 -1.30
C LYS A 48 2.53 1.23 -1.36
N ALA A 49 1.67 0.72 -2.23
CA ALA A 49 0.35 1.29 -2.38
C ALA A 49 -0.44 1.12 -1.08
N LEU A 50 -0.29 -0.06 -0.49
CA LEU A 50 -0.97 -0.37 0.75
C LEU A 50 -0.28 0.37 1.91
N LYS A 51 0.89 0.89 1.60
CA LYS A 51 1.67 1.63 2.60
C LYS A 51 1.29 3.10 2.54
N ALA A 52 1.01 3.57 1.34
CA ALA A 52 0.63 4.96 1.14
C ALA A 52 -0.90 5.06 1.08
N SER A 53 -1.55 4.05 1.61
CA SER A 53 -3.00 4.00 1.62
C SER A 53 -3.50 3.40 2.93
N GLY A 54 -2.97 2.23 3.25
CA GLY A 54 -3.36 1.54 4.46
C GLY A 54 -4.55 0.62 4.21
N GLY A 55 -4.25 -0.65 3.99
CA GLY A 55 -5.28 -1.64 3.73
C GLY A 55 -6.41 -1.05 2.89
N ASP A 56 -6.02 -0.45 1.77
CA ASP A 56 -7.00 0.15 0.87
C ASP A 56 -6.59 -0.15 -0.58
N ILE A 57 -7.13 -1.23 -1.10
CA ILE A 57 -6.83 -1.63 -2.46
C ILE A 57 -7.32 -0.54 -3.42
N GLU A 58 -8.52 -0.04 -3.15
CA GLU A 58 -9.10 1.00 -3.97
C GLU A 58 -8.13 2.17 -4.13
N LYS A 59 -7.62 2.62 -3.00
CA LYS A 59 -6.67 3.73 -2.99
C LYS A 59 -5.31 3.24 -3.49
N ALA A 60 -4.93 2.07 -3.00
CA ALA A 60 -3.66 1.48 -3.38
C ALA A 60 -3.59 1.37 -4.90
N THR A 61 -4.71 0.97 -5.49
CA THR A 61 -4.79 0.83 -6.93
C THR A 61 -4.52 2.16 -7.61
N ASP A 62 -4.99 3.23 -6.99
CA ASP A 62 -4.81 4.57 -7.53
C ASP A 62 -3.37 5.01 -7.27
N TRP A 63 -2.94 4.84 -6.02
CA TRP A 63 -1.60 5.22 -5.63
C TRP A 63 -0.64 4.76 -6.73
N VAL A 64 -0.76 3.48 -7.09
CA VAL A 64 0.09 2.91 -8.12
C VAL A 64 0.16 3.87 -9.30
N PHE A 65 -1.01 4.33 -9.73
CA PHE A 65 -1.08 5.25 -10.86
C PHE A 65 -0.64 6.66 -10.44
N ASN A 66 -1.29 7.17 -9.41
CA ASN A 66 -0.99 8.49 -8.91
C ASN A 66 0.53 8.69 -8.91
N ASN A 67 1.22 7.81 -8.20
CA ASN A 67 2.66 7.87 -8.12
C ASN A 67 3.21 6.48 -7.77
N SER A 68 4.39 6.20 -8.30
CA SER A 68 5.03 4.92 -8.06
C SER A 68 6.51 5.00 -8.44
N GLY A 69 7.35 4.52 -7.54
CA GLY A 69 8.78 4.53 -7.78
C GLY A 69 9.25 3.20 -8.36
N PRO A 70 10.42 3.26 -9.05
CA PRO A 70 10.99 2.07 -9.66
C PRO A 70 11.61 1.15 -8.62
N SER A 71 11.01 -0.03 -8.48
CA SER A 71 11.49 -1.01 -7.53
C SER A 71 12.23 -2.14 -8.25
N SER A 72 11.50 -2.80 -9.15
CA SER A 72 12.08 -3.88 -9.92
C SER A 72 12.16 -3.50 -11.40
N GLY A 73 13.38 -3.54 -11.91
CA GLY A 73 13.62 -3.20 -13.31
C GLY A 73 15.10 -3.05 -13.60
N GLY A 1 6.04 -15.41 -5.64
CA GLY A 1 7.41 -15.81 -5.81
C GLY A 1 7.56 -16.75 -7.01
N SER A 2 8.76 -16.77 -7.58
CA SER A 2 9.05 -17.61 -8.72
C SER A 2 9.66 -18.93 -8.26
N SER A 3 10.79 -18.81 -7.56
CA SER A 3 11.49 -19.99 -7.06
C SER A 3 12.13 -19.66 -5.71
N GLY A 4 13.00 -18.66 -5.73
CA GLY A 4 13.69 -18.24 -4.52
C GLY A 4 14.71 -19.31 -4.09
N SER A 5 15.78 -19.40 -4.87
CA SER A 5 16.83 -20.37 -4.57
C SER A 5 18.15 -19.92 -5.22
N SER A 6 19.22 -20.58 -4.81
CA SER A 6 20.54 -20.25 -5.33
C SER A 6 20.44 -19.97 -6.83
N GLY A 7 21.35 -19.12 -7.30
CA GLY A 7 21.39 -18.76 -8.71
C GLY A 7 21.53 -17.25 -8.87
N LEU A 8 20.56 -16.53 -8.32
CA LEU A 8 20.56 -15.08 -8.41
C LEU A 8 19.43 -14.52 -7.55
N LEU A 9 19.55 -13.24 -7.23
CA LEU A 9 18.54 -12.57 -6.41
C LEU A 9 17.31 -12.28 -7.27
N SER A 10 16.16 -12.70 -6.74
CA SER A 10 14.90 -12.49 -7.44
C SER A 10 14.01 -11.55 -6.63
N HIS A 11 12.91 -11.15 -7.25
CA HIS A 11 11.96 -10.25 -6.61
C HIS A 11 11.55 -10.83 -5.25
N MET A 12 11.88 -10.09 -4.20
CA MET A 12 11.55 -10.52 -2.85
C MET A 12 12.01 -9.48 -1.82
N ASP A 13 11.56 -9.68 -0.59
CA ASP A 13 11.91 -8.78 0.48
C ASP A 13 13.40 -8.40 0.36
N ASP A 14 13.70 -7.17 0.76
CA ASP A 14 15.06 -6.67 0.70
C ASP A 14 15.69 -6.76 2.09
N PRO A 15 17.02 -7.05 2.11
CA PRO A 15 17.76 -7.16 3.36
C PRO A 15 18.01 -5.78 3.97
N ASP A 16 16.93 -5.05 4.17
CA ASP A 16 17.02 -3.72 4.75
C ASP A 16 15.75 -2.94 4.42
N ILE A 17 14.78 -3.03 5.32
CA ILE A 17 13.52 -2.34 5.15
C ILE A 17 13.27 -1.42 6.35
N ASP A 18 12.02 -1.42 6.79
CA ASP A 18 11.63 -0.59 7.93
C ASP A 18 11.45 -1.50 9.15
N ALA A 19 12.57 -1.99 9.66
CA ALA A 19 12.55 -2.85 10.83
C ALA A 19 11.63 -4.05 10.55
N PRO A 20 12.25 -5.14 10.04
CA PRO A 20 11.50 -6.35 9.72
C PRO A 20 11.15 -7.12 11.00
N ILE A 21 10.51 -6.40 11.92
CA ILE A 21 10.11 -6.99 13.19
C ILE A 21 8.59 -6.96 13.30
N SER A 22 8.13 -6.88 14.54
CA SER A 22 6.70 -6.84 14.80
C SER A 22 6.29 -5.44 15.26
N HIS A 23 6.99 -4.96 16.28
CA HIS A 23 6.72 -3.64 16.82
C HIS A 23 6.58 -2.63 15.68
N GLN A 24 7.65 -2.51 14.91
CA GLN A 24 7.66 -1.59 13.78
C GLN A 24 7.16 -2.28 12.52
N THR A 25 5.84 -2.39 12.42
CA THR A 25 5.22 -3.02 11.27
C THR A 25 4.07 -2.16 10.74
N SER A 26 3.66 -2.48 9.52
CA SER A 26 2.58 -1.75 8.89
C SER A 26 1.28 -2.54 8.98
N ASP A 27 0.19 -1.88 8.62
CA ASP A 27 -1.12 -2.52 8.67
C ASP A 27 -1.43 -3.10 7.29
N ILE A 28 -0.37 -3.37 6.53
CA ILE A 28 -0.53 -3.93 5.21
C ILE A 28 -0.80 -5.43 5.31
N ASP A 29 -2.04 -5.79 5.05
CA ASP A 29 -2.46 -7.19 5.11
C ASP A 29 -1.78 -7.97 3.98
N GLN A 30 -1.27 -9.14 4.34
CA GLN A 30 -0.60 -9.99 3.37
C GLN A 30 -1.55 -10.34 2.22
N SER A 31 -2.79 -10.58 2.58
CA SER A 31 -3.80 -10.93 1.59
C SER A 31 -3.98 -9.77 0.62
N SER A 32 -3.87 -8.56 1.15
CA SER A 32 -4.03 -7.36 0.34
C SER A 32 -2.91 -7.30 -0.70
N VAL A 33 -1.68 -7.37 -0.20
CA VAL A 33 -0.51 -7.31 -1.07
C VAL A 33 -0.74 -8.23 -2.28
N ASP A 34 -1.40 -9.35 -2.01
CA ASP A 34 -1.68 -10.31 -3.06
C ASP A 34 -2.87 -9.84 -3.88
N THR A 35 -3.81 -9.21 -3.20
CA THR A 35 -5.01 -8.71 -3.85
C THR A 35 -4.63 -7.77 -5.00
N LEU A 36 -3.44 -7.18 -4.88
CA LEU A 36 -2.95 -6.27 -5.89
C LEU A 36 -2.04 -7.03 -6.86
N LEU A 37 -1.54 -8.16 -6.39
CA LEU A 37 -0.67 -8.98 -7.20
C LEU A 37 -1.42 -9.48 -8.43
N SER A 38 -2.67 -9.87 -8.20
CA SER A 38 -3.50 -10.36 -9.28
C SER A 38 -3.92 -9.20 -10.19
N PHE A 39 -4.31 -8.10 -9.56
CA PHE A 39 -4.73 -6.92 -10.30
C PHE A 39 -3.75 -6.63 -11.44
N GLY A 40 -2.48 -6.52 -11.07
CA GLY A 40 -1.45 -6.24 -12.05
C GLY A 40 -0.45 -5.21 -11.50
N PHE A 41 0.22 -5.59 -10.43
CA PHE A 41 1.20 -4.72 -9.81
C PHE A 41 2.32 -5.52 -9.15
N ALA A 42 3.47 -4.88 -9.00
CA ALA A 42 4.62 -5.52 -8.39
C ALA A 42 4.36 -5.72 -6.91
N GLU A 43 4.74 -6.89 -6.42
CA GLU A 43 4.56 -7.22 -5.01
C GLU A 43 5.05 -6.07 -4.13
N ASP A 44 6.09 -5.40 -4.61
CA ASP A 44 6.66 -4.29 -3.88
C ASP A 44 5.69 -3.10 -3.92
N VAL A 45 5.31 -2.74 -5.14
CA VAL A 45 4.39 -1.63 -5.34
C VAL A 45 3.08 -1.92 -4.62
N ALA A 46 2.73 -3.20 -4.60
CA ALA A 46 1.51 -3.64 -3.94
C ALA A 46 1.55 -3.23 -2.47
N ARG A 47 2.73 -3.32 -1.89
CA ARG A 47 2.92 -2.97 -0.50
C ARG A 47 3.09 -1.45 -0.35
N LYS A 48 3.71 -0.85 -1.36
CA LYS A 48 3.94 0.57 -1.37
C LYS A 48 2.59 1.31 -1.45
N ALA A 49 1.74 0.80 -2.32
CA ALA A 49 0.43 1.39 -2.51
C ALA A 49 -0.40 1.22 -1.24
N LEU A 50 -0.29 0.02 -0.66
CA LEU A 50 -1.01 -0.29 0.56
C LEU A 50 -0.33 0.40 1.74
N LYS A 51 0.87 0.90 1.48
CA LYS A 51 1.64 1.58 2.51
C LYS A 51 1.14 3.02 2.65
N ALA A 52 0.91 3.63 1.50
CA ALA A 52 0.43 5.01 1.48
C ALA A 52 -1.09 5.02 1.68
N SER A 53 -1.75 4.04 1.06
CA SER A 53 -3.19 3.93 1.16
C SER A 53 -3.58 3.38 2.54
N GLY A 54 -2.95 2.28 2.89
CA GLY A 54 -3.21 1.65 4.17
C GLY A 54 -4.26 0.54 4.03
N GLY A 55 -3.86 -0.53 3.36
CA GLY A 55 -4.76 -1.66 3.15
C GLY A 55 -5.71 -1.39 1.98
N ASP A 56 -6.36 -0.24 2.05
CA ASP A 56 -7.30 0.15 1.01
C ASP A 56 -6.73 -0.23 -0.36
N ILE A 57 -7.35 -1.25 -0.96
CA ILE A 57 -6.92 -1.72 -2.26
C ILE A 57 -7.19 -0.64 -3.31
N GLU A 58 -8.44 -0.23 -3.38
CA GLU A 58 -8.84 0.80 -4.33
C GLU A 58 -7.85 1.96 -4.31
N LYS A 59 -7.60 2.46 -3.11
CA LYS A 59 -6.68 3.58 -2.95
C LYS A 59 -5.29 3.16 -3.43
N ALA A 60 -4.93 1.93 -3.10
CA ALA A 60 -3.64 1.39 -3.50
C ALA A 60 -3.59 1.29 -5.02
N THR A 61 -4.72 0.95 -5.60
CA THR A 61 -4.82 0.81 -7.04
C THR A 61 -4.59 2.16 -7.73
N ASP A 62 -4.84 3.22 -6.98
CA ASP A 62 -4.65 4.56 -7.50
C ASP A 62 -3.23 5.03 -7.20
N TRP A 63 -2.82 4.83 -5.96
CA TRP A 63 -1.49 5.22 -5.54
C TRP A 63 -0.50 4.81 -6.63
N VAL A 64 -0.61 3.54 -7.03
CA VAL A 64 0.26 3.00 -8.05
C VAL A 64 0.43 4.03 -9.16
N PHE A 65 -0.69 4.51 -9.66
CA PHE A 65 -0.68 5.50 -10.72
C PHE A 65 -0.39 6.90 -10.17
N ASN A 66 -1.25 7.34 -9.26
CA ASN A 66 -1.10 8.64 -8.65
C ASN A 66 0.21 8.67 -7.85
N ASN A 67 1.27 9.04 -8.54
CA ASN A 67 2.59 9.11 -7.92
C ASN A 67 3.62 9.56 -8.96
N SER A 68 4.03 10.81 -8.83
CA SER A 68 5.01 11.37 -9.75
C SER A 68 6.10 12.10 -8.97
N GLY A 69 7.34 11.73 -9.26
CA GLY A 69 8.48 12.35 -8.59
C GLY A 69 9.05 13.48 -9.43
N PRO A 70 10.40 13.68 -9.28
CA PRO A 70 11.08 14.73 -10.02
C PRO A 70 11.27 14.34 -11.49
N SER A 71 10.14 14.08 -12.14
CA SER A 71 10.16 13.70 -13.54
C SER A 71 11.24 12.62 -13.77
N SER A 72 10.80 11.37 -13.66
CA SER A 72 11.70 10.24 -13.85
C SER A 72 12.82 10.29 -12.81
N GLY A 73 12.97 9.17 -12.11
CA GLY A 73 14.00 9.07 -11.08
C GLY A 73 14.02 10.31 -10.20
N GLY A 1 21.04 -17.41 -5.84
CA GLY A 1 19.97 -16.86 -5.03
C GLY A 1 20.27 -15.40 -4.65
N SER A 2 19.38 -14.83 -3.86
CA SER A 2 19.54 -13.45 -3.42
C SER A 2 18.88 -13.26 -2.05
N SER A 3 17.59 -13.54 -2.01
CA SER A 3 16.83 -13.40 -0.78
C SER A 3 15.49 -14.15 -0.90
N GLY A 4 14.96 -14.52 0.25
CA GLY A 4 13.69 -15.24 0.30
C GLY A 4 13.00 -15.05 1.64
N SER A 5 12.25 -16.06 2.03
CA SER A 5 11.52 -16.02 3.29
C SER A 5 10.56 -14.84 3.30
N SER A 6 9.52 -14.97 4.11
CA SER A 6 8.51 -13.92 4.22
C SER A 6 8.30 -13.55 5.69
N GLY A 7 8.13 -14.58 6.51
CA GLY A 7 7.92 -14.39 7.93
C GLY A 7 6.68 -15.14 8.41
N LEU A 8 6.24 -14.80 9.62
CA LEU A 8 5.08 -15.43 10.20
C LEU A 8 4.51 -14.53 11.29
N LEU A 9 4.56 -15.04 12.52
CA LEU A 9 4.05 -14.28 13.66
C LEU A 9 2.52 -14.30 13.62
N SER A 10 1.94 -13.51 14.52
CA SER A 10 0.49 -13.43 14.61
C SER A 10 -0.07 -12.72 13.37
N HIS A 11 -1.16 -13.26 12.87
CA HIS A 11 -1.81 -12.69 11.69
C HIS A 11 -3.04 -11.88 12.12
N MET A 12 -2.90 -10.56 12.02
CA MET A 12 -3.98 -9.68 12.39
C MET A 12 -4.37 -9.86 13.85
N ASP A 13 -5.13 -8.90 14.36
CA ASP A 13 -5.57 -8.94 15.75
C ASP A 13 -7.00 -8.41 15.84
N ASP A 14 -7.74 -8.95 16.79
CA ASP A 14 -9.12 -8.54 16.99
C ASP A 14 -9.94 -8.89 15.74
N PRO A 15 -11.28 -9.00 15.94
CA PRO A 15 -12.18 -9.32 14.84
C PRO A 15 -12.37 -8.10 13.93
N ASP A 16 -11.95 -6.95 14.43
CA ASP A 16 -12.08 -5.72 13.67
C ASP A 16 -11.79 -4.53 14.58
N ILE A 17 -10.83 -3.72 14.16
CA ILE A 17 -10.44 -2.55 14.93
C ILE A 17 -10.60 -1.30 14.06
N ASP A 18 -9.62 -0.41 14.18
CA ASP A 18 -9.64 0.83 13.41
C ASP A 18 -8.42 1.67 13.79
N ALA A 19 -7.30 0.98 13.96
CA ALA A 19 -6.05 1.65 14.31
C ALA A 19 -4.92 0.64 14.35
N PRO A 20 -4.25 0.48 13.18
CA PRO A 20 -3.14 -0.45 13.06
C PRO A 20 -1.89 0.09 13.76
N ILE A 21 -2.05 0.46 15.02
CA ILE A 21 -0.96 0.99 15.81
C ILE A 21 -0.47 2.29 15.16
N SER A 22 -0.26 3.29 16.01
CA SER A 22 0.20 4.58 15.55
C SER A 22 1.62 4.85 16.07
N HIS A 23 2.59 4.39 15.30
CA HIS A 23 3.99 4.57 15.67
C HIS A 23 4.88 3.95 14.60
N GLN A 24 4.89 4.59 13.44
CA GLN A 24 5.70 4.11 12.33
C GLN A 24 5.60 2.59 12.21
N THR A 25 4.44 2.14 11.76
CA THR A 25 4.21 0.71 11.60
C THR A 25 3.56 0.42 10.24
N SER A 26 3.78 -0.78 9.76
CA SER A 26 3.24 -1.19 8.48
C SER A 26 2.41 -2.48 8.64
N ASP A 27 1.10 -2.30 8.73
CA ASP A 27 0.21 -3.42 8.89
C ASP A 27 -0.32 -3.85 7.52
N ILE A 28 0.43 -3.48 6.49
CA ILE A 28 0.06 -3.82 5.13
C ILE A 28 -0.45 -5.26 5.09
N ASP A 29 -1.75 -5.40 4.94
CA ASP A 29 -2.38 -6.71 4.89
C ASP A 29 -1.68 -7.55 3.81
N GLN A 30 -1.41 -8.80 4.15
CA GLN A 30 -0.76 -9.71 3.22
C GLN A 30 -1.71 -10.06 2.07
N SER A 31 -2.94 -10.39 2.43
CA SER A 31 -3.94 -10.74 1.44
C SER A 31 -4.12 -9.60 0.44
N SER A 32 -4.00 -8.38 0.96
CA SER A 32 -4.14 -7.20 0.12
C SER A 32 -3.00 -7.14 -0.90
N VAL A 33 -1.78 -7.26 -0.38
CA VAL A 33 -0.61 -7.21 -1.24
C VAL A 33 -0.79 -8.20 -2.40
N ASP A 34 -1.44 -9.32 -2.09
CA ASP A 34 -1.68 -10.34 -3.09
C ASP A 34 -2.86 -9.91 -3.97
N THR A 35 -3.77 -9.18 -3.36
CA THR A 35 -4.96 -8.71 -4.08
C THR A 35 -4.55 -7.79 -5.23
N LEU A 36 -3.38 -7.17 -5.07
CA LEU A 36 -2.86 -6.28 -6.08
C LEU A 36 -1.94 -7.04 -7.02
N LEU A 37 -1.53 -8.21 -6.57
CA LEU A 37 -0.63 -9.06 -7.35
C LEU A 37 -1.38 -9.55 -8.59
N SER A 38 -2.62 -9.99 -8.36
CA SER A 38 -3.43 -10.49 -9.45
C SER A 38 -3.82 -9.35 -10.39
N PHE A 39 -4.25 -8.25 -9.78
CA PHE A 39 -4.66 -7.08 -10.55
C PHE A 39 -3.66 -6.79 -11.68
N GLY A 40 -2.39 -6.75 -11.30
CA GLY A 40 -1.34 -6.49 -12.26
C GLY A 40 -0.33 -5.48 -11.71
N PHE A 41 0.16 -5.78 -10.51
CA PHE A 41 1.13 -4.91 -9.86
C PHE A 41 2.20 -5.73 -9.14
N ALA A 42 3.39 -5.15 -9.05
CA ALA A 42 4.49 -5.82 -8.38
C ALA A 42 4.18 -5.93 -6.89
N GLU A 43 4.72 -6.99 -6.29
CA GLU A 43 4.52 -7.22 -4.87
C GLU A 43 5.04 -6.05 -4.04
N ASP A 44 6.07 -5.40 -4.59
CA ASP A 44 6.67 -4.26 -3.92
C ASP A 44 5.70 -3.09 -3.94
N VAL A 45 5.24 -2.75 -5.14
CA VAL A 45 4.31 -1.65 -5.32
C VAL A 45 3.06 -1.93 -4.50
N ALA A 46 2.65 -3.19 -4.50
CA ALA A 46 1.46 -3.60 -3.76
C ALA A 46 1.63 -3.23 -2.29
N ARG A 47 2.87 -3.28 -1.84
CA ARG A 47 3.18 -2.96 -0.46
C ARG A 47 3.39 -1.44 -0.30
N LYS A 48 3.76 -0.81 -1.41
CA LYS A 48 3.98 0.62 -1.41
C LYS A 48 2.65 1.35 -1.47
N ALA A 49 1.74 0.81 -2.26
CA ALA A 49 0.43 1.41 -2.41
C ALA A 49 -0.38 1.19 -1.12
N LEU A 50 -0.15 0.03 -0.52
CA LEU A 50 -0.84 -0.32 0.72
C LEU A 50 -0.09 0.30 1.90
N LYS A 51 0.90 1.11 1.58
CA LYS A 51 1.70 1.77 2.61
C LYS A 51 1.17 3.18 2.82
N ALA A 52 0.91 3.85 1.71
CA ALA A 52 0.41 5.21 1.76
C ALA A 52 -1.11 5.18 1.90
N SER A 53 -1.72 4.25 1.18
CA SER A 53 -3.16 4.10 1.22
C SER A 53 -3.62 3.68 2.62
N GLY A 54 -3.14 2.52 3.04
CA GLY A 54 -3.49 2.00 4.35
C GLY A 54 -4.37 0.75 4.23
N GLY A 55 -3.79 -0.27 3.61
CA GLY A 55 -4.51 -1.53 3.42
C GLY A 55 -5.73 -1.33 2.50
N ASP A 56 -5.79 -0.15 1.90
CA ASP A 56 -6.88 0.16 0.99
C ASP A 56 -6.50 -0.23 -0.43
N ILE A 57 -7.02 -1.39 -0.85
CA ILE A 57 -6.74 -1.89 -2.19
C ILE A 57 -7.22 -0.87 -3.22
N GLU A 58 -8.49 -0.50 -3.10
CA GLU A 58 -9.08 0.45 -4.01
C GLU A 58 -8.16 1.67 -4.18
N LYS A 59 -7.76 2.22 -3.05
CA LYS A 59 -6.88 3.38 -3.06
C LYS A 59 -5.50 2.97 -3.57
N ALA A 60 -5.04 1.83 -3.07
CA ALA A 60 -3.73 1.32 -3.47
C ALA A 60 -3.65 1.28 -5.00
N THR A 61 -4.79 0.98 -5.61
CA THR A 61 -4.85 0.91 -7.07
C THR A 61 -4.62 2.30 -7.67
N ASP A 62 -4.91 3.32 -6.87
CA ASP A 62 -4.74 4.70 -7.32
C ASP A 62 -3.31 5.14 -7.07
N TRP A 63 -2.82 4.79 -5.88
CA TRP A 63 -1.47 5.15 -5.50
C TRP A 63 -0.52 4.69 -6.61
N VAL A 64 -0.69 3.44 -7.01
CA VAL A 64 0.12 2.86 -8.05
C VAL A 64 0.26 3.87 -9.20
N PHE A 65 -0.85 4.50 -9.53
CA PHE A 65 -0.87 5.49 -10.60
C PHE A 65 -0.42 6.85 -10.09
N ASN A 66 -1.16 7.35 -9.10
CA ASN A 66 -0.85 8.65 -8.52
C ASN A 66 0.65 8.78 -8.37
N ASN A 67 1.26 7.74 -7.85
CA ASN A 67 2.71 7.73 -7.64
C ASN A 67 3.37 6.90 -8.75
N SER A 68 3.90 7.60 -9.73
CA SER A 68 4.56 6.94 -10.85
C SER A 68 3.59 6.00 -11.55
N GLY A 69 3.22 6.38 -12.77
CA GLY A 69 2.29 5.57 -13.55
C GLY A 69 2.09 6.19 -14.94
N PRO A 70 0.91 5.85 -15.55
CA PRO A 70 0.59 6.36 -16.87
C PRO A 70 0.18 7.82 -16.81
N SER A 71 0.44 8.53 -17.90
CA SER A 71 0.11 9.94 -17.99
C SER A 71 0.40 10.46 -19.40
N SER A 72 -0.58 11.14 -19.96
CA SER A 72 -0.46 11.69 -21.30
C SER A 72 -0.26 10.56 -22.32
N GLY A 73 -1.32 10.29 -23.05
CA GLY A 73 -1.28 9.25 -24.06
C GLY A 73 -1.92 9.72 -25.37
N GLY A 1 -38.35 6.24 -5.90
CA GLY A 1 -37.11 5.57 -5.54
C GLY A 1 -37.38 4.41 -4.59
N SER A 2 -36.41 3.52 -4.49
CA SER A 2 -36.53 2.36 -3.64
C SER A 2 -35.27 1.50 -3.73
N SER A 3 -34.97 0.81 -2.63
CA SER A 3 -33.80 -0.05 -2.59
C SER A 3 -33.66 -0.67 -1.20
N GLY A 4 -32.74 -1.62 -1.10
CA GLY A 4 -32.50 -2.29 0.17
C GLY A 4 -31.02 -2.63 0.34
N SER A 5 -30.71 -3.26 1.45
CA SER A 5 -29.34 -3.64 1.75
C SER A 5 -29.27 -4.31 3.12
N SER A 6 -28.25 -5.15 3.28
CA SER A 6 -28.05 -5.85 4.54
C SER A 6 -26.83 -6.77 4.43
N GLY A 7 -26.33 -7.17 5.59
CA GLY A 7 -25.17 -8.04 5.65
C GLY A 7 -24.24 -7.65 6.80
N LEU A 8 -23.87 -8.65 7.58
CA LEU A 8 -22.98 -8.42 8.72
C LEU A 8 -22.33 -9.74 9.12
N LEU A 9 -21.02 -9.67 9.35
CA LEU A 9 -20.27 -10.85 9.75
C LEU A 9 -19.46 -10.54 11.00
N SER A 10 -19.24 -11.57 11.80
CA SER A 10 -18.48 -11.41 13.03
C SER A 10 -18.38 -12.76 13.76
N HIS A 11 -17.15 -13.20 13.97
CA HIS A 11 -16.91 -14.46 14.65
C HIS A 11 -15.40 -14.71 14.75
N MET A 12 -15.03 -15.52 15.73
CA MET A 12 -13.63 -15.84 15.95
C MET A 12 -13.49 -17.04 16.90
N ASP A 13 -13.04 -18.14 16.34
CA ASP A 13 -12.85 -19.35 17.12
C ASP A 13 -11.69 -20.16 16.53
N ASP A 14 -10.86 -20.69 17.42
CA ASP A 14 -9.71 -21.47 17.01
C ASP A 14 -9.47 -22.59 18.02
N PRO A 15 -9.28 -23.83 17.49
CA PRO A 15 -9.04 -24.98 18.33
C PRO A 15 -7.62 -24.97 18.90
N ASP A 16 -6.80 -24.10 18.32
CA ASP A 16 -5.42 -23.98 18.75
C ASP A 16 -4.76 -22.80 18.02
N ILE A 17 -5.53 -21.72 17.90
CA ILE A 17 -5.03 -20.54 17.22
C ILE A 17 -4.81 -20.84 15.75
N ASP A 18 -5.42 -20.03 14.91
CA ASP A 18 -5.30 -20.20 13.47
C ASP A 18 -5.83 -18.96 12.76
N ALA A 19 -4.95 -17.99 12.58
CA ALA A 19 -5.31 -16.75 11.92
C ALA A 19 -4.05 -15.92 11.65
N PRO A 20 -4.18 -14.96 10.71
CA PRO A 20 -3.07 -14.10 10.36
C PRO A 20 -2.82 -13.04 11.44
N ILE A 21 -2.66 -13.53 12.67
CA ILE A 21 -2.42 -12.65 13.80
C ILE A 21 -1.18 -13.12 14.55
N SER A 22 -1.18 -12.85 15.86
CA SER A 22 -0.06 -13.24 16.70
C SER A 22 1.23 -12.57 16.20
N HIS A 23 1.55 -11.45 16.82
CA HIS A 23 2.74 -10.70 16.46
C HIS A 23 2.51 -9.96 15.14
N GLN A 24 2.41 -10.74 14.07
CA GLN A 24 2.19 -10.18 12.75
C GLN A 24 3.27 -9.15 12.42
N THR A 25 3.32 -8.79 11.14
CA THR A 25 4.31 -7.81 10.69
C THR A 25 3.73 -6.99 9.54
N SER A 26 4.08 -5.71 9.53
CA SER A 26 3.62 -4.81 8.50
C SER A 26 2.09 -4.80 8.45
N ASP A 27 1.53 -3.68 8.89
CA ASP A 27 0.08 -3.54 8.91
C ASP A 27 -0.48 -3.87 7.52
N ILE A 28 0.38 -3.77 6.53
CA ILE A 28 -0.01 -4.06 5.17
C ILE A 28 -0.47 -5.51 5.07
N ASP A 29 -1.78 -5.68 5.02
CA ASP A 29 -2.36 -7.01 4.92
C ASP A 29 -1.65 -7.80 3.82
N GLN A 30 -1.38 -9.06 4.12
CA GLN A 30 -0.70 -9.92 3.17
C GLN A 30 -1.64 -10.27 2.01
N SER A 31 -2.91 -10.49 2.36
CA SER A 31 -3.90 -10.84 1.36
C SER A 31 -4.08 -9.67 0.38
N SER A 32 -3.97 -8.47 0.92
CA SER A 32 -4.12 -7.27 0.10
C SER A 32 -2.96 -7.17 -0.89
N VAL A 33 -1.75 -7.29 -0.35
CA VAL A 33 -0.56 -7.21 -1.17
C VAL A 33 -0.70 -8.15 -2.37
N ASP A 34 -1.28 -9.31 -2.10
CA ASP A 34 -1.48 -10.31 -3.14
C ASP A 34 -2.68 -9.90 -4.00
N THR A 35 -3.65 -9.28 -3.36
CA THR A 35 -4.85 -8.83 -4.05
C THR A 35 -4.48 -7.88 -5.19
N LEU A 36 -3.36 -7.20 -5.01
CA LEU A 36 -2.88 -6.25 -6.01
C LEU A 36 -1.96 -6.98 -6.98
N LEU A 37 -1.40 -8.09 -6.51
CA LEU A 37 -0.50 -8.88 -7.34
C LEU A 37 -1.26 -9.39 -8.56
N SER A 38 -2.44 -9.96 -8.30
CA SER A 38 -3.27 -10.48 -9.37
C SER A 38 -3.70 -9.36 -10.31
N PHE A 39 -4.21 -8.30 -9.71
CA PHE A 39 -4.67 -7.15 -10.47
C PHE A 39 -3.72 -6.86 -11.64
N GLY A 40 -2.44 -6.78 -11.32
CA GLY A 40 -1.43 -6.51 -12.32
C GLY A 40 -0.40 -5.50 -11.81
N PHE A 41 0.13 -5.79 -10.63
CA PHE A 41 1.11 -4.92 -10.01
C PHE A 41 2.24 -5.74 -9.37
N ALA A 42 3.33 -5.04 -9.06
CA ALA A 42 4.47 -5.68 -8.45
C ALA A 42 4.17 -5.95 -6.97
N GLU A 43 4.96 -6.85 -6.39
CA GLU A 43 4.78 -7.20 -5.00
C GLU A 43 5.22 -6.04 -4.10
N ASP A 44 6.18 -5.27 -4.59
CA ASP A 44 6.70 -4.13 -3.86
C ASP A 44 5.66 -3.00 -3.89
N VAL A 45 5.26 -2.65 -5.09
CA VAL A 45 4.28 -1.59 -5.27
C VAL A 45 3.01 -1.93 -4.48
N ALA A 46 2.67 -3.21 -4.50
CA ALA A 46 1.48 -3.67 -3.80
C ALA A 46 1.62 -3.32 -2.30
N ARG A 47 2.86 -3.27 -1.85
CA ARG A 47 3.13 -2.95 -0.46
C ARG A 47 3.32 -1.43 -0.29
N LYS A 48 3.74 -0.81 -1.38
CA LYS A 48 3.96 0.64 -1.36
C LYS A 48 2.62 1.36 -1.41
N ALA A 49 1.72 0.83 -2.24
CA ALA A 49 0.40 1.41 -2.37
C ALA A 49 -0.38 1.21 -1.09
N LEU A 50 -0.24 0.01 -0.52
CA LEU A 50 -0.93 -0.32 0.71
C LEU A 50 -0.15 0.25 1.89
N LYS A 51 0.93 0.95 1.57
CA LYS A 51 1.77 1.55 2.59
C LYS A 51 1.29 2.98 2.87
N ALA A 52 0.93 3.66 1.80
CA ALA A 52 0.44 5.03 1.92
C ALA A 52 -1.08 5.03 2.01
N SER A 53 -1.69 4.14 1.24
CA SER A 53 -3.13 4.03 1.23
C SER A 53 -3.63 3.52 2.59
N GLY A 54 -3.01 2.44 3.03
CA GLY A 54 -3.38 1.85 4.31
C GLY A 54 -4.52 0.85 4.14
N GLY A 55 -4.14 -0.41 3.96
CA GLY A 55 -5.12 -1.47 3.78
C GLY A 55 -6.31 -0.99 2.94
N ASP A 56 -5.98 -0.20 1.92
CA ASP A 56 -7.00 0.32 1.03
C ASP A 56 -6.62 0.02 -0.42
N ILE A 57 -7.18 -1.07 -0.92
CA ILE A 57 -6.90 -1.49 -2.30
C ILE A 57 -7.36 -0.38 -3.25
N GLU A 58 -8.61 0.02 -3.10
CA GLU A 58 -9.17 1.07 -3.94
C GLU A 58 -8.18 2.22 -4.09
N LYS A 59 -7.56 2.58 -2.97
CA LYS A 59 -6.60 3.66 -2.96
C LYS A 59 -5.24 3.14 -3.44
N ALA A 60 -4.97 1.90 -3.08
CA ALA A 60 -3.72 1.27 -3.45
C ALA A 60 -3.63 1.21 -4.99
N THR A 61 -4.76 0.90 -5.60
CA THR A 61 -4.83 0.81 -7.05
C THR A 61 -4.56 2.17 -7.68
N ASP A 62 -4.96 3.21 -6.96
CA ASP A 62 -4.78 4.57 -7.43
C ASP A 62 -3.35 5.02 -7.15
N TRP A 63 -2.89 4.69 -5.95
CA TRP A 63 -1.55 5.06 -5.53
C TRP A 63 -0.58 4.59 -6.61
N VAL A 64 -0.78 3.35 -7.06
CA VAL A 64 0.07 2.78 -8.09
C VAL A 64 0.19 3.77 -9.25
N PHE A 65 -0.94 4.33 -9.63
CA PHE A 65 -0.98 5.29 -10.72
C PHE A 65 -0.50 6.66 -10.25
N ASN A 66 -1.16 7.16 -9.22
CA ASN A 66 -0.81 8.46 -8.68
C ASN A 66 0.71 8.62 -8.65
N ASN A 67 1.37 7.57 -8.19
CA ASN A 67 2.82 7.56 -8.11
C ASN A 67 3.33 6.12 -8.11
N SER A 68 4.57 5.97 -8.56
CA SER A 68 5.18 4.65 -8.62
C SER A 68 4.27 3.69 -9.38
N GLY A 69 4.60 3.50 -10.65
CA GLY A 69 3.82 2.61 -11.50
C GLY A 69 4.74 1.77 -12.39
N PRO A 70 4.19 0.61 -12.87
CA PRO A 70 4.95 -0.28 -13.72
C PRO A 70 5.07 0.28 -15.14
N SER A 71 5.73 1.42 -15.23
CA SER A 71 5.93 2.08 -16.51
C SER A 71 4.57 2.49 -17.10
N SER A 72 4.53 3.70 -17.62
CA SER A 72 3.31 4.22 -18.21
C SER A 72 3.31 3.98 -19.72
N GLY A 73 4.32 4.53 -20.36
CA GLY A 73 4.46 4.38 -21.81
C GLY A 73 4.13 5.69 -22.53
N GLY A 1 -31.53 26.11 15.71
CA GLY A 1 -31.65 25.30 14.52
C GLY A 1 -31.09 26.05 13.29
N SER A 2 -29.85 25.74 12.98
CA SER A 2 -29.19 26.36 11.85
C SER A 2 -28.48 25.31 11.00
N SER A 3 -28.86 25.26 9.73
CA SER A 3 -28.28 24.30 8.80
C SER A 3 -26.76 24.41 8.83
N GLY A 4 -26.11 23.30 8.53
CA GLY A 4 -24.66 23.24 8.51
C GLY A 4 -24.09 23.78 9.82
N SER A 5 -22.76 23.75 9.89
CA SER A 5 -22.07 24.24 11.08
C SER A 5 -20.57 24.36 10.81
N SER A 6 -19.98 23.23 10.42
CA SER A 6 -18.56 23.19 10.13
C SER A 6 -18.35 23.24 8.60
N GLY A 7 -18.92 22.26 7.93
CA GLY A 7 -18.80 22.19 6.48
C GLY A 7 -18.01 20.94 6.07
N LEU A 8 -16.89 21.18 5.42
CA LEU A 8 -16.03 20.10 4.96
C LEU A 8 -14.74 20.09 5.79
N LEU A 9 -14.55 19.01 6.52
CA LEU A 9 -13.36 18.87 7.35
C LEU A 9 -12.91 17.41 7.34
N SER A 10 -11.66 17.20 7.74
CA SER A 10 -11.10 15.87 7.79
C SER A 10 -9.94 15.82 8.78
N HIS A 11 -9.49 14.60 9.06
CA HIS A 11 -8.39 14.41 9.99
C HIS A 11 -7.08 14.81 9.32
N MET A 12 -6.04 14.90 10.14
CA MET A 12 -4.72 15.28 9.65
C MET A 12 -3.69 15.27 10.77
N ASP A 13 -2.53 14.73 10.47
CA ASP A 13 -1.45 14.64 11.44
C ASP A 13 -0.22 15.36 10.89
N ASP A 14 0.19 14.95 9.70
CA ASP A 14 1.35 15.54 9.06
C ASP A 14 1.11 17.04 8.87
N PRO A 15 2.13 17.84 9.28
CA PRO A 15 2.04 19.29 9.16
C PRO A 15 2.23 19.73 7.71
N ASP A 16 2.71 18.81 6.89
CA ASP A 16 2.93 19.08 5.49
C ASP A 16 3.21 17.79 4.75
N ILE A 17 2.40 16.78 5.04
CA ILE A 17 2.55 15.47 4.42
C ILE A 17 3.92 14.90 4.78
N ASP A 18 3.91 13.73 5.39
CA ASP A 18 5.13 13.06 5.78
C ASP A 18 4.80 11.77 6.50
N ALA A 19 4.10 10.89 5.79
CA ALA A 19 3.71 9.61 6.36
C ALA A 19 2.94 9.84 7.66
N PRO A 20 2.48 8.72 8.26
CA PRO A 20 1.75 8.79 9.51
C PRO A 20 2.68 9.07 10.69
N ILE A 21 2.18 8.76 11.88
CA ILE A 21 2.96 8.99 13.09
C ILE A 21 2.73 7.83 14.06
N SER A 22 3.80 7.10 14.34
CA SER A 22 3.73 5.97 15.23
C SER A 22 2.74 4.93 14.69
N HIS A 23 3.29 3.91 14.04
CA HIS A 23 2.47 2.86 13.47
C HIS A 23 3.17 1.51 13.67
N GLN A 24 2.70 0.78 14.67
CA GLN A 24 3.27 -0.52 14.98
C GLN A 24 2.73 -1.57 14.01
N THR A 25 3.59 -2.55 13.70
CA THR A 25 3.21 -3.61 12.80
C THR A 25 2.84 -3.05 11.43
N SER A 26 3.05 -3.86 10.40
CA SER A 26 2.74 -3.45 9.04
C SER A 26 1.25 -3.62 8.77
N ASP A 27 0.53 -2.52 8.87
CA ASP A 27 -0.91 -2.53 8.64
C ASP A 27 -1.18 -3.12 7.25
N ILE A 28 -0.16 -3.09 6.42
CA ILE A 28 -0.27 -3.62 5.07
C ILE A 28 -0.57 -5.12 5.13
N ASP A 29 -1.85 -5.44 5.00
CA ASP A 29 -2.28 -6.83 5.03
C ASP A 29 -1.58 -7.60 3.91
N GLN A 30 -1.00 -8.74 4.28
CA GLN A 30 -0.31 -9.57 3.32
C GLN A 30 -1.28 -10.04 2.23
N SER A 31 -2.52 -10.27 2.64
CA SER A 31 -3.54 -10.71 1.71
C SER A 31 -3.82 -9.62 0.67
N SER A 32 -3.75 -8.39 1.14
CA SER A 32 -4.00 -7.24 0.27
C SER A 32 -2.94 -7.18 -0.83
N VAL A 33 -1.69 -7.20 -0.41
CA VAL A 33 -0.58 -7.15 -1.35
C VAL A 33 -0.83 -8.16 -2.48
N ASP A 34 -1.39 -9.29 -2.10
CA ASP A 34 -1.69 -10.34 -3.07
C ASP A 34 -2.89 -9.92 -3.92
N THR A 35 -3.82 -9.24 -3.27
CA THR A 35 -5.02 -8.78 -3.95
C THR A 35 -4.64 -7.87 -5.12
N LEU A 36 -3.47 -7.26 -5.00
CA LEU A 36 -2.99 -6.36 -6.03
C LEU A 36 -2.05 -7.12 -6.97
N LEU A 37 -1.55 -8.25 -6.47
CA LEU A 37 -0.65 -9.08 -7.25
C LEU A 37 -1.37 -9.59 -8.49
N SER A 38 -2.64 -9.94 -8.30
CA SER A 38 -3.45 -10.45 -9.40
C SER A 38 -3.87 -9.29 -10.31
N PHE A 39 -4.32 -8.22 -9.69
CA PHE A 39 -4.76 -7.04 -10.43
C PHE A 39 -3.79 -6.74 -11.58
N GLY A 40 -2.52 -6.67 -11.24
CA GLY A 40 -1.48 -6.39 -12.22
C GLY A 40 -0.46 -5.39 -11.68
N PHE A 41 0.17 -5.77 -10.58
CA PHE A 41 1.16 -4.92 -9.96
C PHE A 41 2.25 -5.74 -9.28
N ALA A 42 3.37 -5.09 -8.99
CA ALA A 42 4.48 -5.76 -8.35
C ALA A 42 4.22 -5.84 -6.84
N GLU A 43 4.57 -6.97 -6.26
CA GLU A 43 4.38 -7.19 -4.84
C GLU A 43 4.95 -6.01 -4.05
N ASP A 44 6.04 -5.45 -4.56
CA ASP A 44 6.69 -4.32 -3.92
C ASP A 44 5.73 -3.12 -3.93
N VAL A 45 5.28 -2.79 -5.13
CA VAL A 45 4.36 -1.67 -5.29
C VAL A 45 3.07 -1.96 -4.54
N ALA A 46 2.69 -3.23 -4.54
CA ALA A 46 1.47 -3.64 -3.86
C ALA A 46 1.56 -3.26 -2.38
N ARG A 47 2.78 -3.29 -1.87
CA ARG A 47 3.02 -2.94 -0.48
C ARG A 47 3.22 -1.43 -0.33
N LYS A 48 3.77 -0.83 -1.37
CA LYS A 48 4.01 0.60 -1.37
C LYS A 48 2.68 1.34 -1.41
N ALA A 49 1.79 0.85 -2.26
CA ALA A 49 0.47 1.45 -2.41
C ALA A 49 -0.33 1.24 -1.12
N LEU A 50 -0.22 0.03 -0.58
CA LEU A 50 -0.92 -0.31 0.64
C LEU A 50 -0.21 0.33 1.84
N LYS A 51 0.92 0.96 1.54
CA LYS A 51 1.71 1.61 2.57
C LYS A 51 1.21 3.05 2.75
N ALA A 52 0.88 3.66 1.63
CA ALA A 52 0.40 5.04 1.65
C ALA A 52 -1.12 5.03 1.83
N SER A 53 -1.76 4.08 1.17
CA SER A 53 -3.20 3.94 1.24
C SER A 53 -3.61 3.39 2.61
N GLY A 54 -3.07 2.23 2.94
CA GLY A 54 -3.36 1.59 4.20
C GLY A 54 -4.41 0.48 4.03
N GLY A 55 -3.99 -0.58 3.37
CA GLY A 55 -4.87 -1.72 3.12
C GLY A 55 -5.81 -1.43 1.96
N ASP A 56 -6.49 -0.29 2.04
CA ASP A 56 -7.42 0.12 1.00
C ASP A 56 -6.83 -0.24 -0.37
N ILE A 57 -7.44 -1.23 -1.01
CA ILE A 57 -6.99 -1.66 -2.31
C ILE A 57 -7.30 -0.58 -3.35
N GLU A 58 -8.57 -0.21 -3.40
CA GLU A 58 -9.01 0.81 -4.33
C GLU A 58 -8.05 2.00 -4.32
N LYS A 59 -7.65 2.39 -3.11
CA LYS A 59 -6.74 3.50 -2.94
C LYS A 59 -5.36 3.10 -3.44
N ALA A 60 -4.93 1.91 -3.03
CA ALA A 60 -3.63 1.40 -3.43
C ALA A 60 -3.55 1.38 -4.97
N THR A 61 -4.65 0.96 -5.57
CA THR A 61 -4.71 0.89 -7.03
C THR A 61 -4.45 2.27 -7.64
N ASP A 62 -4.84 3.30 -6.89
CA ASP A 62 -4.66 4.66 -7.35
C ASP A 62 -3.22 5.10 -7.09
N TRP A 63 -2.79 4.89 -5.85
CA TRP A 63 -1.43 5.26 -5.45
C TRP A 63 -0.48 4.80 -6.54
N VAL A 64 -0.64 3.55 -6.94
CA VAL A 64 0.21 2.99 -7.98
C VAL A 64 0.37 4.00 -9.12
N PHE A 65 -0.76 4.51 -9.57
CA PHE A 65 -0.77 5.49 -10.65
C PHE A 65 -0.39 6.88 -10.12
N ASN A 66 -1.15 7.34 -9.14
CA ASN A 66 -0.91 8.63 -8.54
C ASN A 66 0.60 8.82 -8.34
N ASN A 67 1.20 7.84 -7.69
CA ASN A 67 2.63 7.89 -7.42
C ASN A 67 3.27 6.58 -7.90
N SER A 68 3.87 6.65 -9.08
CA SER A 68 4.53 5.49 -9.66
C SER A 68 6.04 5.59 -9.45
N GLY A 69 6.42 6.43 -8.49
CA GLY A 69 7.82 6.61 -8.18
C GLY A 69 7.99 7.31 -6.82
N PRO A 70 9.19 7.12 -6.22
CA PRO A 70 9.49 7.72 -4.93
C PRO A 70 9.77 9.22 -5.08
N SER A 71 9.74 9.90 -3.95
CA SER A 71 9.98 11.34 -3.94
C SER A 71 11.49 11.62 -4.02
N SER A 72 11.81 12.83 -4.43
CA SER A 72 13.21 13.24 -4.55
C SER A 72 13.48 14.45 -3.67
N GLY A 73 13.95 14.17 -2.46
CA GLY A 73 14.26 15.24 -1.51
C GLY A 73 13.83 14.84 -0.09
N GLY A 1 33.51 -6.52 -15.93
CA GLY A 1 32.08 -6.72 -15.72
C GLY A 1 31.83 -7.76 -14.64
N SER A 2 30.70 -7.61 -13.96
CA SER A 2 30.31 -8.53 -12.91
C SER A 2 28.92 -8.22 -12.42
N SER A 3 28.28 -9.22 -11.84
CA SER A 3 26.93 -9.06 -11.31
C SER A 3 26.55 -10.27 -10.46
N GLY A 4 25.43 -10.14 -9.77
CA GLY A 4 24.95 -11.22 -8.91
C GLY A 4 23.44 -11.08 -8.66
N SER A 5 22.91 -12.03 -7.91
CA SER A 5 21.49 -12.04 -7.60
C SER A 5 21.25 -12.77 -6.28
N SER A 6 20.06 -12.60 -5.75
CA SER A 6 19.69 -13.24 -4.50
C SER A 6 18.18 -13.47 -4.45
N GLY A 7 17.81 -14.61 -3.86
CA GLY A 7 16.40 -14.97 -3.76
C GLY A 7 16.06 -15.39 -2.33
N LEU A 8 15.41 -14.49 -1.62
CA LEU A 8 15.01 -14.76 -0.25
C LEU A 8 13.63 -15.40 -0.23
N LEU A 9 12.98 -15.32 0.92
CA LEU A 9 11.66 -15.89 1.08
C LEU A 9 11.71 -17.39 0.76
N SER A 10 11.56 -18.19 1.82
CA SER A 10 11.60 -19.63 1.66
C SER A 10 10.82 -20.29 2.80
N HIS A 11 10.07 -21.32 2.45
CA HIS A 11 9.28 -22.05 3.42
C HIS A 11 8.13 -21.16 3.91
N MET A 12 7.19 -21.79 4.61
CA MET A 12 6.05 -21.07 5.14
C MET A 12 5.39 -21.86 6.28
N ASP A 13 5.13 -21.14 7.37
CA ASP A 13 4.51 -21.76 8.53
C ASP A 13 4.34 -20.70 9.62
N ASP A 14 3.49 -21.04 10.58
CA ASP A 14 3.23 -20.13 11.69
C ASP A 14 4.10 -20.54 12.88
N PRO A 15 4.77 -19.51 13.49
CA PRO A 15 5.63 -19.74 14.63
C PRO A 15 4.81 -19.99 15.89
N ASP A 16 3.52 -19.69 15.80
CA ASP A 16 2.63 -19.88 16.92
C ASP A 16 1.29 -19.21 16.62
N ILE A 17 0.28 -20.05 16.40
CA ILE A 17 -1.05 -19.56 16.10
C ILE A 17 -1.83 -19.38 17.40
N ASP A 18 -1.29 -18.54 18.27
CA ASP A 18 -1.94 -18.28 19.55
C ASP A 18 -1.06 -17.32 20.37
N ALA A 19 -1.38 -16.04 20.25
CA ALA A 19 -0.64 -15.02 20.97
C ALA A 19 -1.30 -13.65 20.74
N PRO A 20 -1.08 -12.73 21.71
CA PRO A 20 -1.65 -11.39 21.62
C PRO A 20 -0.88 -10.54 20.60
N ILE A 21 -0.78 -11.08 19.40
CA ILE A 21 -0.08 -10.39 18.33
C ILE A 21 1.39 -10.19 18.72
N SER A 22 2.27 -10.49 17.77
CA SER A 22 3.69 -10.36 18.00
C SER A 22 4.12 -8.89 17.82
N HIS A 23 5.24 -8.55 18.43
CA HIS A 23 5.77 -7.21 18.34
C HIS A 23 6.66 -7.09 17.11
N GLN A 24 6.03 -7.16 15.95
CA GLN A 24 6.75 -7.06 14.69
C GLN A 24 5.81 -7.37 13.52
N THR A 25 4.94 -6.42 13.23
CA THR A 25 3.99 -6.58 12.15
C THR A 25 3.53 -5.22 11.63
N SER A 26 3.21 -5.17 10.35
CA SER A 26 2.75 -3.93 9.74
C SER A 26 1.24 -3.97 9.56
N ASP A 27 0.68 -2.85 9.12
CA ASP A 27 -0.74 -2.75 8.90
C ASP A 27 -1.09 -3.27 7.51
N ILE A 28 -0.06 -3.35 6.67
CA ILE A 28 -0.24 -3.84 5.31
C ILE A 28 -0.56 -5.34 5.35
N ASP A 29 -1.82 -5.65 5.10
CA ASP A 29 -2.27 -7.03 5.10
C ASP A 29 -1.60 -7.78 3.94
N GLN A 30 -0.93 -8.86 4.29
CA GLN A 30 -0.25 -9.67 3.28
C GLN A 30 -1.24 -10.10 2.19
N SER A 31 -2.45 -10.41 2.63
CA SER A 31 -3.49 -10.83 1.69
C SER A 31 -3.77 -9.72 0.68
N SER A 32 -3.68 -8.49 1.17
CA SER A 32 -3.92 -7.33 0.33
C SER A 32 -2.87 -7.25 -0.77
N VAL A 33 -1.62 -7.33 -0.34
CA VAL A 33 -0.50 -7.26 -1.27
C VAL A 33 -0.73 -8.26 -2.41
N ASP A 34 -1.32 -9.39 -2.06
CA ASP A 34 -1.61 -10.42 -3.03
C ASP A 34 -2.82 -10.01 -3.87
N THR A 35 -3.72 -9.28 -3.22
CA THR A 35 -4.93 -8.82 -3.89
C THR A 35 -4.57 -7.88 -5.04
N LEU A 36 -3.41 -7.25 -4.92
CA LEU A 36 -2.94 -6.33 -5.93
C LEU A 36 -1.99 -7.06 -6.89
N LEU A 37 -1.55 -8.23 -6.45
CA LEU A 37 -0.64 -9.04 -7.25
C LEU A 37 -1.36 -9.51 -8.51
N SER A 38 -2.63 -9.88 -8.33
CA SER A 38 -3.43 -10.35 -9.44
C SER A 38 -3.87 -9.16 -10.32
N PHE A 39 -4.31 -8.11 -9.65
CA PHE A 39 -4.75 -6.91 -10.34
C PHE A 39 -3.80 -6.57 -11.50
N GLY A 40 -2.52 -6.57 -11.18
CA GLY A 40 -1.50 -6.26 -12.18
C GLY A 40 -0.46 -5.28 -11.63
N PHE A 41 0.13 -5.68 -10.51
CA PHE A 41 1.14 -4.86 -9.87
C PHE A 41 2.20 -5.72 -9.19
N ALA A 42 3.35 -5.12 -8.97
CA ALA A 42 4.46 -5.82 -8.32
C ALA A 42 4.20 -5.89 -6.82
N GLU A 43 4.53 -7.04 -6.24
CA GLU A 43 4.34 -7.24 -4.82
C GLU A 43 4.90 -6.06 -4.03
N ASP A 44 5.97 -5.49 -4.54
CA ASP A 44 6.61 -4.36 -3.89
C ASP A 44 5.66 -3.16 -3.94
N VAL A 45 5.20 -2.84 -5.14
CA VAL A 45 4.29 -1.73 -5.33
C VAL A 45 3.00 -1.98 -4.54
N ALA A 46 2.61 -3.25 -4.51
CA ALA A 46 1.40 -3.64 -3.79
C ALA A 46 1.54 -3.24 -2.33
N ARG A 47 2.78 -3.32 -1.84
CA ARG A 47 3.05 -2.97 -0.45
C ARG A 47 3.27 -1.46 -0.31
N LYS A 48 3.74 -0.86 -1.40
CA LYS A 48 3.99 0.57 -1.41
C LYS A 48 2.65 1.32 -1.42
N ALA A 49 1.73 0.81 -2.21
CA ALA A 49 0.42 1.42 -2.32
C ALA A 49 -0.33 1.23 -1.01
N LEU A 50 -0.21 0.04 -0.45
CA LEU A 50 -0.87 -0.28 0.80
C LEU A 50 -0.08 0.34 1.95
N LYS A 51 1.07 0.90 1.62
CA LYS A 51 1.93 1.52 2.61
C LYS A 51 1.53 2.99 2.76
N ALA A 52 1.13 3.59 1.64
CA ALA A 52 0.74 4.97 1.63
C ALA A 52 -0.79 5.06 1.70
N SER A 53 -1.45 4.12 1.03
CA SER A 53 -2.90 4.08 1.02
C SER A 53 -3.41 3.39 2.28
N GLY A 54 -2.70 2.34 2.67
CA GLY A 54 -3.07 1.59 3.85
C GLY A 54 -3.50 0.17 3.48
N GLY A 55 -4.81 -0.01 3.37
CA GLY A 55 -5.36 -1.30 3.02
C GLY A 55 -6.31 -1.19 1.81
N ASP A 56 -7.11 -0.13 1.82
CA ASP A 56 -8.04 0.11 0.74
C ASP A 56 -7.35 -0.14 -0.60
N ILE A 57 -7.54 -1.34 -1.12
CA ILE A 57 -6.95 -1.72 -2.39
C ILE A 57 -7.26 -0.64 -3.43
N GLU A 58 -8.53 -0.30 -3.52
CA GLU A 58 -8.97 0.72 -4.46
C GLU A 58 -8.07 1.96 -4.37
N LYS A 59 -7.71 2.29 -3.14
CA LYS A 59 -6.85 3.44 -2.90
C LYS A 59 -5.42 3.12 -3.34
N ALA A 60 -5.00 1.90 -3.01
CA ALA A 60 -3.66 1.46 -3.36
C ALA A 60 -3.52 1.43 -4.89
N THR A 61 -4.58 0.95 -5.53
CA THR A 61 -4.58 0.87 -6.98
C THR A 61 -4.37 2.24 -7.60
N ASP A 62 -4.83 3.25 -6.87
CA ASP A 62 -4.70 4.62 -7.34
C ASP A 62 -3.27 5.11 -7.08
N TRP A 63 -2.83 4.94 -5.85
CA TRP A 63 -1.49 5.35 -5.46
C TRP A 63 -0.52 4.88 -6.55
N VAL A 64 -0.65 3.61 -6.91
CA VAL A 64 0.21 3.03 -7.92
C VAL A 64 0.37 4.03 -9.08
N PHE A 65 -0.76 4.54 -9.53
CA PHE A 65 -0.76 5.50 -10.62
C PHE A 65 -0.45 6.91 -10.12
N ASN A 66 -1.30 7.37 -9.20
CA ASN A 66 -1.13 8.70 -8.63
C ASN A 66 0.13 8.71 -7.75
N ASN A 67 1.24 9.11 -8.36
CA ASN A 67 2.50 9.17 -7.64
C ASN A 67 2.96 7.75 -7.31
N SER A 68 4.15 7.42 -7.79
CA SER A 68 4.71 6.11 -7.55
C SER A 68 6.03 6.23 -6.77
N GLY A 69 6.42 5.13 -6.14
CA GLY A 69 7.64 5.11 -5.37
C GLY A 69 8.86 5.41 -6.26
N PRO A 70 9.98 5.76 -5.58
CA PRO A 70 11.21 6.08 -6.29
C PRO A 70 11.88 4.81 -6.82
N SER A 71 12.72 4.99 -7.83
CA SER A 71 13.43 3.86 -8.42
C SER A 71 12.43 2.82 -8.91
N SER A 72 12.12 2.90 -10.20
CA SER A 72 11.18 1.97 -10.80
C SER A 72 11.04 2.25 -12.29
N GLY A 73 11.35 1.25 -13.09
CA GLY A 73 11.26 1.38 -14.54
C GLY A 73 11.49 0.03 -15.22
N GLY A 1 -14.90 -55.23 41.45
CA GLY A 1 -14.67 -55.17 40.02
C GLY A 1 -13.72 -54.02 39.66
N SER A 2 -13.41 -53.93 38.38
CA SER A 2 -12.52 -52.88 37.90
C SER A 2 -13.17 -52.14 36.73
N SER A 3 -12.55 -51.04 36.35
CA SER A 3 -13.05 -50.24 35.24
C SER A 3 -11.88 -49.66 34.44
N GLY A 4 -11.04 -48.91 35.13
CA GLY A 4 -9.88 -48.29 34.50
C GLY A 4 -10.06 -46.78 34.38
N SER A 5 -9.23 -46.18 33.54
CA SER A 5 -9.29 -44.75 33.33
C SER A 5 -8.20 -44.32 32.35
N SER A 6 -8.62 -44.08 31.12
CA SER A 6 -7.70 -43.67 30.08
C SER A 6 -8.47 -43.13 28.86
N GLY A 7 -7.79 -42.32 28.07
CA GLY A 7 -8.40 -41.75 26.89
C GLY A 7 -7.75 -40.40 26.54
N LEU A 8 -8.43 -39.67 25.67
CA LEU A 8 -7.93 -38.37 25.25
C LEU A 8 -9.12 -37.42 25.00
N LEU A 9 -9.02 -36.24 25.59
CA LEU A 9 -10.08 -35.25 25.45
C LEU A 9 -9.65 -33.96 26.14
N SER A 10 -9.98 -32.84 25.50
CA SER A 10 -9.63 -31.53 26.03
C SER A 10 -8.10 -31.38 26.11
N HIS A 11 -7.66 -30.14 26.04
CA HIS A 11 -6.25 -29.84 26.10
C HIS A 11 -5.98 -28.82 27.21
N MET A 12 -4.70 -28.68 27.54
CA MET A 12 -4.30 -27.74 28.57
C MET A 12 -4.41 -26.30 28.08
N ASP A 13 -4.23 -26.13 26.78
CA ASP A 13 -4.31 -24.80 26.18
C ASP A 13 -3.25 -23.90 26.81
N ASP A 14 -2.98 -22.80 26.13
CA ASP A 14 -2.00 -21.85 26.61
C ASP A 14 -2.34 -21.45 28.05
N PRO A 15 -1.29 -21.45 28.92
CA PRO A 15 -1.48 -21.09 30.32
C PRO A 15 -1.66 -19.58 30.47
N ASP A 16 -1.38 -18.86 29.39
CA ASP A 16 -1.50 -17.42 29.40
C ASP A 16 -1.25 -16.88 27.99
N ILE A 17 -2.19 -17.18 27.10
CA ILE A 17 -2.08 -16.75 25.72
C ILE A 17 -0.82 -17.34 25.09
N ASP A 18 -1.03 -18.08 24.01
CA ASP A 18 0.08 -18.71 23.31
C ASP A 18 0.77 -17.68 22.42
N ALA A 19 1.30 -16.64 23.06
CA ALA A 19 1.98 -15.59 22.34
C ALA A 19 0.95 -14.60 21.79
N PRO A 20 0.68 -13.55 22.61
CA PRO A 20 -0.28 -12.53 22.22
C PRO A 20 0.30 -11.60 21.15
N ILE A 21 0.79 -12.21 20.08
CA ILE A 21 1.37 -11.45 18.99
C ILE A 21 0.75 -11.91 17.66
N SER A 22 1.54 -11.79 16.61
CA SER A 22 1.08 -12.19 15.29
C SER A 22 2.28 -12.34 14.35
N HIS A 23 2.22 -13.39 13.54
CA HIS A 23 3.29 -13.66 12.59
C HIS A 23 3.01 -12.91 11.28
N GLN A 24 3.14 -11.59 11.35
CA GLN A 24 2.90 -10.76 10.19
C GLN A 24 3.77 -9.50 10.26
N THR A 25 4.40 -9.18 9.14
CA THR A 25 5.26 -8.01 9.07
C THR A 25 4.50 -6.85 8.41
N SER A 26 4.67 -5.67 8.99
CA SER A 26 4.02 -4.47 8.48
C SER A 26 2.50 -4.63 8.59
N ASP A 27 1.85 -3.51 8.88
CA ASP A 27 0.41 -3.50 9.01
C ASP A 27 -0.23 -3.88 7.68
N ILE A 28 0.56 -3.75 6.62
CA ILE A 28 0.10 -4.07 5.29
C ILE A 28 -0.27 -5.55 5.22
N ASP A 29 -1.56 -5.82 5.26
CA ASP A 29 -2.05 -7.18 5.20
C ASP A 29 -1.41 -7.90 4.02
N GLN A 30 -1.04 -9.15 4.25
CA GLN A 30 -0.42 -9.96 3.22
C GLN A 30 -1.42 -10.24 2.09
N SER A 31 -2.61 -10.67 2.50
CA SER A 31 -3.66 -10.98 1.55
C SER A 31 -3.86 -9.81 0.59
N SER A 32 -3.70 -8.60 1.13
CA SER A 32 -3.87 -7.40 0.35
C SER A 32 -2.77 -7.32 -0.72
N VAL A 33 -1.54 -7.33 -0.25
CA VAL A 33 -0.39 -7.27 -1.15
C VAL A 33 -0.63 -8.18 -2.35
N ASP A 34 -1.24 -9.32 -2.06
CA ASP A 34 -1.53 -10.29 -3.10
C ASP A 34 -2.74 -9.81 -3.92
N THR A 35 -3.73 -9.31 -3.20
CA THR A 35 -4.94 -8.81 -3.83
C THR A 35 -4.58 -7.87 -4.99
N LEU A 36 -3.44 -7.22 -4.84
CA LEU A 36 -2.98 -6.30 -5.87
C LEU A 36 -2.11 -7.05 -6.88
N LEU A 37 -1.52 -8.13 -6.40
CA LEU A 37 -0.66 -8.94 -7.25
C LEU A 37 -1.47 -9.48 -8.43
N SER A 38 -2.70 -9.88 -8.13
CA SER A 38 -3.59 -10.42 -9.14
C SER A 38 -4.01 -9.30 -10.11
N PHE A 39 -4.38 -8.17 -9.51
CA PHE A 39 -4.81 -7.02 -10.30
C PHE A 39 -3.85 -6.76 -11.47
N GLY A 40 -2.56 -6.72 -11.13
CA GLY A 40 -1.54 -6.48 -12.13
C GLY A 40 -0.50 -5.48 -11.63
N PHE A 41 0.11 -5.82 -10.51
CA PHE A 41 1.12 -4.96 -9.92
C PHE A 41 2.24 -5.79 -9.28
N ALA A 42 3.34 -5.11 -9.00
CA ALA A 42 4.49 -5.77 -8.38
C ALA A 42 4.21 -5.98 -6.89
N GLU A 43 4.94 -6.91 -6.30
CA GLU A 43 4.78 -7.22 -4.90
C GLU A 43 5.25 -6.04 -4.04
N ASP A 44 6.23 -5.32 -4.57
CA ASP A 44 6.78 -4.17 -3.87
C ASP A 44 5.77 -3.02 -3.94
N VAL A 45 5.37 -2.69 -5.16
CA VAL A 45 4.42 -1.61 -5.37
C VAL A 45 3.13 -1.92 -4.60
N ALA A 46 2.79 -3.20 -4.58
CA ALA A 46 1.59 -3.64 -3.89
C ALA A 46 1.67 -3.23 -2.41
N ARG A 47 2.89 -3.29 -1.88
CA ARG A 47 3.11 -2.93 -0.49
C ARG A 47 3.27 -1.41 -0.35
N LYS A 48 3.83 -0.81 -1.39
CA LYS A 48 4.05 0.63 -1.40
C LYS A 48 2.69 1.33 -1.42
N ALA A 49 1.81 0.82 -2.26
CA ALA A 49 0.47 1.39 -2.40
C ALA A 49 -0.31 1.13 -1.11
N LEU A 50 -0.16 -0.08 -0.59
CA LEU A 50 -0.84 -0.46 0.64
C LEU A 50 -0.14 0.19 1.83
N LYS A 51 0.94 0.89 1.54
CA LYS A 51 1.71 1.55 2.58
C LYS A 51 1.16 2.96 2.78
N ALA A 52 0.79 3.60 1.68
CA ALA A 52 0.26 4.94 1.72
C ALA A 52 -1.26 4.88 1.86
N SER A 53 -1.84 3.91 1.15
CA SER A 53 -3.29 3.73 1.18
C SER A 53 -3.72 3.24 2.57
N GLY A 54 -3.19 2.08 2.94
CA GLY A 54 -3.51 1.50 4.23
C GLY A 54 -4.60 0.42 4.09
N GLY A 55 -4.26 -0.61 3.34
CA GLY A 55 -5.19 -1.71 3.13
C GLY A 55 -6.14 -1.40 1.96
N ASP A 56 -6.65 -0.18 1.96
CA ASP A 56 -7.57 0.25 0.92
C ASP A 56 -6.93 -0.03 -0.44
N ILE A 57 -7.49 -1.01 -1.13
CA ILE A 57 -7.00 -1.38 -2.45
C ILE A 57 -7.37 -0.28 -3.45
N GLU A 58 -8.55 0.28 -3.26
CA GLU A 58 -9.04 1.34 -4.13
C GLU A 58 -8.05 2.50 -4.14
N LYS A 59 -7.40 2.70 -3.00
CA LYS A 59 -6.43 3.78 -2.87
C LYS A 59 -5.05 3.27 -3.31
N ALA A 60 -4.84 1.98 -3.15
CA ALA A 60 -3.58 1.36 -3.52
C ALA A 60 -3.49 1.28 -5.05
N THR A 61 -4.63 0.97 -5.66
CA THR A 61 -4.70 0.85 -7.10
C THR A 61 -4.48 2.21 -7.76
N ASP A 62 -4.90 3.24 -7.04
CA ASP A 62 -4.76 4.60 -7.54
C ASP A 62 -3.34 5.10 -7.25
N TRP A 63 -2.90 4.85 -6.03
CA TRP A 63 -1.57 5.27 -5.61
C TRP A 63 -0.58 4.83 -6.68
N VAL A 64 -0.66 3.56 -7.04
CA VAL A 64 0.22 3.01 -8.06
C VAL A 64 0.33 3.99 -9.22
N PHE A 65 -0.81 4.56 -9.58
CA PHE A 65 -0.85 5.52 -10.67
C PHE A 65 -0.47 6.92 -10.19
N ASN A 66 -1.22 7.41 -9.21
CA ASN A 66 -0.98 8.72 -8.65
C ASN A 66 0.53 8.92 -8.48
N ASN A 67 1.15 7.94 -7.85
CA ASN A 67 2.59 7.99 -7.62
C ASN A 67 3.32 7.53 -8.87
N SER A 68 4.38 8.27 -9.21
CA SER A 68 5.17 7.94 -10.38
C SER A 68 6.52 8.66 -10.31
N GLY A 69 7.57 7.92 -10.68
CA GLY A 69 8.91 8.48 -10.66
C GLY A 69 9.16 9.36 -11.89
N PRO A 70 10.43 9.31 -12.37
CA PRO A 70 10.81 10.10 -13.54
C PRO A 70 10.26 9.47 -14.82
N SER A 71 8.99 9.72 -15.06
CA SER A 71 8.32 9.19 -16.24
C SER A 71 8.21 7.66 -16.14
N SER A 72 7.13 7.14 -16.72
CA SER A 72 6.89 5.72 -16.70
C SER A 72 5.88 5.34 -17.78
N GLY A 73 5.99 4.10 -18.24
CA GLY A 73 5.10 3.61 -19.28
C GLY A 73 5.31 4.36 -20.59
N GLY A 1 27.97 34.52 -4.78
CA GLY A 1 26.90 35.50 -4.78
C GLY A 1 25.56 34.86 -4.43
N SER A 2 25.04 34.08 -5.38
CA SER A 2 23.77 33.40 -5.18
C SER A 2 23.44 32.56 -6.42
N SER A 3 22.88 31.39 -6.16
CA SER A 3 22.50 30.49 -7.24
C SER A 3 21.59 29.39 -6.70
N GLY A 4 20.31 29.71 -6.61
CA GLY A 4 19.32 28.77 -6.12
C GLY A 4 18.53 28.15 -7.27
N SER A 5 17.23 28.06 -7.08
CA SER A 5 16.35 27.49 -8.09
C SER A 5 16.96 26.18 -8.62
N SER A 6 16.59 25.09 -7.96
CA SER A 6 17.07 23.78 -8.35
C SER A 6 16.46 22.71 -7.46
N GLY A 7 16.69 22.85 -6.16
CA GLY A 7 16.17 21.90 -5.20
C GLY A 7 16.84 20.52 -5.36
N LEU A 8 16.03 19.49 -5.17
CA LEU A 8 16.53 18.13 -5.30
C LEU A 8 15.36 17.15 -5.17
N LEU A 9 15.51 16.02 -5.84
CA LEU A 9 14.47 15.00 -5.83
C LEU A 9 15.08 13.65 -6.24
N SER A 10 15.16 12.75 -5.26
CA SER A 10 15.71 11.43 -5.51
C SER A 10 14.72 10.36 -5.07
N HIS A 11 14.75 9.24 -5.78
CA HIS A 11 13.87 8.13 -5.47
C HIS A 11 14.57 6.81 -5.80
N MET A 12 15.41 6.37 -4.88
CA MET A 12 16.14 5.13 -5.05
C MET A 12 15.50 4.00 -4.25
N ASP A 13 15.60 2.80 -4.80
CA ASP A 13 15.04 1.63 -4.14
C ASP A 13 15.92 0.41 -4.44
N ASP A 14 15.87 -0.55 -3.54
CA ASP A 14 16.65 -1.77 -3.70
C ASP A 14 16.08 -2.87 -2.79
N PRO A 15 16.05 -4.10 -3.33
CA PRO A 15 15.52 -5.24 -2.59
C PRO A 15 16.53 -5.69 -1.52
N ASP A 16 17.71 -5.11 -1.58
CA ASP A 16 18.75 -5.45 -0.63
C ASP A 16 19.55 -4.19 -0.28
N ILE A 17 19.24 -3.64 0.88
CA ILE A 17 19.91 -2.43 1.35
C ILE A 17 20.98 -2.81 2.37
N ASP A 18 21.04 -2.01 3.43
CA ASP A 18 22.02 -2.26 4.48
C ASP A 18 21.28 -2.62 5.78
N ALA A 19 20.61 -3.77 5.74
CA ALA A 19 19.88 -4.23 6.90
C ALA A 19 19.42 -5.68 6.66
N PRO A 20 18.76 -6.25 7.70
CA PRO A 20 18.27 -7.61 7.61
C PRO A 20 17.03 -7.70 6.72
N ILE A 21 16.29 -8.79 6.88
CA ILE A 21 15.10 -9.01 6.10
C ILE A 21 13.90 -9.21 7.04
N SER A 22 12.93 -9.98 6.57
CA SER A 22 11.75 -10.26 7.36
C SER A 22 10.94 -8.98 7.56
N HIS A 23 11.47 -8.12 8.42
CA HIS A 23 10.81 -6.86 8.72
C HIS A 23 9.46 -7.12 9.39
N GLN A 24 8.88 -6.05 9.91
CA GLN A 24 7.60 -6.16 10.58
C GLN A 24 7.04 -4.77 10.88
N THR A 25 6.52 -4.13 9.84
CA THR A 25 5.96 -2.80 9.98
C THR A 25 4.70 -2.67 9.14
N SER A 26 3.96 -1.60 9.40
CA SER A 26 2.72 -1.34 8.67
C SER A 26 1.75 -2.49 8.88
N ASP A 27 0.47 -2.17 8.69
CA ASP A 27 -0.58 -3.17 8.85
C ASP A 27 -1.02 -3.68 7.49
N ILE A 28 -0.12 -3.51 6.51
CA ILE A 28 -0.40 -3.95 5.16
C ILE A 28 -0.74 -5.44 5.16
N ASP A 29 -2.03 -5.72 5.01
CA ASP A 29 -2.50 -7.10 4.99
C ASP A 29 -1.77 -7.87 3.90
N GLN A 30 -1.37 -9.08 4.23
CA GLN A 30 -0.67 -9.93 3.29
C GLN A 30 -1.58 -10.28 2.11
N SER A 31 -2.86 -10.44 2.42
CA SER A 31 -3.83 -10.78 1.39
C SER A 31 -4.01 -9.59 0.43
N SER A 32 -3.91 -8.40 0.99
CA SER A 32 -4.06 -7.19 0.20
C SER A 32 -2.92 -7.10 -0.83
N VAL A 33 -1.70 -7.22 -0.32
CA VAL A 33 -0.53 -7.15 -1.18
C VAL A 33 -0.73 -8.06 -2.39
N ASP A 34 -1.38 -9.19 -2.13
CA ASP A 34 -1.65 -10.16 -3.19
C ASP A 34 -2.83 -9.67 -4.04
N THR A 35 -3.76 -9.00 -3.38
CA THR A 35 -4.93 -8.48 -4.05
C THR A 35 -4.52 -7.55 -5.19
N LEU A 36 -3.32 -6.99 -5.06
CA LEU A 36 -2.80 -6.08 -6.06
C LEU A 36 -1.91 -6.87 -7.04
N LEU A 37 -1.50 -8.04 -6.60
CA LEU A 37 -0.65 -8.89 -7.41
C LEU A 37 -1.45 -9.41 -8.60
N SER A 38 -2.59 -10.02 -8.29
CA SER A 38 -3.46 -10.56 -9.32
C SER A 38 -3.85 -9.47 -10.31
N PHE A 39 -4.25 -8.33 -9.76
CA PHE A 39 -4.65 -7.20 -10.58
C PHE A 39 -3.64 -6.94 -11.69
N GLY A 40 -2.37 -6.93 -11.30
CA GLY A 40 -1.30 -6.70 -12.26
C GLY A 40 -0.35 -5.61 -11.75
N PHE A 41 0.17 -5.83 -10.55
CA PHE A 41 1.09 -4.88 -9.95
C PHE A 41 2.26 -5.60 -9.27
N ALA A 42 3.36 -4.88 -9.12
CA ALA A 42 4.54 -5.44 -8.49
C ALA A 42 4.23 -5.72 -7.01
N GLU A 43 4.83 -6.80 -6.52
CA GLU A 43 4.62 -7.19 -5.14
C GLU A 43 5.09 -6.08 -4.19
N ASP A 44 6.04 -5.30 -4.68
CA ASP A 44 6.58 -4.20 -3.90
C ASP A 44 5.58 -3.03 -3.92
N VAL A 45 5.21 -2.62 -5.12
CA VAL A 45 4.27 -1.53 -5.28
C VAL A 45 2.99 -1.84 -4.49
N ALA A 46 2.63 -3.11 -4.47
CA ALA A 46 1.44 -3.54 -3.76
C ALA A 46 1.58 -3.17 -2.28
N ARG A 47 2.80 -3.25 -1.79
CA ARG A 47 3.07 -2.92 -0.40
C ARG A 47 3.29 -1.41 -0.25
N LYS A 48 3.74 -0.80 -1.33
CA LYS A 48 3.99 0.63 -1.33
C LYS A 48 2.66 1.38 -1.42
N ALA A 49 1.77 0.85 -2.25
CA ALA A 49 0.46 1.44 -2.44
C ALA A 49 -0.36 1.27 -1.15
N LEU A 50 -0.26 0.08 -0.58
CA LEU A 50 -0.98 -0.22 0.64
C LEU A 50 -0.26 0.41 1.84
N LYS A 51 0.87 1.04 1.54
CA LYS A 51 1.67 1.69 2.56
C LYS A 51 1.16 3.12 2.77
N ALA A 52 0.74 3.73 1.67
CA ALA A 52 0.24 5.09 1.72
C ALA A 52 -1.29 5.05 1.83
N SER A 53 -1.88 4.06 1.19
CA SER A 53 -3.33 3.91 1.22
C SER A 53 -3.77 3.34 2.57
N GLY A 54 -3.18 2.22 2.93
CA GLY A 54 -3.51 1.57 4.19
C GLY A 54 -4.63 0.55 4.01
N GLY A 55 -4.22 -0.69 3.81
CA GLY A 55 -5.18 -1.78 3.63
C GLY A 55 -6.38 -1.31 2.80
N ASP A 56 -6.11 -0.36 1.91
CA ASP A 56 -7.14 0.18 1.04
C ASP A 56 -6.77 -0.10 -0.42
N ILE A 57 -6.98 -1.34 -0.81
CA ILE A 57 -6.69 -1.75 -2.18
C ILE A 57 -7.12 -0.65 -3.14
N GLU A 58 -8.38 -0.26 -3.02
CA GLU A 58 -8.93 0.78 -3.88
C GLU A 58 -7.95 1.96 -3.97
N LYS A 59 -7.57 2.46 -2.80
CA LYS A 59 -6.65 3.58 -2.73
C LYS A 59 -5.28 3.14 -3.22
N ALA A 60 -4.93 1.90 -2.88
CA ALA A 60 -3.65 1.34 -3.27
C ALA A 60 -3.56 1.30 -4.80
N THR A 61 -4.71 1.08 -5.42
CA THR A 61 -4.78 1.02 -6.87
C THR A 61 -4.60 2.41 -7.47
N ASP A 62 -4.66 3.41 -6.60
CA ASP A 62 -4.51 4.79 -7.04
C ASP A 62 -3.06 5.23 -6.82
N TRP A 63 -2.48 4.71 -5.74
CA TRP A 63 -1.11 5.04 -5.39
C TRP A 63 -0.21 4.56 -6.54
N VAL A 64 -0.59 3.43 -7.12
CA VAL A 64 0.16 2.85 -8.21
C VAL A 64 0.18 3.83 -9.39
N PHE A 65 -1.02 4.17 -9.85
CA PHE A 65 -1.15 5.09 -10.96
C PHE A 65 -0.66 6.50 -10.58
N ASN A 66 -1.01 6.89 -9.36
CA ASN A 66 -0.61 8.20 -8.86
C ASN A 66 0.83 8.49 -9.30
N ASN A 67 1.70 7.55 -9.00
CA ASN A 67 3.11 7.69 -9.36
C ASN A 67 3.32 7.22 -10.79
N SER A 68 2.59 6.18 -11.14
CA SER A 68 2.69 5.62 -12.48
C SER A 68 1.73 6.35 -13.43
N GLY A 69 2.28 7.30 -14.17
CA GLY A 69 1.49 8.06 -15.11
C GLY A 69 1.20 9.47 -14.56
N PRO A 70 0.90 10.40 -15.50
CA PRO A 70 0.60 11.77 -15.13
C PRO A 70 -0.80 11.89 -14.52
N SER A 71 -0.86 12.58 -13.39
CA SER A 71 -2.13 12.76 -12.70
C SER A 71 -2.81 14.03 -13.20
N SER A 72 -3.95 13.83 -13.85
CA SER A 72 -4.71 14.96 -14.38
C SER A 72 -6.04 15.09 -13.64
N GLY A 73 -6.81 14.00 -13.67
CA GLY A 73 -8.10 13.97 -13.02
C GLY A 73 -7.97 13.51 -11.57
N GLY A 1 -5.30 45.51 -8.21
CA GLY A 1 -4.59 44.25 -8.25
C GLY A 1 -3.92 44.03 -9.61
N SER A 2 -4.06 42.81 -10.12
CA SER A 2 -3.48 42.46 -11.40
C SER A 2 -1.96 42.50 -11.32
N SER A 3 -1.33 42.05 -12.38
CA SER A 3 0.13 42.00 -12.44
C SER A 3 0.67 41.08 -11.35
N GLY A 4 1.93 40.70 -11.51
CA GLY A 4 2.58 39.84 -10.55
C GLY A 4 3.56 38.89 -11.24
N SER A 5 4.28 38.13 -10.42
CA SER A 5 5.25 37.18 -10.95
C SER A 5 5.34 35.96 -10.02
N SER A 6 5.70 36.22 -8.77
CA SER A 6 5.82 35.17 -7.79
C SER A 6 6.84 34.12 -8.28
N GLY A 7 7.28 33.30 -7.34
CA GLY A 7 8.25 32.27 -7.65
C GLY A 7 7.74 30.89 -7.22
N LEU A 8 7.60 30.01 -8.21
CA LEU A 8 7.12 28.66 -7.95
C LEU A 8 8.32 27.73 -7.73
N LEU A 9 8.06 26.45 -7.89
CA LEU A 9 9.11 25.45 -7.72
C LEU A 9 9.63 25.51 -6.28
N SER A 10 8.74 25.24 -5.34
CA SER A 10 9.10 25.26 -3.95
C SER A 10 7.90 24.86 -3.09
N HIS A 11 8.08 23.76 -2.36
CA HIS A 11 7.02 23.26 -1.49
C HIS A 11 7.63 22.45 -0.36
N MET A 12 8.32 21.38 -0.73
CA MET A 12 8.96 20.52 0.25
C MET A 12 9.72 19.38 -0.43
N ASP A 13 10.57 18.73 0.35
CA ASP A 13 11.36 17.62 -0.16
C ASP A 13 11.19 16.41 0.76
N ASP A 14 10.81 15.29 0.15
CA ASP A 14 10.61 14.07 0.89
C ASP A 14 10.10 12.98 -0.06
N PRO A 15 10.35 11.70 0.35
CA PRO A 15 9.92 10.56 -0.45
C PRO A 15 8.42 10.35 -0.34
N ASP A 16 7.83 11.01 0.64
CA ASP A 16 6.40 10.90 0.85
C ASP A 16 5.88 12.17 1.55
N ILE A 17 5.51 13.13 0.72
CA ILE A 17 5.00 14.39 1.24
C ILE A 17 3.50 14.28 1.49
N ASP A 18 3.14 13.32 2.32
CA ASP A 18 1.73 13.09 2.65
C ASP A 18 1.62 11.88 3.57
N ALA A 19 2.29 11.97 4.71
CA ALA A 19 2.27 10.89 5.68
C ALA A 19 2.89 11.37 6.99
N PRO A 20 2.03 11.95 7.87
CA PRO A 20 2.47 12.46 9.15
C PRO A 20 2.75 11.32 10.13
N ILE A 21 3.58 10.39 9.68
CA ILE A 21 3.94 9.24 10.50
C ILE A 21 5.46 9.14 10.59
N SER A 22 5.93 7.90 10.75
CA SER A 22 7.35 7.65 10.84
C SER A 22 7.61 6.15 10.93
N HIS A 23 7.02 5.53 11.94
CA HIS A 23 7.18 4.10 12.15
C HIS A 23 6.05 3.35 11.44
N GLN A 24 4.84 3.57 11.94
CA GLN A 24 3.67 2.93 11.35
C GLN A 24 3.56 1.48 11.85
N THR A 25 2.34 1.07 12.10
CA THR A 25 2.09 -0.28 12.58
C THR A 25 2.03 -1.26 11.40
N SER A 26 2.30 -0.73 10.22
CA SER A 26 2.28 -1.53 9.01
C SER A 26 1.11 -2.52 9.06
N ASP A 27 -0.07 -2.01 8.74
CA ASP A 27 -1.27 -2.83 8.74
C ASP A 27 -1.46 -3.46 7.36
N ILE A 28 -0.39 -3.40 6.57
CA ILE A 28 -0.42 -3.97 5.24
C ILE A 28 -0.68 -5.47 5.32
N ASP A 29 -1.94 -5.85 5.10
CA ASP A 29 -2.32 -7.24 5.15
C ASP A 29 -1.70 -7.98 3.96
N GLN A 30 -0.98 -9.05 4.29
CA GLN A 30 -0.32 -9.85 3.26
C GLN A 30 -1.32 -10.22 2.16
N SER A 31 -2.57 -10.44 2.58
CA SER A 31 -3.61 -10.80 1.64
C SER A 31 -3.86 -9.65 0.66
N SER A 32 -3.72 -8.44 1.18
CA SER A 32 -3.92 -7.26 0.36
C SER A 32 -2.85 -7.18 -0.72
N VAL A 33 -1.60 -7.25 -0.28
CA VAL A 33 -0.47 -7.19 -1.21
C VAL A 33 -0.71 -8.16 -2.36
N ASP A 34 -1.33 -9.29 -2.02
CA ASP A 34 -1.63 -10.31 -3.02
C ASP A 34 -2.83 -9.87 -3.85
N THR A 35 -3.72 -9.13 -3.21
CA THR A 35 -4.91 -8.63 -3.89
C THR A 35 -4.52 -7.69 -5.02
N LEU A 36 -3.34 -7.11 -4.91
CA LEU A 36 -2.85 -6.19 -5.91
C LEU A 36 -1.93 -6.95 -6.88
N LEU A 37 -1.51 -8.12 -6.44
CA LEU A 37 -0.63 -8.96 -7.25
C LEU A 37 -1.37 -9.38 -8.52
N SER A 38 -2.62 -9.80 -8.32
CA SER A 38 -3.44 -10.25 -9.43
C SER A 38 -3.86 -9.05 -10.29
N PHE A 39 -4.33 -8.01 -9.61
CA PHE A 39 -4.75 -6.81 -10.30
C PHE A 39 -3.81 -6.47 -11.45
N GLY A 40 -2.52 -6.49 -11.15
CA GLY A 40 -1.50 -6.18 -12.14
C GLY A 40 -0.45 -5.23 -11.58
N PHE A 41 0.15 -5.63 -10.47
CA PHE A 41 1.17 -4.82 -9.83
C PHE A 41 2.21 -5.70 -9.14
N ALA A 42 3.38 -5.13 -8.95
CA ALA A 42 4.47 -5.84 -8.29
C ALA A 42 4.19 -5.91 -6.79
N GLU A 43 4.63 -7.02 -6.20
CA GLU A 43 4.43 -7.22 -4.77
C GLU A 43 4.98 -6.03 -3.98
N ASP A 44 6.05 -5.45 -4.51
CA ASP A 44 6.67 -4.31 -3.88
C ASP A 44 5.72 -3.12 -3.92
N VAL A 45 5.26 -2.80 -5.12
CA VAL A 45 4.35 -1.69 -5.31
C VAL A 45 3.06 -1.97 -4.54
N ALA A 46 2.68 -3.25 -4.51
CA ALA A 46 1.48 -3.66 -3.82
C ALA A 46 1.56 -3.24 -2.35
N ARG A 47 2.78 -3.28 -1.83
CA ARG A 47 3.02 -2.92 -0.44
C ARG A 47 3.19 -1.40 -0.32
N LYS A 48 3.77 -0.82 -1.36
CA LYS A 48 4.00 0.61 -1.38
C LYS A 48 2.66 1.35 -1.39
N ALA A 49 1.76 0.84 -2.23
CA ALA A 49 0.44 1.44 -2.34
C ALA A 49 -0.34 1.22 -1.04
N LEU A 50 -0.20 0.02 -0.50
CA LEU A 50 -0.88 -0.33 0.74
C LEU A 50 -0.12 0.29 1.91
N LYS A 51 1.05 0.84 1.60
CA LYS A 51 1.87 1.46 2.62
C LYS A 51 1.48 2.93 2.76
N ALA A 52 1.17 3.54 1.63
CA ALA A 52 0.77 4.94 1.61
C ALA A 52 -0.75 5.04 1.76
N SER A 53 -1.43 4.07 1.14
CA SER A 53 -2.88 4.04 1.19
C SER A 53 -3.35 3.31 2.46
N GLY A 54 -2.69 2.19 2.72
CA GLY A 54 -3.03 1.39 3.89
C GLY A 54 -3.48 -0.02 3.48
N GLY A 55 -4.79 -0.17 3.37
CA GLY A 55 -5.36 -1.45 2.98
C GLY A 55 -6.31 -1.28 1.79
N ASP A 56 -7.08 -0.21 1.83
CA ASP A 56 -8.03 0.07 0.76
C ASP A 56 -7.37 -0.19 -0.59
N ILE A 57 -7.60 -1.38 -1.12
CA ILE A 57 -7.03 -1.75 -2.40
C ILE A 57 -7.33 -0.66 -3.43
N GLU A 58 -8.60 -0.29 -3.48
CA GLU A 58 -9.04 0.73 -4.42
C GLU A 58 -8.14 1.96 -4.32
N LYS A 59 -7.71 2.24 -3.10
CA LYS A 59 -6.85 3.39 -2.85
C LYS A 59 -5.43 3.06 -3.33
N ALA A 60 -4.98 1.87 -2.96
CA ALA A 60 -3.64 1.42 -3.34
C ALA A 60 -3.56 1.33 -4.87
N THR A 61 -4.69 0.98 -5.47
CA THR A 61 -4.76 0.86 -6.92
C THR A 61 -4.49 2.21 -7.59
N ASP A 62 -4.92 3.27 -6.91
CA ASP A 62 -4.72 4.61 -7.42
C ASP A 62 -3.29 5.06 -7.14
N TRP A 63 -2.87 4.83 -5.91
CA TRP A 63 -1.52 5.21 -5.50
C TRP A 63 -0.56 4.78 -6.61
N VAL A 64 -0.68 3.52 -7.00
CA VAL A 64 0.18 2.97 -8.03
C VAL A 64 0.27 3.97 -9.20
N PHE A 65 -0.90 4.46 -9.60
CA PHE A 65 -0.98 5.41 -10.69
C PHE A 65 -0.52 6.80 -10.23
N ASN A 66 -1.19 7.29 -9.20
CA ASN A 66 -0.88 8.60 -8.67
C ASN A 66 0.64 8.79 -8.63
N ASN A 67 1.30 7.82 -8.02
CA ASN A 67 2.75 7.87 -7.92
C ASN A 67 3.29 6.44 -7.77
N SER A 68 4.46 6.20 -8.36
CA SER A 68 5.08 4.90 -8.29
C SER A 68 6.52 4.99 -8.78
N GLY A 69 7.38 4.15 -8.20
CA GLY A 69 8.77 4.12 -8.57
C GLY A 69 9.09 2.92 -9.48
N PRO A 70 10.40 2.67 -9.67
CA PRO A 70 10.85 1.56 -10.51
C PRO A 70 10.66 0.23 -9.79
N SER A 71 10.38 -0.80 -10.57
CA SER A 71 10.17 -2.13 -10.03
C SER A 71 9.93 -3.12 -11.16
N SER A 72 8.89 -2.84 -11.94
CA SER A 72 8.53 -3.70 -13.06
C SER A 72 7.32 -3.11 -13.79
N GLY A 73 7.55 -2.78 -15.05
CA GLY A 73 6.49 -2.21 -15.89
C GLY A 73 6.09 -3.19 -16.99
N GLY A 1 6.34 21.51 11.18
CA GLY A 1 6.37 22.93 11.48
C GLY A 1 5.27 23.31 12.47
N SER A 2 4.74 24.51 12.30
CA SER A 2 3.69 24.99 13.17
C SER A 2 3.07 26.27 12.58
N SER A 3 1.75 26.35 12.67
CA SER A 3 1.04 27.50 12.15
C SER A 3 1.32 27.66 10.65
N GLY A 4 0.37 28.31 9.98
CA GLY A 4 0.50 28.54 8.55
C GLY A 4 0.52 30.03 8.23
N SER A 5 1.50 30.42 7.43
CA SER A 5 1.64 31.82 7.04
C SER A 5 2.47 31.92 5.76
N SER A 6 2.35 33.07 5.11
CA SER A 6 3.09 33.31 3.87
C SER A 6 2.91 32.12 2.92
N GLY A 7 1.87 32.20 2.10
CA GLY A 7 1.59 31.16 1.14
C GLY A 7 2.71 31.03 0.11
N LEU A 8 2.44 30.25 -0.92
CA LEU A 8 3.42 30.04 -1.97
C LEU A 8 2.70 29.72 -3.28
N LEU A 9 3.13 30.36 -4.35
CA LEU A 9 2.54 30.16 -5.65
C LEU A 9 3.63 29.79 -6.66
N SER A 10 4.28 28.67 -6.40
CA SER A 10 5.33 28.19 -7.27
C SER A 10 4.96 26.84 -7.87
N HIS A 11 5.39 26.62 -9.10
CA HIS A 11 5.12 25.38 -9.80
C HIS A 11 5.97 24.25 -9.19
N MET A 12 5.36 23.53 -8.26
CA MET A 12 6.04 22.42 -7.61
C MET A 12 7.44 22.85 -7.16
N ASP A 13 7.53 23.26 -5.90
CA ASP A 13 8.80 23.69 -5.33
C ASP A 13 8.93 23.13 -3.91
N ASP A 14 9.73 22.08 -3.79
CA ASP A 14 9.95 21.46 -2.50
C ASP A 14 11.31 20.75 -2.52
N PRO A 15 12.11 21.01 -1.44
CA PRO A 15 13.42 20.40 -1.32
C PRO A 15 13.32 18.93 -0.92
N ASP A 16 12.19 18.60 -0.30
CA ASP A 16 11.95 17.23 0.14
C ASP A 16 10.69 17.19 1.01
N ILE A 17 9.76 16.36 0.59
CA ILE A 17 8.50 16.22 1.32
C ILE A 17 7.99 14.78 1.18
N ASP A 18 8.11 14.04 2.27
CA ASP A 18 7.68 12.65 2.28
C ASP A 18 6.27 12.58 2.89
N ALA A 19 5.32 13.11 2.14
CA ALA A 19 3.93 13.11 2.59
C ALA A 19 3.87 13.60 4.03
N PRO A 20 3.66 14.93 4.19
CA PRO A 20 3.57 15.55 5.50
C PRO A 20 2.22 15.22 6.16
N ILE A 21 1.93 13.94 6.23
CA ILE A 21 0.69 13.48 6.83
C ILE A 21 0.97 12.29 7.74
N SER A 22 0.77 12.51 9.04
CA SER A 22 1.00 11.46 10.01
C SER A 22 -0.17 10.47 10.00
N HIS A 23 0.06 9.36 9.32
CA HIS A 23 -0.96 8.33 9.22
C HIS A 23 -0.66 7.22 10.24
N GLN A 24 -1.62 6.31 10.36
CA GLN A 24 -1.48 5.19 11.28
C GLN A 24 -0.61 4.09 10.66
N THR A 25 -0.23 3.13 11.49
CA THR A 25 0.59 2.03 11.05
C THR A 25 0.10 1.51 9.69
N SER A 26 1.01 0.88 8.97
CA SER A 26 0.69 0.34 7.66
C SER A 26 -0.41 -0.72 7.79
N ASP A 27 -0.04 -1.81 8.44
CA ASP A 27 -0.97 -2.92 8.64
C ASP A 27 -1.29 -3.57 7.29
N ILE A 28 -0.37 -3.39 6.35
CA ILE A 28 -0.54 -3.94 5.03
C ILE A 28 -0.91 -5.42 5.14
N ASP A 29 -2.18 -5.69 4.89
CA ASP A 29 -2.69 -7.05 4.96
C ASP A 29 -2.05 -7.89 3.84
N GLN A 30 -1.53 -9.04 4.23
CA GLN A 30 -0.88 -9.94 3.29
C GLN A 30 -1.82 -10.21 2.11
N SER A 31 -3.09 -10.43 2.43
CA SER A 31 -4.09 -10.70 1.42
C SER A 31 -4.18 -9.54 0.44
N SER A 32 -3.99 -8.34 0.98
CA SER A 32 -4.05 -7.13 0.16
C SER A 32 -2.88 -7.11 -0.81
N VAL A 33 -1.68 -7.26 -0.26
CA VAL A 33 -0.47 -7.26 -1.06
C VAL A 33 -0.69 -8.13 -2.30
N ASP A 34 -1.39 -9.24 -2.10
CA ASP A 34 -1.67 -10.15 -3.19
C ASP A 34 -2.81 -9.59 -4.03
N THR A 35 -3.76 -8.95 -3.36
CA THR A 35 -4.90 -8.37 -4.03
C THR A 35 -4.44 -7.46 -5.16
N LEU A 36 -3.25 -6.93 -5.01
CA LEU A 36 -2.68 -6.03 -6.01
C LEU A 36 -1.82 -6.84 -6.98
N LEU A 37 -1.38 -8.00 -6.51
CA LEU A 37 -0.55 -8.87 -7.32
C LEU A 37 -1.35 -9.34 -8.54
N SER A 38 -2.55 -9.83 -8.28
CA SER A 38 -3.42 -10.31 -9.34
C SER A 38 -3.76 -9.15 -10.29
N PHE A 39 -4.14 -8.04 -9.70
CA PHE A 39 -4.50 -6.86 -10.47
C PHE A 39 -3.48 -6.62 -11.59
N GLY A 40 -2.21 -6.58 -11.20
CA GLY A 40 -1.15 -6.35 -12.16
C GLY A 40 -0.10 -5.38 -11.60
N PHE A 41 0.47 -5.76 -10.47
CA PHE A 41 1.48 -4.93 -9.83
C PHE A 41 2.51 -5.80 -9.10
N ALA A 42 3.69 -5.22 -8.93
CA ALA A 42 4.78 -5.92 -8.25
C ALA A 42 4.46 -6.02 -6.76
N GLU A 43 4.84 -7.15 -6.18
CA GLU A 43 4.61 -7.38 -4.77
C GLU A 43 5.06 -6.17 -3.95
N ASP A 44 6.13 -5.55 -4.42
CA ASP A 44 6.67 -4.37 -3.75
C ASP A 44 5.68 -3.21 -3.87
N VAL A 45 5.31 -2.93 -5.11
CA VAL A 45 4.36 -1.85 -5.37
C VAL A 45 3.05 -2.14 -4.67
N ALA A 46 2.69 -3.42 -4.65
CA ALA A 46 1.46 -3.85 -4.01
C ALA A 46 1.46 -3.40 -2.55
N ARG A 47 2.65 -3.41 -1.96
CA ARG A 47 2.80 -3.00 -0.57
C ARG A 47 2.94 -1.48 -0.48
N LYS A 48 3.73 -0.92 -1.39
CA LYS A 48 3.95 0.50 -1.42
C LYS A 48 2.60 1.23 -1.40
N ALA A 49 1.73 0.79 -2.31
CA ALA A 49 0.41 1.39 -2.42
C ALA A 49 -0.36 1.15 -1.11
N LEU A 50 -0.23 -0.06 -0.60
CA LEU A 50 -0.89 -0.42 0.65
C LEU A 50 -0.21 0.28 1.82
N LYS A 51 0.94 0.88 1.52
CA LYS A 51 1.69 1.58 2.54
C LYS A 51 1.20 3.03 2.62
N ALA A 52 1.03 3.63 1.45
CA ALA A 52 0.56 5.00 1.38
C ALA A 52 -0.96 5.02 1.52
N SER A 53 -1.58 3.93 1.12
CA SER A 53 -3.03 3.81 1.18
C SER A 53 -3.43 3.24 2.55
N GLY A 54 -2.71 2.22 2.97
CA GLY A 54 -2.99 1.59 4.25
C GLY A 54 -4.17 0.62 4.14
N GLY A 55 -3.85 -0.60 3.73
CA GLY A 55 -4.87 -1.63 3.57
C GLY A 55 -5.76 -1.33 2.36
N ASP A 56 -6.38 -0.16 2.39
CA ASP A 56 -7.25 0.24 1.30
C ASP A 56 -6.63 -0.18 -0.04
N ILE A 57 -7.38 -0.98 -0.76
CA ILE A 57 -6.92 -1.47 -2.05
C ILE A 57 -7.32 -0.46 -3.14
N GLU A 58 -8.59 -0.07 -3.09
CA GLU A 58 -9.10 0.88 -4.07
C GLU A 58 -8.18 2.09 -4.16
N LYS A 59 -7.60 2.46 -3.03
CA LYS A 59 -6.70 3.58 -2.97
C LYS A 59 -5.31 3.16 -3.47
N ALA A 60 -4.92 1.97 -3.04
CA ALA A 60 -3.62 1.43 -3.43
C ALA A 60 -3.55 1.34 -4.95
N THR A 61 -4.62 0.81 -5.54
CA THR A 61 -4.69 0.66 -6.97
C THR A 61 -4.49 2.00 -7.67
N ASP A 62 -5.02 3.04 -7.04
CA ASP A 62 -4.90 4.38 -7.59
C ASP A 62 -3.50 4.92 -7.31
N TRP A 63 -3.09 4.78 -6.05
CA TRP A 63 -1.78 5.25 -5.64
C TRP A 63 -0.76 4.85 -6.72
N VAL A 64 -0.76 3.55 -7.01
CA VAL A 64 0.15 3.03 -8.02
C VAL A 64 0.20 3.99 -9.21
N PHE A 65 -0.96 4.50 -9.58
CA PHE A 65 -1.05 5.43 -10.68
C PHE A 65 -0.79 6.87 -10.22
N ASN A 66 -1.61 7.32 -9.28
CA ASN A 66 -1.47 8.66 -8.75
C ASN A 66 0.02 8.98 -8.56
N ASN A 67 0.73 8.02 -7.98
CA ASN A 67 2.15 8.19 -7.74
C ASN A 67 2.91 7.90 -9.03
N SER A 68 3.85 8.79 -9.34
CA SER A 68 4.66 8.64 -10.54
C SER A 68 6.14 8.56 -10.16
N GLY A 69 6.72 7.39 -10.41
CA GLY A 69 8.13 7.19 -10.10
C GLY A 69 8.32 5.93 -9.25
N PRO A 70 9.58 5.42 -9.23
CA PRO A 70 9.90 4.24 -8.47
C PRO A 70 9.99 4.56 -6.98
N SER A 71 10.74 5.61 -6.67
CA SER A 71 10.90 6.04 -5.29
C SER A 71 11.62 4.94 -4.49
N SER A 72 12.73 5.31 -3.89
CA SER A 72 13.51 4.39 -3.10
C SER A 72 14.09 3.28 -3.99
N GLY A 73 13.21 2.37 -4.39
CA GLY A 73 13.61 1.27 -5.25
C GLY A 73 12.72 0.05 -5.04
N GLY A 1 -46.40 37.15 24.81
CA GLY A 1 -45.85 36.45 23.66
C GLY A 1 -44.56 35.71 24.05
N SER A 2 -44.04 34.96 23.09
CA SER A 2 -42.83 34.20 23.31
C SER A 2 -42.30 33.64 21.99
N SER A 3 -41.06 33.18 22.02
CA SER A 3 -40.43 32.62 20.83
C SER A 3 -39.69 31.34 21.19
N GLY A 4 -38.75 31.47 22.11
CA GLY A 4 -37.95 30.34 22.54
C GLY A 4 -36.73 30.14 21.65
N SER A 5 -37.01 29.84 20.39
CA SER A 5 -35.94 29.62 19.41
C SER A 5 -35.02 28.49 19.89
N SER A 6 -34.24 27.98 18.96
CA SER A 6 -33.32 26.91 19.26
C SER A 6 -32.19 26.87 18.23
N GLY A 7 -31.08 26.26 18.62
CA GLY A 7 -29.92 26.15 17.75
C GLY A 7 -29.04 24.98 18.15
N LEU A 8 -27.75 25.12 17.84
CA LEU A 8 -26.79 24.08 18.18
C LEU A 8 -25.48 24.73 18.64
N LEU A 9 -24.92 24.16 19.69
CA LEU A 9 -23.68 24.67 20.25
C LEU A 9 -23.04 23.60 21.12
N SER A 10 -21.82 23.88 21.55
CA SER A 10 -21.08 22.96 22.39
C SER A 10 -20.85 21.63 21.64
N HIS A 11 -19.80 20.94 22.04
CA HIS A 11 -19.47 19.67 21.42
C HIS A 11 -19.28 19.87 19.91
N MET A 12 -18.02 19.85 19.50
CA MET A 12 -17.68 20.03 18.11
C MET A 12 -16.17 19.93 17.89
N ASP A 13 -15.81 19.42 16.71
CA ASP A 13 -14.41 19.27 16.37
C ASP A 13 -13.89 20.58 15.76
N ASP A 14 -12.58 20.63 15.60
CA ASP A 14 -11.94 21.81 15.04
C ASP A 14 -12.02 21.75 13.50
N PRO A 15 -12.07 22.96 12.89
CA PRO A 15 -12.14 23.06 11.44
C PRO A 15 -10.79 22.73 10.79
N ASP A 16 -9.76 22.71 11.62
CA ASP A 16 -8.42 22.42 11.14
C ASP A 16 -7.43 22.58 12.30
N ILE A 17 -6.71 21.50 12.57
CA ILE A 17 -5.74 21.50 13.65
C ILE A 17 -4.34 21.30 13.05
N ASP A 18 -3.54 20.49 13.73
CA ASP A 18 -2.19 20.20 13.29
C ASP A 18 -2.16 18.84 12.62
N ALA A 19 -2.82 18.75 11.47
CA ALA A 19 -2.87 17.52 10.72
C ALA A 19 -3.33 16.38 11.64
N PRO A 20 -4.68 16.17 11.66
CA PRO A 20 -5.26 15.13 12.49
C PRO A 20 -5.01 13.75 11.89
N ILE A 21 -3.75 13.47 11.62
CA ILE A 21 -3.37 12.19 11.05
C ILE A 21 -2.22 11.59 11.87
N SER A 22 -2.55 10.52 12.58
CA SER A 22 -1.56 9.84 13.41
C SER A 22 -0.88 8.74 12.61
N HIS A 23 0.44 8.66 12.79
CA HIS A 23 1.22 7.66 12.09
C HIS A 23 0.56 6.29 12.23
N GLN A 24 0.92 5.39 11.32
CA GLN A 24 0.37 4.05 11.34
C GLN A 24 1.49 3.01 11.14
N THR A 25 1.52 2.05 12.05
CA THR A 25 2.52 1.00 12.00
C THR A 25 2.33 0.15 10.74
N SER A 26 3.44 -0.42 10.28
CA SER A 26 3.40 -1.25 9.09
C SER A 26 2.59 -2.51 9.37
N ASP A 27 1.42 -2.57 8.74
CA ASP A 27 0.54 -3.71 8.92
C ASP A 27 -0.08 -4.08 7.56
N ILE A 28 0.57 -3.61 6.51
CA ILE A 28 0.10 -3.88 5.16
C ILE A 28 -0.38 -5.34 5.08
N ASP A 29 -1.70 -5.50 5.09
CA ASP A 29 -2.29 -6.82 5.01
C ASP A 29 -1.54 -7.65 3.97
N GLN A 30 -1.51 -8.95 4.21
CA GLN A 30 -0.83 -9.86 3.29
C GLN A 30 -1.74 -10.20 2.11
N SER A 31 -3.03 -10.30 2.39
CA SER A 31 -4.00 -10.61 1.36
C SER A 31 -4.11 -9.45 0.37
N SER A 32 -3.96 -8.25 0.90
CA SER A 32 -4.03 -7.05 0.07
C SER A 32 -2.87 -7.03 -0.93
N VAL A 33 -1.67 -7.23 -0.39
CA VAL A 33 -0.47 -7.23 -1.20
C VAL A 33 -0.67 -8.20 -2.38
N ASP A 34 -1.37 -9.28 -2.09
CA ASP A 34 -1.64 -10.29 -3.11
C ASP A 34 -2.80 -9.83 -3.98
N THR A 35 -3.73 -9.14 -3.35
CA THR A 35 -4.90 -8.64 -4.05
C THR A 35 -4.48 -7.73 -5.20
N LEU A 36 -3.31 -7.14 -5.04
CA LEU A 36 -2.79 -6.24 -6.07
C LEU A 36 -1.83 -7.01 -6.96
N LEU A 37 -1.41 -8.17 -6.48
CA LEU A 37 -0.50 -9.02 -7.24
C LEU A 37 -1.20 -9.53 -8.49
N SER A 38 -2.45 -9.95 -8.31
CA SER A 38 -3.24 -10.46 -9.41
C SER A 38 -3.64 -9.32 -10.35
N PHE A 39 -4.16 -8.26 -9.74
CA PHE A 39 -4.59 -7.10 -10.50
C PHE A 39 -3.62 -6.80 -11.64
N GLY A 40 -2.36 -6.66 -11.28
CA GLY A 40 -1.32 -6.37 -12.26
C GLY A 40 -0.31 -5.37 -11.71
N PHE A 41 0.27 -5.72 -10.57
CA PHE A 41 1.25 -4.86 -9.93
C PHE A 41 2.34 -5.68 -9.25
N ALA A 42 3.50 -5.05 -9.06
CA ALA A 42 4.62 -5.70 -8.43
C ALA A 42 4.33 -5.87 -6.93
N GLU A 43 4.87 -6.94 -6.37
CA GLU A 43 4.69 -7.22 -4.96
C GLU A 43 5.18 -6.05 -4.11
N ASP A 44 6.10 -5.29 -4.69
CA ASP A 44 6.66 -4.14 -4.00
C ASP A 44 5.65 -3.00 -4.02
N VAL A 45 5.22 -2.66 -5.23
CA VAL A 45 4.25 -1.59 -5.42
C VAL A 45 2.99 -1.89 -4.59
N ALA A 46 2.64 -3.16 -4.56
CA ALA A 46 1.47 -3.59 -3.81
C ALA A 46 1.63 -3.20 -2.35
N ARG A 47 2.87 -3.27 -1.88
CA ARG A 47 3.17 -2.93 -0.50
C ARG A 47 3.35 -1.42 -0.36
N LYS A 48 3.72 -0.79 -1.47
CA LYS A 48 3.92 0.64 -1.47
C LYS A 48 2.56 1.35 -1.51
N ALA A 49 1.67 0.80 -2.31
CA ALA A 49 0.34 1.37 -2.44
C ALA A 49 -0.44 1.13 -1.14
N LEU A 50 -0.26 -0.05 -0.58
CA LEU A 50 -0.94 -0.41 0.65
C LEU A 50 -0.17 0.19 1.84
N LYS A 51 0.90 0.90 1.51
CA LYS A 51 1.72 1.53 2.52
C LYS A 51 1.24 2.97 2.74
N ALA A 52 0.94 3.62 1.63
CA ALA A 52 0.47 4.99 1.68
C ALA A 52 -1.06 5.02 1.80
N SER A 53 -1.68 4.10 1.07
CA SER A 53 -3.13 3.99 1.09
C SER A 53 -3.61 3.53 2.47
N GLY A 54 -2.94 2.50 2.97
CA GLY A 54 -3.29 1.95 4.28
C GLY A 54 -4.43 0.94 4.16
N GLY A 55 -4.05 -0.32 3.99
CA GLY A 55 -5.03 -1.38 3.86
C GLY A 55 -6.23 -0.93 3.04
N ASP A 56 -5.94 -0.22 1.97
CA ASP A 56 -6.99 0.29 1.09
C ASP A 56 -6.62 -0.02 -0.37
N ILE A 57 -7.12 -1.15 -0.85
CA ILE A 57 -6.86 -1.55 -2.21
C ILE A 57 -7.39 -0.48 -3.18
N GLU A 58 -8.64 -0.12 -2.98
CA GLU A 58 -9.26 0.89 -3.82
C GLU A 58 -8.32 2.08 -4.02
N LYS A 59 -7.63 2.44 -2.95
CA LYS A 59 -6.69 3.54 -2.98
C LYS A 59 -5.33 3.04 -3.46
N ALA A 60 -5.05 1.79 -3.11
CA ALA A 60 -3.79 1.18 -3.48
C ALA A 60 -3.72 1.05 -5.01
N THR A 61 -4.88 0.81 -5.60
CA THR A 61 -4.97 0.67 -7.04
C THR A 61 -4.73 2.02 -7.73
N ASP A 62 -5.01 3.08 -6.98
CA ASP A 62 -4.84 4.42 -7.51
C ASP A 62 -3.41 4.91 -7.20
N TRP A 63 -2.97 4.60 -5.99
CA TRP A 63 -1.64 5.00 -5.57
C TRP A 63 -0.64 4.52 -6.62
N VAL A 64 -0.94 3.37 -7.19
CA VAL A 64 -0.09 2.79 -8.22
C VAL A 64 0.01 3.76 -9.40
N PHE A 65 -1.05 4.54 -9.57
CA PHE A 65 -1.11 5.50 -10.65
C PHE A 65 -0.68 6.89 -10.17
N ASN A 66 -0.60 7.03 -8.85
CA ASN A 66 -0.21 8.29 -8.24
C ASN A 66 1.10 8.10 -7.48
N ASN A 67 1.47 9.14 -6.75
CA ASN A 67 2.70 9.11 -5.97
C ASN A 67 3.88 8.81 -6.90
N SER A 68 4.53 9.87 -7.33
CA SER A 68 5.68 9.73 -8.21
C SER A 68 6.51 11.02 -8.18
N GLY A 69 7.71 10.89 -7.63
CA GLY A 69 8.61 12.04 -7.54
C GLY A 69 9.09 12.48 -8.92
N PRO A 70 9.51 13.76 -8.99
CA PRO A 70 9.99 14.32 -10.25
C PRO A 70 11.38 13.79 -10.58
N SER A 71 11.53 13.34 -11.83
CA SER A 71 12.80 12.82 -12.29
C SER A 71 12.96 13.07 -13.79
N SER A 72 14.21 13.08 -14.22
CA SER A 72 14.51 13.32 -15.62
C SER A 72 15.68 12.43 -16.07
N GLY A 73 16.80 12.59 -15.37
CA GLY A 73 17.99 11.82 -15.67
C GLY A 73 18.00 10.51 -14.88
N GLY A 1 -14.41 -21.95 49.92
CA GLY A 1 -14.09 -20.56 49.67
C GLY A 1 -15.30 -19.66 49.95
N SER A 2 -15.15 -18.40 49.60
CA SER A 2 -16.22 -17.43 49.80
C SER A 2 -15.81 -16.08 49.22
N SER A 3 -16.79 -15.18 49.14
CA SER A 3 -16.55 -13.84 48.62
C SER A 3 -16.05 -13.94 47.18
N GLY A 4 -16.26 -12.87 46.44
CA GLY A 4 -15.84 -12.81 45.05
C GLY A 4 -15.98 -11.40 44.49
N SER A 5 -17.23 -10.97 44.35
CA SER A 5 -17.52 -9.65 43.83
C SER A 5 -17.02 -9.54 42.39
N SER A 6 -17.62 -8.60 41.66
CA SER A 6 -17.26 -8.39 40.27
C SER A 6 -17.43 -6.91 39.91
N GLY A 7 -16.87 -6.55 38.77
CA GLY A 7 -16.94 -5.17 38.29
C GLY A 7 -17.14 -5.12 36.77
N LEU A 8 -16.79 -3.97 36.21
CA LEU A 8 -16.93 -3.79 34.77
C LEU A 8 -16.05 -2.60 34.34
N LEU A 9 -15.64 -2.65 33.08
CA LEU A 9 -14.80 -1.59 32.54
C LEU A 9 -14.64 -1.80 31.03
N SER A 10 -14.62 -0.70 30.31
CA SER A 10 -14.47 -0.73 28.86
C SER A 10 -13.51 0.36 28.40
N HIS A 11 -13.87 1.59 28.75
CA HIS A 11 -13.06 2.74 28.37
C HIS A 11 -13.17 2.98 26.86
N MET A 12 -12.73 1.98 26.10
CA MET A 12 -12.78 2.08 24.65
C MET A 12 -11.95 3.25 24.14
N ASP A 13 -10.65 3.02 24.06
CA ASP A 13 -9.73 4.04 23.60
C ASP A 13 -8.31 3.47 23.54
N ASP A 14 -7.44 4.19 22.84
CA ASP A 14 -6.06 3.77 22.70
C ASP A 14 -5.36 3.88 24.05
N PRO A 15 -4.65 2.77 24.42
CA PRO A 15 -3.93 2.75 25.68
C PRO A 15 -2.65 3.58 25.61
N ASP A 16 -2.25 3.87 24.37
CA ASP A 16 -1.05 4.67 24.15
C ASP A 16 -0.51 4.37 22.75
N ILE A 17 -1.20 4.91 21.75
CA ILE A 17 -0.80 4.72 20.37
C ILE A 17 -0.08 5.98 19.87
N ASP A 18 1.03 6.27 20.51
CA ASP A 18 1.82 7.44 20.15
C ASP A 18 2.99 7.58 21.11
N ALA A 19 4.13 7.04 20.70
CA ALA A 19 5.33 7.11 21.52
C ALA A 19 6.46 6.37 20.81
N PRO A 20 7.72 6.74 21.17
CA PRO A 20 8.89 6.13 20.59
C PRO A 20 9.11 4.72 21.13
N ILE A 21 8.07 3.90 21.04
CA ILE A 21 8.13 2.54 21.52
C ILE A 21 7.40 1.62 20.54
N SER A 22 8.18 0.74 19.92
CA SER A 22 7.62 -0.19 18.95
C SER A 22 6.93 0.56 17.82
N HIS A 23 7.51 0.44 16.64
CA HIS A 23 6.96 1.10 15.47
C HIS A 23 7.00 0.15 14.27
N GLN A 24 8.21 -0.21 13.87
CA GLN A 24 8.38 -1.11 12.75
C GLN A 24 7.76 -2.49 13.06
N THR A 25 6.46 -2.56 12.87
CA THR A 25 5.73 -3.79 13.12
C THR A 25 4.87 -4.16 11.91
N SER A 26 5.02 -3.37 10.86
CA SER A 26 4.26 -3.61 9.64
C SER A 26 2.76 -3.46 9.91
N ASP A 27 1.97 -3.94 8.96
CA ASP A 27 0.52 -3.87 9.08
C ASP A 27 -0.11 -4.13 7.72
N ILE A 28 0.61 -3.76 6.67
CA ILE A 28 0.13 -3.95 5.32
C ILE A 28 -0.33 -5.40 5.15
N ASP A 29 -1.65 -5.58 5.17
CA ASP A 29 -2.23 -6.90 5.01
C ASP A 29 -1.55 -7.61 3.84
N GLN A 30 -1.22 -8.88 4.07
CA GLN A 30 -0.58 -9.68 3.05
C GLN A 30 -1.57 -10.05 1.96
N SER A 31 -2.80 -10.30 2.37
CA SER A 31 -3.86 -10.65 1.44
C SER A 31 -4.08 -9.51 0.45
N SER A 32 -3.94 -8.30 0.94
CA SER A 32 -4.12 -7.11 0.12
C SER A 32 -3.00 -7.03 -0.92
N VAL A 33 -1.78 -7.17 -0.44
CA VAL A 33 -0.62 -7.12 -1.32
C VAL A 33 -0.81 -8.08 -2.48
N ASP A 34 -1.40 -9.22 -2.18
CA ASP A 34 -1.66 -10.23 -3.19
C ASP A 34 -2.83 -9.78 -4.07
N THR A 35 -3.78 -9.11 -3.45
CA THR A 35 -4.94 -8.62 -4.16
C THR A 35 -4.53 -7.69 -5.29
N LEU A 36 -3.36 -7.09 -5.12
CA LEU A 36 -2.83 -6.17 -6.13
C LEU A 36 -1.88 -6.94 -7.06
N LEU A 37 -1.45 -8.10 -6.59
CA LEU A 37 -0.54 -8.93 -7.36
C LEU A 37 -1.26 -9.44 -8.60
N SER A 38 -2.44 -10.02 -8.37
CA SER A 38 -3.23 -10.55 -9.46
C SER A 38 -3.62 -9.44 -10.43
N PHE A 39 -4.12 -8.35 -9.86
CA PHE A 39 -4.54 -7.21 -10.65
C PHE A 39 -3.52 -6.91 -11.76
N GLY A 40 -2.27 -6.83 -11.36
CA GLY A 40 -1.19 -6.56 -12.30
C GLY A 40 -0.22 -5.51 -11.74
N PHE A 41 0.30 -5.81 -10.56
CA PHE A 41 1.23 -4.90 -9.91
C PHE A 41 2.34 -5.68 -9.20
N ALA A 42 3.50 -5.03 -9.09
CA ALA A 42 4.64 -5.65 -8.44
C ALA A 42 4.31 -5.88 -6.97
N GLU A 43 4.93 -6.91 -6.41
CA GLU A 43 4.72 -7.26 -5.01
C GLU A 43 5.17 -6.11 -4.11
N ASP A 44 6.14 -5.35 -4.60
CA ASP A 44 6.66 -4.23 -3.86
C ASP A 44 5.66 -3.08 -3.90
N VAL A 45 5.27 -2.71 -5.11
CA VAL A 45 4.31 -1.63 -5.30
C VAL A 45 3.04 -1.94 -4.51
N ALA A 46 2.68 -3.22 -4.49
CA ALA A 46 1.50 -3.65 -3.78
C ALA A 46 1.62 -3.29 -2.31
N ARG A 47 2.86 -3.36 -1.82
CA ARG A 47 3.13 -3.03 -0.43
C ARG A 47 3.33 -1.53 -0.26
N LYS A 48 3.70 -0.89 -1.36
CA LYS A 48 3.93 0.55 -1.34
C LYS A 48 2.58 1.27 -1.42
N ALA A 49 1.70 0.73 -2.24
CA ALA A 49 0.37 1.31 -2.41
C ALA A 49 -0.43 1.12 -1.13
N LEU A 50 -0.23 -0.04 -0.50
CA LEU A 50 -0.93 -0.36 0.73
C LEU A 50 -0.16 0.24 1.91
N LYS A 51 0.91 0.96 1.58
CA LYS A 51 1.73 1.59 2.60
C LYS A 51 1.22 3.00 2.87
N ALA A 52 0.90 3.69 1.78
CA ALA A 52 0.40 5.05 1.88
C ALA A 52 -1.12 5.03 1.99
N SER A 53 -1.73 4.12 1.24
CA SER A 53 -3.17 3.98 1.25
C SER A 53 -3.64 3.49 2.62
N GLY A 54 -2.99 2.44 3.10
CA GLY A 54 -3.33 1.87 4.39
C GLY A 54 -4.49 0.88 4.26
N GLY A 55 -4.13 -0.37 4.00
CA GLY A 55 -5.13 -1.41 3.86
C GLY A 55 -6.32 -0.93 3.03
N ASP A 56 -6.00 -0.17 1.98
CA ASP A 56 -7.02 0.36 1.09
C ASP A 56 -6.64 0.06 -0.35
N ILE A 57 -7.16 -1.05 -0.85
CA ILE A 57 -6.89 -1.46 -2.22
C ILE A 57 -7.36 -0.37 -3.17
N GLU A 58 -8.61 0.04 -2.99
CA GLU A 58 -9.20 1.08 -3.82
C GLU A 58 -8.23 2.27 -3.96
N LYS A 59 -7.56 2.56 -2.85
CA LYS A 59 -6.61 3.65 -2.83
C LYS A 59 -5.25 3.17 -3.31
N ALA A 60 -4.99 1.89 -3.04
CA ALA A 60 -3.73 1.28 -3.43
C ALA A 60 -3.64 1.24 -4.96
N THR A 61 -4.78 0.87 -5.57
CA THR A 61 -4.84 0.78 -7.02
C THR A 61 -4.58 2.14 -7.65
N ASP A 62 -4.97 3.19 -6.93
CA ASP A 62 -4.78 4.54 -7.41
C ASP A 62 -3.33 4.97 -7.15
N TRP A 63 -2.85 4.62 -5.97
CA TRP A 63 -1.48 4.96 -5.60
C TRP A 63 -0.55 4.50 -6.72
N VAL A 64 -0.85 3.31 -7.24
CA VAL A 64 -0.04 2.76 -8.31
C VAL A 64 -0.11 3.68 -9.53
N PHE A 65 -1.25 4.35 -9.67
CA PHE A 65 -1.44 5.25 -10.79
C PHE A 65 -1.07 6.69 -10.39
N ASN A 66 -0.85 6.87 -9.09
CA ASN A 66 -0.49 8.18 -8.58
C ASN A 66 0.89 8.10 -7.93
N ASN A 67 1.28 9.19 -7.30
CA ASN A 67 2.57 9.27 -6.63
C ASN A 67 3.68 8.86 -7.63
N SER A 68 4.22 9.88 -8.29
CA SER A 68 5.28 9.64 -9.26
C SER A 68 4.82 8.63 -10.31
N GLY A 69 4.26 9.15 -11.40
CA GLY A 69 3.77 8.30 -12.47
C GLY A 69 3.86 9.02 -13.81
N PRO A 70 3.21 8.41 -14.84
CA PRO A 70 3.21 8.97 -16.17
C PRO A 70 2.27 10.17 -16.25
N SER A 71 2.55 11.16 -15.43
CA SER A 71 1.75 12.37 -15.39
C SER A 71 2.47 13.46 -14.60
N SER A 72 3.48 14.03 -15.23
CA SER A 72 4.26 15.09 -14.58
C SER A 72 4.69 16.12 -15.63
N GLY A 73 4.80 17.36 -15.17
CA GLY A 73 5.20 18.45 -16.05
C GLY A 73 4.00 19.29 -16.45
N GLY A 1 21.74 -30.98 -41.46
CA GLY A 1 22.31 -31.26 -40.15
C GLY A 1 21.77 -30.29 -39.10
N SER A 2 21.99 -30.67 -37.84
CA SER A 2 21.52 -29.84 -36.74
C SER A 2 22.42 -30.06 -35.51
N SER A 3 22.49 -31.31 -35.09
CA SER A 3 23.30 -31.66 -33.93
C SER A 3 22.99 -30.73 -32.76
N GLY A 4 21.94 -31.07 -32.03
CA GLY A 4 21.52 -30.28 -30.90
C GLY A 4 21.32 -31.16 -29.66
N SER A 5 21.81 -30.66 -28.53
CA SER A 5 21.71 -31.39 -27.27
C SER A 5 21.76 -30.41 -26.10
N SER A 6 20.60 -30.18 -25.51
CA SER A 6 20.50 -29.27 -24.37
C SER A 6 19.36 -29.71 -23.45
N GLY A 7 19.44 -29.25 -22.21
CA GLY A 7 18.42 -29.59 -21.23
C GLY A 7 17.03 -29.19 -21.72
N LEU A 8 16.08 -29.26 -20.80
CA LEU A 8 14.71 -28.91 -21.13
C LEU A 8 13.87 -28.88 -19.84
N LEU A 9 12.74 -28.21 -19.92
CA LEU A 9 11.84 -28.11 -18.78
C LEU A 9 12.56 -27.37 -17.64
N SER A 10 11.77 -26.69 -16.83
CA SER A 10 12.32 -25.94 -15.71
C SER A 10 11.40 -26.09 -14.49
N HIS A 11 12.03 -26.31 -13.34
CA HIS A 11 11.29 -26.47 -12.10
C HIS A 11 10.54 -25.18 -11.78
N MET A 12 9.38 -25.33 -11.15
CA MET A 12 8.57 -24.20 -10.78
C MET A 12 8.50 -24.06 -9.26
N ASP A 13 8.05 -25.11 -8.61
CA ASP A 13 7.95 -25.11 -7.16
C ASP A 13 7.06 -23.94 -6.73
N ASP A 14 6.68 -23.96 -5.46
CA ASP A 14 5.84 -22.91 -4.91
C ASP A 14 6.72 -21.86 -4.22
N PRO A 15 6.42 -20.57 -4.53
CA PRO A 15 7.18 -19.46 -3.96
C PRO A 15 6.79 -19.25 -2.49
N ASP A 16 5.66 -19.83 -2.11
CA ASP A 16 5.18 -19.71 -0.75
C ASP A 16 3.72 -20.19 -0.69
N ILE A 17 3.49 -21.13 0.22
CA ILE A 17 2.16 -21.69 0.38
C ILE A 17 2.01 -22.20 1.82
N ASP A 18 1.21 -21.49 2.59
CA ASP A 18 0.97 -21.86 3.97
C ASP A 18 0.13 -20.78 4.66
N ALA A 19 -1.03 -20.52 4.07
CA ALA A 19 -1.92 -19.51 4.62
C ALA A 19 -1.36 -18.12 4.30
N PRO A 20 -2.15 -17.09 4.72
CA PRO A 20 -1.74 -15.70 4.50
C PRO A 20 -0.63 -15.30 5.47
N ILE A 21 -0.46 -13.99 5.62
CA ILE A 21 0.56 -13.47 6.51
C ILE A 21 0.01 -12.22 7.21
N SER A 22 -0.09 -12.31 8.53
CA SER A 22 -0.58 -11.21 9.33
C SER A 22 -0.51 -11.56 10.81
N HIS A 23 0.58 -11.13 11.44
CA HIS A 23 0.79 -11.38 12.85
C HIS A 23 1.23 -10.10 13.55
N GLN A 24 2.36 -9.59 13.11
CA GLN A 24 2.91 -8.36 13.69
C GLN A 24 3.81 -7.66 12.67
N THR A 25 4.27 -6.48 13.06
CA THR A 25 5.14 -5.70 12.20
C THR A 25 4.38 -5.24 10.95
N SER A 26 4.50 -3.94 10.67
CA SER A 26 3.83 -3.37 9.51
C SER A 26 2.33 -3.63 9.60
N ASP A 27 1.58 -2.85 8.83
CA ASP A 27 0.13 -2.98 8.81
C ASP A 27 -0.30 -3.54 7.45
N ILE A 28 0.48 -3.22 6.43
CA ILE A 28 0.18 -3.67 5.08
C ILE A 28 -0.19 -5.16 5.13
N ASP A 29 -1.49 -5.41 4.99
CA ASP A 29 -1.98 -6.77 5.01
C ASP A 29 -1.35 -7.56 3.86
N GLN A 30 -1.07 -8.83 4.14
CA GLN A 30 -0.46 -9.70 3.15
C GLN A 30 -1.47 -10.05 2.06
N SER A 31 -2.66 -10.43 2.49
CA SER A 31 -3.72 -10.78 1.57
C SER A 31 -3.96 -9.64 0.58
N SER A 32 -3.83 -8.42 1.10
CA SER A 32 -4.02 -7.24 0.28
C SER A 32 -2.92 -7.13 -0.77
N VAL A 33 -1.68 -7.20 -0.29
CA VAL A 33 -0.53 -7.11 -1.17
C VAL A 33 -0.73 -8.07 -2.35
N ASP A 34 -1.29 -9.23 -2.05
CA ASP A 34 -1.54 -10.23 -3.08
C ASP A 34 -2.72 -9.80 -3.93
N THR A 35 -3.71 -9.20 -3.27
CA THR A 35 -4.90 -8.74 -3.96
C THR A 35 -4.52 -7.80 -5.09
N LEU A 36 -3.36 -7.19 -4.96
CA LEU A 36 -2.88 -6.27 -5.97
C LEU A 36 -1.95 -7.01 -6.94
N LEU A 37 -1.44 -8.14 -6.46
CA LEU A 37 -0.54 -8.94 -7.27
C LEU A 37 -1.31 -9.47 -8.50
N SER A 38 -2.53 -9.90 -8.24
CA SER A 38 -3.37 -10.43 -9.31
C SER A 38 -3.81 -9.29 -10.24
N PHE A 39 -4.32 -8.23 -9.62
CA PHE A 39 -4.78 -7.09 -10.38
C PHE A 39 -3.87 -6.79 -11.56
N GLY A 40 -2.58 -6.63 -11.24
CA GLY A 40 -1.59 -6.35 -12.27
C GLY A 40 -0.52 -5.38 -11.74
N PHE A 41 0.08 -5.76 -10.62
CA PHE A 41 1.11 -4.94 -10.01
C PHE A 41 2.20 -5.81 -9.38
N ALA A 42 3.30 -5.16 -9.03
CA ALA A 42 4.41 -5.87 -8.42
C ALA A 42 4.14 -6.04 -6.93
N GLU A 43 4.90 -6.94 -6.32
CA GLU A 43 4.76 -7.22 -4.90
C GLU A 43 5.25 -6.03 -4.07
N ASP A 44 6.23 -5.32 -4.63
CA ASP A 44 6.79 -4.17 -3.95
C ASP A 44 5.78 -3.02 -3.99
N VAL A 45 5.33 -2.70 -5.19
CA VAL A 45 4.37 -1.63 -5.37
C VAL A 45 3.11 -1.95 -4.56
N ALA A 46 2.76 -3.22 -4.55
CA ALA A 46 1.57 -3.67 -3.82
C ALA A 46 1.71 -3.29 -2.35
N ARG A 47 2.96 -3.27 -1.89
CA ARG A 47 3.23 -2.92 -0.50
C ARG A 47 3.40 -1.40 -0.36
N LYS A 48 3.79 -0.77 -1.47
CA LYS A 48 3.99 0.66 -1.48
C LYS A 48 2.63 1.36 -1.54
N ALA A 49 1.75 0.80 -2.35
CA ALA A 49 0.41 1.36 -2.50
C ALA A 49 -0.37 1.17 -1.20
N LEU A 50 -0.19 -0.01 -0.61
CA LEU A 50 -0.87 -0.34 0.62
C LEU A 50 -0.09 0.24 1.80
N LYS A 51 0.95 1.00 1.47
CA LYS A 51 1.79 1.61 2.49
C LYS A 51 1.27 3.02 2.77
N ALA A 52 0.82 3.68 1.71
CA ALA A 52 0.31 5.03 1.84
C ALA A 52 -1.22 4.98 1.98
N SER A 53 -1.82 4.07 1.23
CA SER A 53 -3.27 3.91 1.27
C SER A 53 -3.69 3.37 2.63
N GLY A 54 -3.15 2.22 2.98
CA GLY A 54 -3.46 1.58 4.25
C GLY A 54 -4.56 0.54 4.08
N GLY A 55 -4.15 -0.63 3.61
CA GLY A 55 -5.10 -1.72 3.41
C GLY A 55 -5.98 -1.45 2.18
N ASP A 56 -6.68 -0.32 2.23
CA ASP A 56 -7.56 0.07 1.15
C ASP A 56 -6.89 -0.27 -0.19
N ILE A 57 -7.62 -1.03 -1.00
CA ILE A 57 -7.11 -1.43 -2.31
C ILE A 57 -7.39 -0.31 -3.32
N GLU A 58 -8.66 0.04 -3.41
CA GLU A 58 -9.08 1.10 -4.33
C GLU A 58 -8.09 2.25 -4.29
N LYS A 59 -7.62 2.55 -3.09
CA LYS A 59 -6.68 3.64 -2.90
C LYS A 59 -5.29 3.19 -3.37
N ALA A 60 -4.96 1.94 -3.05
CA ALA A 60 -3.68 1.39 -3.44
C ALA A 60 -3.58 1.36 -4.97
N THR A 61 -4.70 1.00 -5.59
CA THR A 61 -4.74 0.92 -7.04
C THR A 61 -4.47 2.30 -7.66
N ASP A 62 -4.95 3.32 -6.96
CA ASP A 62 -4.77 4.69 -7.42
C ASP A 62 -3.34 5.13 -7.15
N TRP A 63 -2.85 4.78 -5.97
CA TRP A 63 -1.49 5.12 -5.58
C TRP A 63 -0.55 4.64 -6.68
N VAL A 64 -0.70 3.37 -7.03
CA VAL A 64 0.14 2.77 -8.06
C VAL A 64 0.32 3.77 -9.20
N PHE A 65 -0.80 4.35 -9.63
CA PHE A 65 -0.77 5.31 -10.71
C PHE A 65 -0.31 6.69 -10.21
N ASN A 66 -0.97 7.15 -9.16
CA ASN A 66 -0.64 8.44 -8.57
C ASN A 66 0.59 8.28 -7.67
N ASN A 67 1.74 8.56 -8.26
CA ASN A 67 2.99 8.46 -7.53
C ASN A 67 4.16 8.79 -8.47
N SER A 68 4.51 10.06 -8.50
CA SER A 68 5.60 10.52 -9.36
C SER A 68 5.25 10.28 -10.82
N GLY A 69 5.15 11.38 -11.56
CA GLY A 69 4.82 11.30 -12.97
C GLY A 69 6.08 11.09 -13.82
N PRO A 70 6.13 9.92 -14.50
CA PRO A 70 7.27 9.60 -15.35
C PRO A 70 7.24 10.40 -16.65
N SER A 71 6.06 10.43 -17.25
CA SER A 71 5.89 11.16 -18.50
C SER A 71 4.95 12.34 -18.29
N SER A 72 5.41 13.52 -18.69
CA SER A 72 4.62 14.73 -18.55
C SER A 72 4.07 14.82 -17.13
N GLY A 73 4.85 15.43 -16.25
CA GLY A 73 4.45 15.60 -14.87
C GLY A 73 5.67 15.66 -13.94
N GLY A 1 25.16 26.10 -30.78
CA GLY A 1 24.99 27.41 -30.17
C GLY A 1 25.43 27.38 -28.69
N SER A 2 24.78 28.22 -27.91
CA SER A 2 25.09 28.30 -26.49
C SER A 2 23.90 28.90 -25.72
N SER A 3 23.23 28.05 -24.97
CA SER A 3 22.09 28.50 -24.19
C SER A 3 20.97 28.98 -25.12
N GLY A 4 19.76 28.56 -24.81
CA GLY A 4 18.61 28.94 -25.61
C GLY A 4 17.31 28.50 -24.94
N SER A 5 16.32 28.19 -25.77
CA SER A 5 15.03 27.76 -25.27
C SER A 5 15.00 26.24 -25.15
N SER A 6 15.32 25.76 -23.96
CA SER A 6 15.34 24.34 -23.69
C SER A 6 15.03 24.08 -22.21
N GLY A 7 14.24 23.03 -21.99
CA GLY A 7 13.86 22.66 -20.63
C GLY A 7 14.77 21.55 -20.09
N LEU A 8 14.16 20.65 -19.34
CA LEU A 8 14.89 19.54 -18.76
C LEU A 8 13.90 18.57 -18.11
N LEU A 9 14.38 17.35 -17.88
CA LEU A 9 13.55 16.32 -17.27
C LEU A 9 14.21 15.86 -15.97
N SER A 10 13.38 15.57 -14.98
CA SER A 10 13.86 15.12 -13.69
C SER A 10 12.68 14.73 -12.79
N HIS A 11 13.01 14.02 -11.73
CA HIS A 11 11.99 13.59 -10.78
C HIS A 11 12.35 14.08 -9.37
N MET A 12 11.34 14.64 -8.71
CA MET A 12 11.55 15.15 -7.36
C MET A 12 10.37 14.77 -6.45
N ASP A 13 10.71 14.14 -5.34
CA ASP A 13 9.69 13.71 -4.39
C ASP A 13 8.79 14.90 -4.05
N ASP A 14 7.68 14.59 -3.39
CA ASP A 14 6.73 15.62 -3.01
C ASP A 14 7.48 16.81 -2.41
N PRO A 15 7.12 18.02 -2.91
CA PRO A 15 7.75 19.24 -2.44
C PRO A 15 7.23 19.62 -1.05
N ASP A 16 6.14 18.98 -0.67
CA ASP A 16 5.54 19.25 0.63
C ASP A 16 4.10 18.72 0.64
N ILE A 17 3.82 17.89 1.64
CA ILE A 17 2.49 17.31 1.77
C ILE A 17 1.88 17.74 3.10
N ASP A 18 1.23 16.80 3.76
CA ASP A 18 0.59 17.07 5.03
C ASP A 18 1.48 16.53 6.16
N ALA A 19 2.61 17.18 6.35
CA ALA A 19 3.55 16.78 7.39
C ALA A 19 3.69 15.26 7.37
N PRO A 20 4.67 14.78 6.56
CA PRO A 20 4.92 13.35 6.45
C PRO A 20 5.64 12.82 7.69
N ILE A 21 5.04 13.10 8.85
CA ILE A 21 5.61 12.65 10.11
C ILE A 21 4.48 12.16 11.02
N SER A 22 4.71 12.31 12.32
CA SER A 22 3.73 11.89 13.31
C SER A 22 3.91 10.40 13.62
N HIS A 23 3.65 9.59 12.59
CA HIS A 23 3.78 8.15 12.73
C HIS A 23 3.76 7.49 11.36
N GLN A 24 4.09 6.21 11.34
CA GLN A 24 4.11 5.46 10.11
C GLN A 24 3.50 4.07 10.31
N THR A 25 2.18 4.06 10.43
CA THR A 25 1.46 2.82 10.64
C THR A 25 1.62 1.90 9.42
N SER A 26 1.69 0.61 9.70
CA SER A 26 1.85 -0.38 8.65
C SER A 26 0.89 -1.55 8.89
N ASP A 27 -0.25 -1.48 8.21
CA ASP A 27 -1.25 -2.53 8.34
C ASP A 27 -1.38 -3.27 7.01
N ILE A 28 -0.31 -3.20 6.23
CA ILE A 28 -0.28 -3.87 4.94
C ILE A 28 -0.57 -5.35 5.12
N ASP A 29 -1.78 -5.75 4.77
CA ASP A 29 -2.19 -7.13 4.89
C ASP A 29 -1.59 -7.94 3.73
N GLN A 30 -0.92 -9.03 4.10
CA GLN A 30 -0.30 -9.89 3.11
C GLN A 30 -1.30 -10.25 2.01
N SER A 31 -2.53 -10.54 2.44
CA SER A 31 -3.58 -10.90 1.51
C SER A 31 -3.84 -9.74 0.54
N SER A 32 -3.72 -8.53 1.07
CA SER A 32 -3.93 -7.34 0.27
C SER A 32 -2.87 -7.23 -0.81
N VAL A 33 -1.61 -7.25 -0.37
CA VAL A 33 -0.50 -7.16 -1.29
C VAL A 33 -0.73 -8.10 -2.47
N ASP A 34 -1.38 -9.21 -2.18
CA ASP A 34 -1.68 -10.21 -3.20
C ASP A 34 -2.85 -9.71 -4.06
N THR A 35 -3.82 -9.12 -3.39
CA THR A 35 -4.99 -8.60 -4.07
C THR A 35 -4.58 -7.67 -5.21
N LEU A 36 -3.43 -7.04 -5.04
CA LEU A 36 -2.90 -6.13 -6.05
C LEU A 36 -2.02 -6.90 -7.02
N LEU A 37 -1.45 -7.99 -6.52
CA LEU A 37 -0.58 -8.83 -7.33
C LEU A 37 -1.36 -9.31 -8.56
N SER A 38 -2.55 -9.84 -8.31
CA SER A 38 -3.39 -10.33 -9.38
C SER A 38 -3.80 -9.18 -10.31
N PHE A 39 -4.29 -8.12 -9.68
CA PHE A 39 -4.73 -6.95 -10.43
C PHE A 39 -3.78 -6.66 -11.60
N GLY A 40 -2.49 -6.59 -11.26
CA GLY A 40 -1.48 -6.32 -12.27
C GLY A 40 -0.42 -5.35 -11.74
N PHE A 41 0.19 -5.74 -10.63
CA PHE A 41 1.22 -4.92 -10.02
C PHE A 41 2.26 -5.78 -9.31
N ALA A 42 3.39 -5.16 -9.02
CA ALA A 42 4.49 -5.86 -8.35
C ALA A 42 4.20 -5.94 -6.86
N GLU A 43 4.78 -6.95 -6.23
CA GLU A 43 4.60 -7.15 -4.79
C GLU A 43 5.13 -5.95 -4.02
N ASP A 44 6.17 -5.34 -4.57
CA ASP A 44 6.78 -4.18 -3.94
C ASP A 44 5.80 -3.01 -3.98
N VAL A 45 5.34 -2.70 -5.18
CA VAL A 45 4.40 -1.61 -5.37
C VAL A 45 3.12 -1.91 -4.59
N ALA A 46 2.76 -3.17 -4.58
CA ALA A 46 1.56 -3.60 -3.87
C ALA A 46 1.67 -3.21 -2.40
N ARG A 47 2.89 -3.34 -1.88
CA ARG A 47 3.15 -3.01 -0.48
C ARG A 47 3.31 -1.50 -0.32
N LYS A 48 3.72 -0.85 -1.41
CA LYS A 48 3.91 0.59 -1.39
C LYS A 48 2.56 1.29 -1.47
N ALA A 49 1.69 0.73 -2.31
CA ALA A 49 0.35 1.28 -2.48
C ALA A 49 -0.44 1.12 -1.18
N LEU A 50 -0.28 -0.04 -0.58
CA LEU A 50 -0.98 -0.35 0.66
C LEU A 50 -0.29 0.40 1.81
N LYS A 51 0.95 0.81 1.56
CA LYS A 51 1.72 1.53 2.55
C LYS A 51 1.09 2.91 2.78
N ALA A 52 0.87 3.60 1.67
CA ALA A 52 0.28 4.93 1.73
C ALA A 52 -1.23 4.81 1.94
N SER A 53 -1.80 3.79 1.31
CA SER A 53 -3.23 3.56 1.41
C SER A 53 -3.51 2.55 2.53
N GLY A 54 -3.78 3.07 3.71
CA GLY A 54 -4.06 2.24 4.86
C GLY A 54 -4.97 1.07 4.47
N GLY A 55 -4.35 -0.06 4.18
CA GLY A 55 -5.09 -1.25 3.79
C GLY A 55 -6.30 -0.89 2.93
N ASP A 56 -6.02 -0.14 1.87
CA ASP A 56 -7.06 0.28 0.95
C ASP A 56 -6.64 -0.03 -0.48
N ILE A 57 -7.14 -1.14 -0.99
CA ILE A 57 -6.82 -1.56 -2.35
C ILE A 57 -7.30 -0.49 -3.33
N GLU A 58 -8.53 -0.05 -3.12
CA GLU A 58 -9.12 0.96 -3.98
C GLU A 58 -8.19 2.16 -4.11
N LYS A 59 -7.58 2.51 -2.99
CA LYS A 59 -6.65 3.64 -2.96
C LYS A 59 -5.28 3.18 -3.43
N ALA A 60 -4.94 1.95 -3.06
CA ALA A 60 -3.66 1.38 -3.44
C ALA A 60 -3.58 1.29 -4.97
N THR A 61 -4.68 0.87 -5.56
CA THR A 61 -4.75 0.74 -7.01
C THR A 61 -4.46 2.08 -7.68
N ASP A 62 -4.82 3.14 -6.99
CA ASP A 62 -4.60 4.48 -7.51
C ASP A 62 -3.17 4.92 -7.19
N TRP A 63 -2.77 4.68 -5.95
CA TRP A 63 -1.43 5.05 -5.51
C TRP A 63 -0.45 4.58 -6.58
N VAL A 64 -0.80 3.48 -7.22
CA VAL A 64 0.05 2.91 -8.27
C VAL A 64 0.06 3.86 -9.46
N PHE A 65 -1.12 4.34 -9.83
CA PHE A 65 -1.25 5.24 -10.95
C PHE A 65 -0.83 6.66 -10.56
N ASN A 66 -0.72 6.87 -9.26
CA ASN A 66 -0.32 8.17 -8.75
C ASN A 66 0.99 8.03 -7.98
N ASN A 67 1.37 9.11 -7.30
CA ASN A 67 2.60 9.12 -6.53
C ASN A 67 3.77 8.76 -7.45
N SER A 68 4.33 9.80 -8.06
CA SER A 68 5.46 9.61 -8.95
C SER A 68 5.05 8.70 -10.12
N GLY A 69 4.70 9.33 -11.23
CA GLY A 69 4.30 8.60 -12.42
C GLY A 69 4.40 9.48 -13.66
N PRO A 70 3.81 8.96 -14.78
CA PRO A 70 3.83 9.69 -16.03
C PRO A 70 2.85 10.85 -16.02
N SER A 71 3.37 12.02 -15.64
CA SER A 71 2.54 13.22 -15.57
C SER A 71 1.50 13.08 -14.47
N SER A 72 0.99 14.21 -14.02
CA SER A 72 -0.02 14.23 -12.99
C SER A 72 -1.39 14.60 -13.57
N GLY A 73 -2.15 13.57 -13.90
CA GLY A 73 -3.47 13.77 -14.46
C GLY A 73 -4.28 12.47 -14.46
N GLY A 1 -39.16 -29.49 8.48
CA GLY A 1 -38.07 -29.09 7.60
C GLY A 1 -38.48 -27.90 6.73
N SER A 2 -37.58 -26.93 6.68
CA SER A 2 -37.83 -25.73 5.88
C SER A 2 -36.52 -24.96 5.69
N SER A 3 -36.58 -23.96 4.80
CA SER A 3 -35.42 -23.15 4.51
C SER A 3 -35.59 -21.75 5.13
N GLY A 4 -36.66 -21.09 4.71
CA GLY A 4 -36.95 -19.76 5.20
C GLY A 4 -36.25 -18.70 4.36
N SER A 5 -36.13 -17.51 4.94
CA SER A 5 -35.49 -16.40 4.25
C SER A 5 -34.12 -16.83 3.72
N SER A 6 -33.59 -16.03 2.82
CA SER A 6 -32.29 -16.33 2.23
C SER A 6 -31.87 -15.18 1.30
N GLY A 7 -32.69 -14.93 0.31
CA GLY A 7 -32.42 -13.86 -0.64
C GLY A 7 -31.81 -12.64 0.06
N LEU A 8 -30.54 -12.40 -0.23
CA LEU A 8 -29.84 -11.27 0.37
C LEU A 8 -29.63 -10.19 -0.69
N LEU A 9 -30.25 -9.05 -0.45
CA LEU A 9 -30.14 -7.93 -1.38
C LEU A 9 -29.94 -6.64 -0.58
N SER A 10 -29.20 -5.71 -1.19
CA SER A 10 -28.93 -4.44 -0.56
C SER A 10 -29.67 -3.32 -1.29
N HIS A 11 -29.86 -2.21 -0.58
CA HIS A 11 -30.55 -1.07 -1.14
C HIS A 11 -29.56 -0.23 -1.96
N MET A 12 -28.55 0.28 -1.28
CA MET A 12 -27.54 1.10 -1.92
C MET A 12 -26.40 1.42 -0.95
N ASP A 13 -25.46 0.48 -0.86
CA ASP A 13 -24.32 0.65 0.02
C ASP A 13 -24.80 0.88 1.45
N ASP A 14 -23.87 0.79 2.38
CA ASP A 14 -24.18 0.99 3.79
C ASP A 14 -23.97 2.46 4.15
N PRO A 15 -24.98 3.04 4.84
CA PRO A 15 -24.92 4.42 5.26
C PRO A 15 -23.95 4.59 6.44
N ASP A 16 -23.60 3.47 7.04
CA ASP A 16 -22.69 3.48 8.18
C ASP A 16 -22.89 2.21 9.01
N ILE A 17 -21.79 1.53 9.26
CA ILE A 17 -21.83 0.30 10.03
C ILE A 17 -20.89 0.42 11.24
N ASP A 18 -20.18 -0.66 11.50
CA ASP A 18 -19.24 -0.68 12.61
C ASP A 18 -17.82 -0.55 12.08
N ALA A 19 -17.57 0.56 11.40
CA ALA A 19 -16.26 0.83 10.83
C ALA A 19 -16.19 2.29 10.37
N PRO A 20 -15.72 3.16 11.29
CA PRO A 20 -15.60 4.58 10.99
C PRO A 20 -14.41 4.85 10.08
N ILE A 21 -14.39 4.13 8.97
CA ILE A 21 -13.31 4.29 7.99
C ILE A 21 -11.98 3.87 8.65
N SER A 22 -11.22 3.08 7.91
CA SER A 22 -9.93 2.62 8.41
C SER A 22 -8.81 3.42 7.75
N HIS A 23 -7.72 3.57 8.50
CA HIS A 23 -6.57 4.30 8.02
C HIS A 23 -5.41 4.15 9.00
N GLN A 24 -4.29 3.68 8.46
CA GLN A 24 -3.10 3.48 9.27
C GLN A 24 -1.91 3.11 8.39
N THR A 25 -0.75 3.00 9.03
CA THR A 25 0.47 2.65 8.32
C THR A 25 0.98 1.29 8.78
N SER A 26 1.78 0.67 7.92
CA SER A 26 2.35 -0.63 8.23
C SER A 26 1.22 -1.66 8.36
N ASP A 27 1.60 -2.84 8.85
CA ASP A 27 0.64 -3.92 9.03
C ASP A 27 -0.03 -4.23 7.69
N ILE A 28 0.62 -3.79 6.63
CA ILE A 28 0.11 -4.01 5.29
C ILE A 28 -0.38 -5.45 5.16
N ASP A 29 -1.69 -5.61 5.15
CA ASP A 29 -2.29 -6.93 5.05
C ASP A 29 -1.59 -7.72 3.94
N GLN A 30 -1.49 -9.01 4.16
CA GLN A 30 -0.83 -9.89 3.19
C GLN A 30 -1.82 -10.28 2.09
N SER A 31 -3.10 -10.19 2.42
CA SER A 31 -4.14 -10.53 1.47
C SER A 31 -4.31 -9.41 0.45
N SER A 32 -4.12 -8.18 0.91
CA SER A 32 -4.24 -7.03 0.05
C SER A 32 -3.08 -7.01 -0.95
N VAL A 33 -1.87 -7.06 -0.41
CA VAL A 33 -0.68 -7.05 -1.25
C VAL A 33 -0.86 -8.04 -2.39
N ASP A 34 -1.48 -9.16 -2.07
CA ASP A 34 -1.72 -10.21 -3.06
C ASP A 34 -2.87 -9.78 -3.97
N THR A 35 -3.82 -9.07 -3.38
CA THR A 35 -4.97 -8.60 -4.14
C THR A 35 -4.53 -7.69 -5.29
N LEU A 36 -3.35 -7.11 -5.12
CA LEU A 36 -2.81 -6.23 -6.14
C LEU A 36 -1.85 -7.01 -7.03
N LEU A 37 -1.45 -8.17 -6.54
CA LEU A 37 -0.54 -9.03 -7.29
C LEU A 37 -1.26 -9.56 -8.53
N SER A 38 -2.50 -9.97 -8.33
CA SER A 38 -3.29 -10.51 -9.42
C SER A 38 -3.68 -9.37 -10.39
N PHE A 39 -4.18 -8.29 -9.81
CA PHE A 39 -4.58 -7.14 -10.60
C PHE A 39 -3.58 -6.86 -11.72
N GLY A 40 -2.32 -6.71 -11.32
CA GLY A 40 -1.26 -6.44 -12.28
C GLY A 40 -0.24 -5.46 -11.71
N PHE A 41 0.25 -5.79 -10.52
CA PHE A 41 1.22 -4.96 -9.85
C PHE A 41 2.28 -5.80 -9.15
N ALA A 42 3.45 -5.21 -8.96
CA ALA A 42 4.55 -5.90 -8.30
C ALA A 42 4.28 -5.97 -6.79
N GLU A 43 4.80 -7.02 -6.18
CA GLU A 43 4.61 -7.21 -4.75
C GLU A 43 5.15 -6.01 -3.98
N ASP A 44 6.20 -5.41 -4.52
CA ASP A 44 6.82 -4.25 -3.90
C ASP A 44 5.83 -3.08 -3.93
N VAL A 45 5.34 -2.80 -5.13
CA VAL A 45 4.39 -1.71 -5.32
C VAL A 45 3.08 -2.06 -4.61
N ALA A 46 2.75 -3.34 -4.65
CA ALA A 46 1.53 -3.82 -4.01
C ALA A 46 1.51 -3.39 -2.55
N ARG A 47 2.70 -3.30 -1.98
CA ARG A 47 2.83 -2.90 -0.59
C ARG A 47 2.92 -1.38 -0.48
N LYS A 48 3.72 -0.80 -1.38
CA LYS A 48 3.90 0.64 -1.40
C LYS A 48 2.54 1.32 -1.43
N ALA A 49 1.71 0.86 -2.35
CA ALA A 49 0.37 1.42 -2.51
C ALA A 49 -0.44 1.14 -1.23
N LEU A 50 -0.15 0.01 -0.62
CA LEU A 50 -0.84 -0.38 0.60
C LEU A 50 -0.12 0.24 1.80
N LYS A 51 0.91 1.02 1.51
CA LYS A 51 1.67 1.67 2.55
C LYS A 51 1.16 3.11 2.74
N ALA A 52 0.91 3.76 1.62
CA ALA A 52 0.42 5.13 1.64
C ALA A 52 -1.11 5.12 1.77
N SER A 53 -1.72 4.17 1.08
CA SER A 53 -3.16 4.04 1.09
C SER A 53 -3.61 3.54 2.47
N GLY A 54 -2.88 2.56 2.99
CA GLY A 54 -3.20 1.99 4.28
C GLY A 54 -4.26 0.89 4.15
N GLY A 55 -3.78 -0.33 3.98
CA GLY A 55 -4.67 -1.47 3.84
C GLY A 55 -5.91 -1.10 3.03
N ASP A 56 -5.67 -0.51 1.87
CA ASP A 56 -6.75 -0.09 0.99
C ASP A 56 -6.37 -0.42 -0.46
N ILE A 57 -7.04 -1.43 -1.00
CA ILE A 57 -6.78 -1.84 -2.37
C ILE A 57 -7.26 -0.75 -3.33
N GLU A 58 -8.50 -0.35 -3.14
CA GLU A 58 -9.10 0.69 -3.97
C GLU A 58 -8.18 1.92 -4.03
N LYS A 59 -7.66 2.28 -2.87
CA LYS A 59 -6.76 3.42 -2.77
C LYS A 59 -5.40 3.05 -3.35
N ALA A 60 -4.90 1.90 -2.90
CA ALA A 60 -3.61 1.42 -3.36
C ALA A 60 -3.60 1.38 -4.89
N THR A 61 -4.68 0.85 -5.44
CA THR A 61 -4.81 0.74 -6.88
C THR A 61 -4.63 2.12 -7.54
N ASP A 62 -4.85 3.15 -6.75
CA ASP A 62 -4.73 4.51 -7.23
C ASP A 62 -3.28 4.98 -7.05
N TRP A 63 -2.77 4.77 -5.84
CA TRP A 63 -1.41 5.17 -5.51
C TRP A 63 -0.51 4.72 -6.67
N VAL A 64 -0.66 3.45 -7.04
CA VAL A 64 0.13 2.88 -8.12
C VAL A 64 0.18 3.88 -9.28
N PHE A 65 -0.95 4.53 -9.52
CA PHE A 65 -1.05 5.50 -10.60
C PHE A 65 -0.68 6.90 -10.09
N ASN A 66 -1.40 7.34 -9.07
CA ASN A 66 -1.15 8.66 -8.50
C ASN A 66 0.35 8.90 -8.44
N ASN A 67 1.05 7.94 -7.86
CA ASN A 67 2.51 8.05 -7.72
C ASN A 67 3.17 7.04 -8.66
N SER A 68 3.75 7.57 -9.73
CA SER A 68 4.42 6.73 -10.71
C SER A 68 5.60 7.48 -11.32
N GLY A 69 6.67 6.75 -11.55
CA GLY A 69 7.87 7.33 -12.13
C GLY A 69 7.92 7.12 -13.64
N PRO A 70 9.04 7.56 -14.26
CA PRO A 70 9.22 7.42 -15.70
C PRO A 70 9.55 5.97 -16.07
N SER A 71 9.04 5.56 -17.22
CA SER A 71 9.28 4.21 -17.70
C SER A 71 9.91 4.25 -19.09
N SER A 72 11.19 3.92 -19.14
CA SER A 72 11.91 3.91 -20.40
C SER A 72 12.01 5.33 -20.96
N GLY A 73 13.17 5.94 -20.76
CA GLY A 73 13.39 7.29 -21.24
C GLY A 73 14.83 7.74 -20.96
N GLY A 1 -24.95 32.02 15.34
CA GLY A 1 -25.35 32.53 14.05
C GLY A 1 -25.67 31.39 13.08
N SER A 2 -26.84 31.49 12.45
CA SER A 2 -27.26 30.48 11.50
C SER A 2 -28.40 31.02 10.62
N SER A 3 -28.37 30.63 9.36
CA SER A 3 -29.39 31.07 8.42
C SER A 3 -29.35 32.59 8.29
N GLY A 4 -29.91 33.07 7.19
CA GLY A 4 -29.95 34.50 6.93
C GLY A 4 -28.72 34.95 6.13
N SER A 5 -28.41 36.23 6.27
CA SER A 5 -27.26 36.79 5.58
C SER A 5 -27.46 36.68 4.07
N SER A 6 -26.60 37.36 3.33
CA SER A 6 -26.66 37.35 1.88
C SER A 6 -25.26 37.49 1.28
N GLY A 7 -24.89 36.50 0.49
CA GLY A 7 -23.58 36.50 -0.14
C GLY A 7 -23.36 35.24 -0.98
N LEU A 8 -22.65 34.29 -0.38
CA LEU A 8 -22.38 33.03 -1.06
C LEU A 8 -22.15 31.94 -0.01
N LEU A 9 -22.63 30.75 -0.34
CA LEU A 9 -22.48 29.61 0.56
C LEU A 9 -21.48 28.63 -0.03
N SER A 10 -20.56 28.19 0.82
CA SER A 10 -19.55 27.24 0.39
C SER A 10 -18.78 26.71 1.60
N HIS A 11 -18.47 25.43 1.56
CA HIS A 11 -17.74 24.78 2.64
C HIS A 11 -16.69 23.82 2.06
N MET A 12 -15.76 23.44 2.92
CA MET A 12 -14.71 22.53 2.52
C MET A 12 -14.95 21.12 3.06
N ASP A 13 -15.02 21.03 4.38
CA ASP A 13 -15.25 19.76 5.04
C ASP A 13 -14.09 18.82 4.73
N ASP A 14 -13.23 18.65 5.73
CA ASP A 14 -12.07 17.78 5.58
C ASP A 14 -12.06 16.76 6.72
N PRO A 15 -11.87 15.47 6.33
CA PRO A 15 -11.83 14.39 7.31
C PRO A 15 -10.51 14.39 8.07
N ASP A 16 -9.50 14.97 7.44
CA ASP A 16 -8.17 15.03 8.05
C ASP A 16 -7.18 15.61 7.04
N ILE A 17 -7.56 16.75 6.48
CA ILE A 17 -6.71 17.42 5.51
C ILE A 17 -5.71 18.32 6.24
N ASP A 18 -4.90 17.69 7.07
CA ASP A 18 -3.89 18.42 7.82
C ASP A 18 -3.16 17.45 8.75
N ALA A 19 -2.03 16.96 8.27
CA ALA A 19 -1.23 16.03 9.04
C ALA A 19 0.05 15.69 8.27
N PRO A 20 0.91 14.84 8.91
CA PRO A 20 2.15 14.44 8.28
C PRO A 20 1.91 13.41 7.17
N ILE A 21 2.98 12.70 6.83
CA ILE A 21 2.89 11.69 5.78
C ILE A 21 3.02 10.31 6.41
N SER A 22 2.34 10.14 7.54
CA SER A 22 2.37 8.88 8.25
C SER A 22 1.63 9.01 9.58
N HIS A 23 0.88 7.97 9.92
CA HIS A 23 0.13 7.95 11.17
C HIS A 23 -0.12 6.50 11.59
N GLN A 24 -0.83 5.78 10.73
CA GLN A 24 -1.15 4.39 11.01
C GLN A 24 0.07 3.50 10.77
N THR A 25 0.43 2.75 11.80
CA THR A 25 1.59 1.87 11.71
C THR A 25 1.37 0.84 10.58
N SER A 26 2.48 0.41 10.01
CA SER A 26 2.45 -0.56 8.93
C SER A 26 1.49 -1.70 9.30
N ASP A 27 0.56 -1.96 8.38
CA ASP A 27 -0.42 -3.01 8.59
C ASP A 27 -0.76 -3.67 7.25
N ILE A 28 0.16 -3.54 6.31
CA ILE A 28 -0.03 -4.10 4.99
C ILE A 28 -0.40 -5.58 5.12
N ASP A 29 -1.67 -5.87 4.90
CA ASP A 29 -2.15 -7.24 4.99
C ASP A 29 -1.58 -8.06 3.82
N GLN A 30 -1.04 -9.22 4.16
CA GLN A 30 -0.46 -10.09 3.17
C GLN A 30 -1.47 -10.36 2.05
N SER A 31 -2.69 -10.69 2.46
CA SER A 31 -3.75 -10.97 1.52
C SER A 31 -3.93 -9.79 0.56
N SER A 32 -3.75 -8.60 1.11
CA SER A 32 -3.90 -7.38 0.33
C SER A 32 -2.78 -7.29 -0.71
N VAL A 33 -1.55 -7.37 -0.22
CA VAL A 33 -0.38 -7.30 -1.08
C VAL A 33 -0.62 -8.18 -2.31
N ASP A 34 -1.24 -9.33 -2.07
CA ASP A 34 -1.53 -10.27 -3.14
C ASP A 34 -2.73 -9.77 -3.94
N THR A 35 -3.72 -9.26 -3.21
CA THR A 35 -4.92 -8.75 -3.84
C THR A 35 -4.57 -7.81 -4.98
N LEU A 36 -3.42 -7.15 -4.84
CA LEU A 36 -2.96 -6.23 -5.85
C LEU A 36 -2.08 -6.97 -6.86
N LEU A 37 -1.49 -8.05 -6.40
CA LEU A 37 -0.63 -8.86 -7.25
C LEU A 37 -1.44 -9.38 -8.44
N SER A 38 -2.63 -9.86 -8.13
CA SER A 38 -3.51 -10.39 -9.16
C SER A 38 -3.96 -9.27 -10.09
N PHE A 39 -4.37 -8.17 -9.49
CA PHE A 39 -4.83 -7.02 -10.26
C PHE A 39 -3.89 -6.73 -11.42
N GLY A 40 -2.61 -6.68 -11.11
CA GLY A 40 -1.60 -6.41 -12.13
C GLY A 40 -0.56 -5.40 -11.62
N PHE A 41 0.09 -5.77 -10.53
CA PHE A 41 1.10 -4.91 -9.94
C PHE A 41 2.23 -5.74 -9.31
N ALA A 42 3.31 -5.06 -8.98
CA ALA A 42 4.45 -5.72 -8.36
C ALA A 42 4.16 -5.95 -6.87
N GLU A 43 4.93 -6.86 -6.30
CA GLU A 43 4.77 -7.19 -4.89
C GLU A 43 5.20 -6.01 -4.02
N ASP A 44 6.17 -5.26 -4.53
CA ASP A 44 6.68 -4.11 -3.81
C ASP A 44 5.66 -2.97 -3.90
N VAL A 45 5.30 -2.65 -5.13
CA VAL A 45 4.34 -1.58 -5.37
C VAL A 45 3.03 -1.90 -4.65
N ALA A 46 2.70 -3.19 -4.62
CA ALA A 46 1.49 -3.64 -3.96
C ALA A 46 1.53 -3.23 -2.49
N ARG A 47 2.73 -3.24 -1.93
CA ARG A 47 2.92 -2.87 -0.54
C ARG A 47 3.08 -1.35 -0.41
N LYS A 48 3.73 -0.77 -1.40
CA LYS A 48 3.94 0.68 -1.41
C LYS A 48 2.59 1.38 -1.44
N ALA A 49 1.72 0.90 -2.31
CA ALA A 49 0.40 1.48 -2.45
C ALA A 49 -0.39 1.27 -1.16
N LEU A 50 -0.25 0.07 -0.61
CA LEU A 50 -0.94 -0.27 0.63
C LEU A 50 -0.23 0.40 1.81
N LYS A 51 0.92 1.00 1.50
CA LYS A 51 1.70 1.68 2.52
C LYS A 51 1.17 3.11 2.69
N ALA A 52 0.87 3.73 1.55
CA ALA A 52 0.36 5.09 1.55
C ALA A 52 -1.15 5.07 1.75
N SER A 53 -1.78 4.09 1.11
CA SER A 53 -3.22 3.94 1.20
C SER A 53 -3.60 3.31 2.54
N GLY A 54 -2.99 2.17 2.81
CA GLY A 54 -3.25 1.45 4.05
C GLY A 54 -4.41 0.47 3.87
N GLY A 55 -4.08 -0.75 3.49
CA GLY A 55 -5.08 -1.78 3.28
C GLY A 55 -5.95 -1.47 2.07
N ASP A 56 -6.60 -0.32 2.13
CA ASP A 56 -7.47 0.12 1.05
C ASP A 56 -6.81 -0.24 -0.29
N ILE A 57 -7.48 -1.11 -1.04
CA ILE A 57 -6.97 -1.52 -2.33
C ILE A 57 -7.30 -0.45 -3.37
N GLU A 58 -8.57 -0.06 -3.40
CA GLU A 58 -9.03 0.94 -4.34
C GLU A 58 -8.11 2.16 -4.30
N LYS A 59 -7.64 2.47 -3.10
CA LYS A 59 -6.75 3.60 -2.90
C LYS A 59 -5.33 3.21 -3.35
N ALA A 60 -5.01 1.96 -3.12
CA ALA A 60 -3.69 1.44 -3.50
C ALA A 60 -3.57 1.42 -5.02
N THR A 61 -4.65 0.98 -5.65
CA THR A 61 -4.69 0.89 -7.11
C THR A 61 -4.46 2.27 -7.72
N ASP A 62 -4.78 3.30 -6.95
CA ASP A 62 -4.62 4.66 -7.41
C ASP A 62 -3.19 5.13 -7.14
N TRP A 63 -2.77 4.92 -5.90
CA TRP A 63 -1.42 5.31 -5.49
C TRP A 63 -0.45 4.83 -6.57
N VAL A 64 -0.69 3.62 -7.04
CA VAL A 64 0.16 3.03 -8.08
C VAL A 64 0.28 4.02 -9.24
N PHE A 65 -0.86 4.45 -9.73
CA PHE A 65 -0.89 5.39 -10.84
C PHE A 65 -0.63 6.82 -10.35
N ASN A 66 -0.68 6.99 -9.04
CA ASN A 66 -0.46 8.29 -8.45
C ASN A 66 0.92 8.30 -7.77
N ASN A 67 1.17 9.38 -7.03
CA ASN A 67 2.44 9.53 -6.34
C ASN A 67 3.59 9.35 -7.34
N SER A 68 4.00 10.48 -7.91
CA SER A 68 5.08 10.47 -8.88
C SER A 68 5.75 11.84 -8.94
N GLY A 69 7.08 11.82 -8.90
CA GLY A 69 7.85 13.05 -8.95
C GLY A 69 8.33 13.34 -10.37
N PRO A 70 9.42 14.15 -10.45
CA PRO A 70 9.99 14.52 -11.74
C PRO A 70 10.77 13.35 -12.33
N SER A 71 10.33 12.90 -13.49
CA SER A 71 10.98 11.80 -14.18
C SER A 71 10.77 10.50 -13.39
N SER A 72 10.73 9.40 -14.13
CA SER A 72 10.54 8.10 -13.52
C SER A 72 11.49 7.09 -14.15
N GLY A 73 12.43 6.61 -13.32
CA GLY A 73 13.40 5.64 -13.78
C GLY A 73 14.54 5.51 -12.78
N GLY A 1 -6.59 39.05 6.01
CA GLY A 1 -7.27 38.62 7.21
C GLY A 1 -6.53 37.46 7.88
N SER A 2 -7.20 36.31 7.93
CA SER A 2 -6.62 35.13 8.54
C SER A 2 -5.97 34.27 7.46
N SER A 3 -6.71 34.05 6.38
CA SER A 3 -6.22 33.24 5.28
C SER A 3 -5.81 31.84 5.79
N GLY A 4 -4.55 31.73 6.15
CA GLY A 4 -4.02 30.47 6.65
C GLY A 4 -3.48 30.63 8.08
N SER A 5 -2.78 29.60 8.53
CA SER A 5 -2.20 29.61 9.86
C SER A 5 -0.68 29.47 9.78
N SER A 6 -0.26 28.38 9.15
CA SER A 6 1.16 28.11 8.99
C SER A 6 1.83 27.99 10.37
N GLY A 7 3.04 27.46 10.37
CA GLY A 7 3.80 27.30 11.59
C GLY A 7 3.74 25.84 12.07
N LEU A 8 2.92 25.62 13.09
CA LEU A 8 2.76 24.28 13.64
C LEU A 8 1.60 24.28 14.64
N LEU A 9 0.89 23.16 14.67
CA LEU A 9 -0.24 23.02 15.55
C LEU A 9 0.25 22.53 16.92
N SER A 10 -0.54 22.83 17.94
CA SER A 10 -0.20 22.43 19.29
C SER A 10 -0.49 20.94 19.49
N HIS A 11 0.57 20.16 19.50
CA HIS A 11 0.45 18.72 19.67
C HIS A 11 0.03 18.41 21.12
N MET A 12 -1.23 18.70 21.40
CA MET A 12 -1.77 18.46 22.74
C MET A 12 -2.21 17.01 22.90
N ASP A 13 -2.36 16.60 24.15
CA ASP A 13 -2.77 15.24 24.45
C ASP A 13 -4.23 15.05 24.00
N ASP A 14 -4.37 14.55 22.79
CA ASP A 14 -5.69 14.32 22.23
C ASP A 14 -6.39 13.21 23.03
N PRO A 15 -7.74 13.34 23.14
CA PRO A 15 -8.52 12.36 23.88
C PRO A 15 -8.69 11.07 23.07
N ASP A 16 -9.75 11.04 22.27
CA ASP A 16 -10.03 9.89 21.45
C ASP A 16 -10.15 10.33 19.98
N ILE A 17 -9.01 10.57 19.38
CA ILE A 17 -8.97 10.99 17.99
C ILE A 17 -8.28 9.92 17.15
N ASP A 18 -7.44 10.37 16.24
CA ASP A 18 -6.71 9.46 15.36
C ASP A 18 -5.33 9.17 15.96
N ALA A 19 -5.36 8.47 17.09
CA ALA A 19 -4.13 8.11 17.77
C ALA A 19 -3.44 9.39 18.26
N PRO A 20 -3.46 9.57 19.60
CA PRO A 20 -2.83 10.74 20.21
C PRO A 20 -1.31 10.61 20.20
N ILE A 21 -0.76 10.36 19.03
CA ILE A 21 0.67 10.22 18.88
C ILE A 21 1.14 9.01 19.70
N SER A 22 1.98 8.20 19.06
CA SER A 22 2.51 7.02 19.73
C SER A 22 3.51 6.31 18.80
N HIS A 23 2.97 5.74 17.74
CA HIS A 23 3.81 5.03 16.78
C HIS A 23 2.98 4.71 15.53
N GLN A 24 3.69 4.61 14.41
CA GLN A 24 3.04 4.31 13.15
C GLN A 24 3.34 2.87 12.71
N THR A 25 2.32 2.23 12.18
CA THR A 25 2.46 0.85 11.72
C THR A 25 1.73 0.65 10.39
N SER A 26 2.23 -0.31 9.62
CA SER A 26 1.64 -0.61 8.33
C SER A 26 0.69 -1.80 8.45
N ASP A 27 1.27 -2.96 8.72
CA ASP A 27 0.49 -4.18 8.87
C ASP A 27 -0.17 -4.51 7.53
N ILE A 28 0.41 -3.98 6.47
CA ILE A 28 -0.11 -4.21 5.14
C ILE A 28 -0.53 -5.68 5.02
N ASP A 29 -1.84 -5.89 5.11
CA ASP A 29 -2.39 -7.23 5.01
C ASP A 29 -1.71 -7.98 3.87
N GLN A 30 -1.30 -9.20 4.17
CA GLN A 30 -0.63 -10.03 3.17
C GLN A 30 -1.58 -10.34 2.02
N SER A 31 -2.83 -10.57 2.36
CA SER A 31 -3.85 -10.88 1.37
C SER A 31 -4.00 -9.70 0.39
N SER A 32 -3.85 -8.50 0.94
CA SER A 32 -3.97 -7.30 0.14
C SER A 32 -2.82 -7.23 -0.87
N VAL A 33 -1.60 -7.34 -0.35
CA VAL A 33 -0.42 -7.28 -1.19
C VAL A 33 -0.62 -8.19 -2.40
N ASP A 34 -1.27 -9.32 -2.16
CA ASP A 34 -1.53 -10.29 -3.22
C ASP A 34 -2.72 -9.81 -4.05
N THR A 35 -3.70 -9.24 -3.35
CA THR A 35 -4.90 -8.74 -4.01
C THR A 35 -4.51 -7.82 -5.18
N LEU A 36 -3.37 -7.17 -5.03
CA LEU A 36 -2.88 -6.26 -6.06
C LEU A 36 -2.00 -7.04 -7.03
N LEU A 37 -1.45 -8.14 -6.54
CA LEU A 37 -0.58 -8.97 -7.35
C LEU A 37 -1.38 -9.53 -8.54
N SER A 38 -2.62 -9.90 -8.25
CA SER A 38 -3.50 -10.44 -9.27
C SER A 38 -3.90 -9.34 -10.27
N PHE A 39 -4.18 -8.17 -9.72
CA PHE A 39 -4.57 -7.04 -10.53
C PHE A 39 -3.56 -6.80 -11.66
N GLY A 40 -2.29 -6.79 -11.28
CA GLY A 40 -1.23 -6.58 -12.25
C GLY A 40 -0.22 -5.55 -11.73
N PHE A 41 0.35 -5.85 -10.58
CA PHE A 41 1.33 -4.96 -9.97
C PHE A 41 2.42 -5.75 -9.25
N ALA A 42 3.56 -5.10 -9.06
CA ALA A 42 4.69 -5.73 -8.40
C ALA A 42 4.37 -5.86 -6.91
N GLU A 43 4.98 -6.88 -6.30
CA GLU A 43 4.79 -7.13 -4.89
C GLU A 43 5.24 -5.92 -4.06
N ASP A 44 6.24 -5.22 -4.58
CA ASP A 44 6.77 -4.05 -3.91
C ASP A 44 5.75 -2.92 -3.99
N VAL A 45 5.33 -2.63 -5.22
CA VAL A 45 4.35 -1.58 -5.45
C VAL A 45 3.07 -1.90 -4.68
N ALA A 46 2.74 -3.19 -4.65
CA ALA A 46 1.55 -3.64 -3.96
C ALA A 46 1.64 -3.27 -2.48
N ARG A 47 2.87 -3.25 -1.99
CA ARG A 47 3.12 -2.92 -0.59
C ARG A 47 3.29 -1.41 -0.44
N LYS A 48 3.72 -0.77 -1.52
CA LYS A 48 3.93 0.67 -1.51
C LYS A 48 2.57 1.38 -1.56
N ALA A 49 1.69 0.84 -2.39
CA ALA A 49 0.37 1.41 -2.55
C ALA A 49 -0.43 1.21 -1.25
N LEU A 50 -0.28 0.02 -0.68
CA LEU A 50 -0.96 -0.30 0.56
C LEU A 50 -0.28 0.42 1.73
N LYS A 51 1.00 0.71 1.52
CA LYS A 51 1.78 1.39 2.54
C LYS A 51 1.19 2.78 2.77
N ALA A 52 0.98 3.50 1.68
CA ALA A 52 0.43 4.84 1.75
C ALA A 52 -1.09 4.75 1.92
N SER A 53 -1.66 3.72 1.33
CA SER A 53 -3.10 3.51 1.41
C SER A 53 -3.41 2.51 2.52
N GLY A 54 -3.73 3.04 3.70
CA GLY A 54 -4.05 2.20 4.84
C GLY A 54 -4.98 1.05 4.43
N GLY A 55 -4.37 -0.08 4.14
CA GLY A 55 -5.12 -1.25 3.73
C GLY A 55 -6.31 -0.87 2.86
N ASP A 56 -6.09 0.15 2.03
CA ASP A 56 -7.13 0.63 1.14
C ASP A 56 -6.76 0.28 -0.30
N ILE A 57 -7.30 -0.84 -0.77
CA ILE A 57 -7.02 -1.30 -2.12
C ILE A 57 -7.44 -0.20 -3.11
N GLU A 58 -8.66 0.30 -2.92
CA GLU A 58 -9.18 1.34 -3.78
C GLU A 58 -8.16 2.45 -3.96
N LYS A 59 -7.44 2.74 -2.88
CA LYS A 59 -6.42 3.76 -2.91
C LYS A 59 -5.10 3.17 -3.40
N ALA A 60 -4.93 1.89 -3.12
CA ALA A 60 -3.72 1.19 -3.54
C ALA A 60 -3.70 1.08 -5.06
N THR A 61 -4.87 0.80 -5.62
CA THR A 61 -5.00 0.66 -7.06
C THR A 61 -4.77 2.02 -7.75
N ASP A 62 -4.96 3.08 -6.97
CA ASP A 62 -4.77 4.42 -7.48
C ASP A 62 -3.33 4.87 -7.24
N TRP A 63 -2.89 4.68 -6.01
CA TRP A 63 -1.54 5.06 -5.63
C TRP A 63 -0.60 4.61 -6.74
N VAL A 64 -0.72 3.33 -7.10
CA VAL A 64 0.11 2.75 -8.14
C VAL A 64 0.24 3.75 -9.29
N PHE A 65 -0.89 4.32 -9.67
CA PHE A 65 -0.92 5.28 -10.76
C PHE A 65 -0.52 6.67 -10.26
N ASN A 66 -1.13 7.06 -9.15
CA ASN A 66 -0.85 8.36 -8.56
C ASN A 66 0.62 8.43 -8.14
N ASN A 67 1.47 8.69 -9.12
CA ASN A 67 2.90 8.78 -8.88
C ASN A 67 3.55 9.63 -9.97
N SER A 68 4.64 10.29 -9.59
CA SER A 68 5.35 11.14 -10.53
C SER A 68 6.86 11.01 -10.29
N GLY A 69 7.55 10.50 -11.29
CA GLY A 69 8.99 10.32 -11.20
C GLY A 69 9.49 9.32 -12.26
N PRO A 70 10.80 9.44 -12.58
CA PRO A 70 11.41 8.56 -13.56
C PRO A 70 11.64 7.16 -12.98
N SER A 71 10.64 6.31 -13.16
CA SER A 71 10.73 4.95 -12.66
C SER A 71 9.81 4.03 -13.48
N SER A 72 10.42 3.04 -14.11
CA SER A 72 9.67 2.10 -14.91
C SER A 72 8.83 2.85 -15.94
N GLY A 73 9.45 3.16 -17.07
CA GLY A 73 8.77 3.88 -18.13
C GLY A 73 9.21 3.36 -19.50
N GLY A 1 4.80 47.20 -13.91
CA GLY A 1 5.96 46.32 -13.86
C GLY A 1 5.66 44.96 -14.47
N SER A 2 6.69 44.14 -14.55
CA SER A 2 6.53 42.80 -15.12
C SER A 2 7.77 41.96 -14.80
N SER A 3 7.53 40.85 -14.11
CA SER A 3 8.61 39.95 -13.73
C SER A 3 8.03 38.63 -13.20
N GLY A 4 8.63 37.54 -13.65
CA GLY A 4 8.18 36.22 -13.23
C GLY A 4 9.28 35.18 -13.47
N SER A 5 9.87 34.72 -12.37
CA SER A 5 10.92 33.73 -12.45
C SER A 5 10.32 32.36 -12.80
N SER A 6 11.21 31.46 -13.21
CA SER A 6 10.78 30.12 -13.58
C SER A 6 11.15 29.14 -12.47
N GLY A 7 12.45 29.07 -12.18
CA GLY A 7 12.94 28.18 -11.14
C GLY A 7 14.40 27.81 -11.39
N LEU A 8 14.64 26.52 -11.52
CA LEU A 8 15.98 26.02 -11.76
C LEU A 8 15.92 24.53 -12.10
N LEU A 9 16.87 24.10 -12.92
CA LEU A 9 16.93 22.70 -13.33
C LEU A 9 18.19 22.06 -12.76
N SER A 10 17.97 21.15 -11.82
CA SER A 10 19.09 20.46 -11.18
C SER A 10 18.61 19.14 -10.58
N HIS A 11 18.85 18.07 -11.33
CA HIS A 11 18.46 16.75 -10.89
C HIS A 11 19.57 15.74 -11.21
N MET A 12 19.91 14.95 -10.21
CA MET A 12 20.95 13.94 -10.37
C MET A 12 20.81 12.84 -9.32
N ASP A 13 20.76 13.25 -8.07
CA ASP A 13 20.63 12.32 -6.97
C ASP A 13 20.58 13.08 -5.65
N ASP A 14 19.41 13.04 -5.02
CA ASP A 14 19.21 13.72 -3.76
C ASP A 14 20.20 13.17 -2.73
N PRO A 15 20.38 13.94 -1.62
CA PRO A 15 21.28 13.55 -0.56
C PRO A 15 20.67 12.42 0.28
N ASP A 16 19.47 12.04 -0.08
CA ASP A 16 18.77 10.98 0.63
C ASP A 16 17.45 10.68 -0.08
N ILE A 17 17.35 9.45 -0.58
CA ILE A 17 16.15 9.02 -1.29
C ILE A 17 15.48 7.89 -0.50
N ASP A 18 15.02 6.90 -1.24
CA ASP A 18 14.36 5.76 -0.62
C ASP A 18 13.46 6.25 0.52
N ALA A 19 12.22 6.56 0.15
CA ALA A 19 11.25 7.05 1.13
C ALA A 19 11.74 8.37 1.70
N PRO A 20 11.09 9.47 1.25
CA PRO A 20 11.46 10.80 1.71
C PRO A 20 10.92 11.05 3.12
N ILE A 21 11.27 10.13 4.02
CA ILE A 21 10.85 10.24 5.40
C ILE A 21 9.32 10.19 5.47
N SER A 22 8.83 9.33 6.36
CA SER A 22 7.39 9.18 6.52
C SER A 22 7.07 8.82 7.97
N HIS A 23 7.54 7.65 8.38
CA HIS A 23 7.32 7.19 9.74
C HIS A 23 5.82 7.12 10.01
N GLN A 24 5.21 6.03 9.57
CA GLN A 24 3.78 5.82 9.75
C GLN A 24 3.49 4.35 10.02
N THR A 25 2.50 4.13 10.87
CA THR A 25 2.10 2.77 11.22
C THR A 25 2.11 1.88 9.97
N SER A 26 2.65 0.68 10.15
CA SER A 26 2.73 -0.28 9.06
C SER A 26 1.91 -1.53 9.41
N ASP A 27 0.86 -1.74 8.63
CA ASP A 27 0.00 -2.89 8.84
C ASP A 27 -0.40 -3.49 7.48
N ILE A 28 0.40 -3.14 6.47
CA ILE A 28 0.14 -3.62 5.12
C ILE A 28 -0.24 -5.10 5.19
N ASP A 29 -1.54 -5.35 5.04
CA ASP A 29 -2.06 -6.71 5.08
C ASP A 29 -1.37 -7.54 3.98
N GLN A 30 -1.22 -8.83 4.25
CA GLN A 30 -0.60 -9.72 3.30
C GLN A 30 -1.56 -10.04 2.15
N SER A 31 -2.80 -10.33 2.53
CA SER A 31 -3.82 -10.65 1.54
C SER A 31 -3.98 -9.48 0.56
N SER A 32 -3.82 -8.28 1.09
CA SER A 32 -3.95 -7.08 0.29
C SER A 32 -2.83 -7.03 -0.75
N VAL A 33 -1.62 -7.15 -0.27
CA VAL A 33 -0.44 -7.13 -1.14
C VAL A 33 -0.66 -8.10 -2.30
N ASP A 34 -1.33 -9.20 -2.00
CA ASP A 34 -1.62 -10.20 -3.00
C ASP A 34 -2.79 -9.74 -3.87
N THR A 35 -3.69 -9.00 -3.25
CA THR A 35 -4.86 -8.48 -3.95
C THR A 35 -4.43 -7.60 -5.12
N LEU A 36 -3.23 -7.04 -4.99
CA LEU A 36 -2.69 -6.17 -6.01
C LEU A 36 -1.77 -6.96 -6.93
N LEU A 37 -1.41 -8.15 -6.46
CA LEU A 37 -0.54 -9.03 -7.22
C LEU A 37 -1.29 -9.54 -8.45
N SER A 38 -2.56 -9.88 -8.23
CA SER A 38 -3.40 -10.38 -9.31
C SER A 38 -3.81 -9.23 -10.22
N PHE A 39 -4.32 -8.17 -9.61
CA PHE A 39 -4.76 -7.02 -10.36
C PHE A 39 -3.79 -6.70 -11.51
N GLY A 40 -2.53 -6.54 -11.14
CA GLY A 40 -1.51 -6.25 -12.13
C GLY A 40 -0.46 -5.28 -11.56
N PHE A 41 0.11 -5.68 -10.42
CA PHE A 41 1.11 -4.87 -9.78
C PHE A 41 2.15 -5.75 -9.07
N ALA A 42 3.37 -5.23 -9.01
CA ALA A 42 4.46 -5.96 -8.37
C ALA A 42 4.20 -6.01 -6.86
N GLU A 43 4.73 -7.07 -6.24
CA GLU A 43 4.57 -7.24 -4.81
C GLU A 43 5.11 -6.03 -4.05
N ASP A 44 6.15 -5.44 -4.62
CA ASP A 44 6.77 -4.27 -4.02
C ASP A 44 5.80 -3.09 -4.08
N VAL A 45 5.32 -2.82 -5.29
CA VAL A 45 4.39 -1.72 -5.49
C VAL A 45 3.13 -1.98 -4.66
N ALA A 46 2.78 -3.25 -4.55
CA ALA A 46 1.60 -3.64 -3.79
C ALA A 46 1.76 -3.19 -2.34
N ARG A 47 2.98 -3.32 -1.85
CA ARG A 47 3.28 -2.95 -0.48
C ARG A 47 3.47 -1.42 -0.38
N LYS A 48 3.75 -0.83 -1.52
CA LYS A 48 3.96 0.61 -1.58
C LYS A 48 2.60 1.32 -1.63
N ALA A 49 1.70 0.72 -2.40
CA ALA A 49 0.36 1.28 -2.55
C ALA A 49 -0.40 1.10 -1.24
N LEU A 50 -0.20 -0.05 -0.62
CA LEU A 50 -0.86 -0.35 0.64
C LEU A 50 -0.07 0.27 1.79
N LYS A 51 1.00 0.96 1.43
CA LYS A 51 1.85 1.60 2.42
C LYS A 51 1.30 3.00 2.72
N ALA A 52 0.77 3.64 1.68
CA ALA A 52 0.21 4.97 1.83
C ALA A 52 -1.31 4.87 1.97
N SER A 53 -1.87 3.95 1.19
CA SER A 53 -3.32 3.74 1.22
C SER A 53 -3.73 3.11 2.55
N GLY A 54 -3.00 2.08 2.94
CA GLY A 54 -3.28 1.39 4.19
C GLY A 54 -4.42 0.38 4.00
N GLY A 55 -4.04 -0.81 3.55
CA GLY A 55 -5.00 -1.87 3.34
C GLY A 55 -5.90 -1.56 2.14
N ASP A 56 -6.59 -0.43 2.24
CA ASP A 56 -7.49 0.00 1.18
C ASP A 56 -6.84 -0.28 -0.17
N ILE A 57 -7.54 -1.04 -0.99
CA ILE A 57 -7.05 -1.39 -2.31
C ILE A 57 -7.44 -0.30 -3.30
N GLU A 58 -8.72 0.02 -3.30
CA GLU A 58 -9.25 1.05 -4.19
C GLU A 58 -8.28 2.24 -4.25
N LYS A 59 -7.67 2.51 -3.12
CA LYS A 59 -6.72 3.61 -3.03
C LYS A 59 -5.35 3.15 -3.52
N ALA A 60 -4.99 1.94 -3.10
CA ALA A 60 -3.71 1.36 -3.50
C ALA A 60 -3.62 1.30 -5.02
N THR A 61 -4.75 0.94 -5.63
CA THR A 61 -4.82 0.84 -7.08
C THR A 61 -4.55 2.19 -7.72
N ASP A 62 -4.94 3.25 -7.02
CA ASP A 62 -4.74 4.60 -7.50
C ASP A 62 -3.31 5.03 -7.22
N TRP A 63 -2.85 4.70 -6.02
CA TRP A 63 -1.49 5.05 -5.61
C TRP A 63 -0.53 4.59 -6.71
N VAL A 64 -0.70 3.34 -7.11
CA VAL A 64 0.15 2.76 -8.14
C VAL A 64 0.28 3.76 -9.29
N PHE A 65 -0.78 4.52 -9.50
CA PHE A 65 -0.79 5.52 -10.56
C PHE A 65 -0.34 6.89 -10.03
N ASN A 66 -1.08 7.37 -9.05
CA ASN A 66 -0.79 8.66 -8.45
C ASN A 66 0.73 8.78 -8.26
N ASN A 67 1.28 7.79 -7.57
CA ASN A 67 2.72 7.78 -7.31
C ASN A 67 3.46 7.40 -8.58
N SER A 68 4.11 8.40 -9.17
CA SER A 68 4.86 8.18 -10.39
C SER A 68 6.25 8.82 -10.27
N GLY A 69 7.26 8.00 -10.51
CA GLY A 69 8.63 8.47 -10.43
C GLY A 69 9.03 8.78 -8.98
N PRO A 70 10.36 8.89 -8.77
CA PRO A 70 10.88 9.19 -7.44
C PRO A 70 10.66 10.66 -7.08
N SER A 71 10.17 10.88 -5.87
CA SER A 71 9.91 12.22 -5.40
C SER A 71 11.23 12.98 -5.24
N SER A 72 11.19 14.26 -5.60
CA SER A 72 12.37 15.11 -5.50
C SER A 72 12.04 16.37 -4.71
N GLY A 73 13.10 17.09 -4.35
CA GLY A 73 12.94 18.32 -3.60
C GLY A 73 13.19 18.09 -2.11
#